data_1B1B
# 
_entry.id   1B1B 
# 
_audit_conform.dict_name       mmcif_pdbx.dic 
_audit_conform.dict_version    5.383 
_audit_conform.dict_location   http://mmcif.pdb.org/dictionaries/ascii/mmcif_pdbx.dic 
# 
loop_
_database_2.database_id 
_database_2.database_code 
_database_2.pdbx_database_accession 
_database_2.pdbx_DOI 
PDB   1B1B         pdb_00001b1b 10.2210/pdb1b1b/pdb 
RCSB  RCSB000112   ?            ?                   
WWPDB D_1000000112 ?            ?                   
# 
loop_
_pdbx_audit_revision_history.ordinal 
_pdbx_audit_revision_history.data_content_type 
_pdbx_audit_revision_history.major_revision 
_pdbx_audit_revision_history.minor_revision 
_pdbx_audit_revision_history.revision_date 
1 'Structure model' 1 0 1999-12-03 
2 'Structure model' 1 1 2008-04-26 
3 'Structure model' 1 2 2011-07-13 
4 'Structure model' 1 3 2023-12-27 
# 
_pdbx_audit_revision_details.ordinal             1 
_pdbx_audit_revision_details.revision_ordinal    1 
_pdbx_audit_revision_details.data_content_type   'Structure model' 
_pdbx_audit_revision_details.provider            repository 
_pdbx_audit_revision_details.type                'Initial release' 
_pdbx_audit_revision_details.description         ? 
_pdbx_audit_revision_details.details             ? 
# 
loop_
_pdbx_audit_revision_group.ordinal 
_pdbx_audit_revision_group.revision_ordinal 
_pdbx_audit_revision_group.data_content_type 
_pdbx_audit_revision_group.group 
1 2 'Structure model' 'Version format compliance' 
2 3 'Structure model' 'Version format compliance' 
3 4 'Structure model' 'Data collection'           
4 4 'Structure model' 'Database references'       
5 4 'Structure model' 'Derived calculations'      
# 
loop_
_pdbx_audit_revision_category.ordinal 
_pdbx_audit_revision_category.revision_ordinal 
_pdbx_audit_revision_category.data_content_type 
_pdbx_audit_revision_category.category 
1 4 'Structure model' chem_comp_atom         
2 4 'Structure model' chem_comp_bond         
3 4 'Structure model' database_2             
4 4 'Structure model' pdbx_struct_conn_angle 
5 4 'Structure model' struct_conn            
6 4 'Structure model' struct_site            
# 
loop_
_pdbx_audit_revision_item.ordinal 
_pdbx_audit_revision_item.revision_ordinal 
_pdbx_audit_revision_item.data_content_type 
_pdbx_audit_revision_item.item 
1  4 'Structure model' '_database_2.pdbx_DOI'                        
2  4 'Structure model' '_database_2.pdbx_database_accession'         
3  4 'Structure model' '_pdbx_struct_conn_angle.ptnr1_auth_comp_id'  
4  4 'Structure model' '_pdbx_struct_conn_angle.ptnr1_auth_seq_id'   
5  4 'Structure model' '_pdbx_struct_conn_angle.ptnr1_label_atom_id' 
6  4 'Structure model' '_pdbx_struct_conn_angle.ptnr1_label_comp_id' 
7  4 'Structure model' '_pdbx_struct_conn_angle.ptnr1_label_seq_id'  
8  4 'Structure model' '_pdbx_struct_conn_angle.ptnr2_auth_seq_id'   
9  4 'Structure model' '_pdbx_struct_conn_angle.ptnr2_label_asym_id' 
10 4 'Structure model' '_pdbx_struct_conn_angle.ptnr3_auth_comp_id'  
11 4 'Structure model' '_pdbx_struct_conn_angle.ptnr3_auth_seq_id'   
12 4 'Structure model' '_pdbx_struct_conn_angle.ptnr3_label_atom_id' 
13 4 'Structure model' '_pdbx_struct_conn_angle.ptnr3_label_comp_id' 
14 4 'Structure model' '_pdbx_struct_conn_angle.ptnr3_label_seq_id'  
15 4 'Structure model' '_pdbx_struct_conn_angle.value'               
16 4 'Structure model' '_struct_conn.pdbx_dist_value'                
17 4 'Structure model' '_struct_conn.ptnr1_auth_comp_id'             
18 4 'Structure model' '_struct_conn.ptnr1_auth_seq_id'              
19 4 'Structure model' '_struct_conn.ptnr1_label_asym_id'            
20 4 'Structure model' '_struct_conn.ptnr1_label_atom_id'            
21 4 'Structure model' '_struct_conn.ptnr1_label_comp_id'            
22 4 'Structure model' '_struct_conn.ptnr1_label_seq_id'             
23 4 'Structure model' '_struct_conn.ptnr2_auth_comp_id'             
24 4 'Structure model' '_struct_conn.ptnr2_auth_seq_id'              
25 4 'Structure model' '_struct_conn.ptnr2_label_asym_id'            
26 4 'Structure model' '_struct_conn.ptnr2_label_atom_id'            
27 4 'Structure model' '_struct_conn.ptnr2_label_comp_id'            
28 4 'Structure model' '_struct_conn.ptnr2_label_seq_id'             
29 4 'Structure model' '_struct_site.pdbx_auth_asym_id'              
30 4 'Structure model' '_struct_site.pdbx_auth_comp_id'              
31 4 'Structure model' '_struct_site.pdbx_auth_seq_id'               
# 
_pdbx_database_status.status_code                     REL 
_pdbx_database_status.entry_id                        1B1B 
_pdbx_database_status.recvd_initial_deposition_date   1998-11-19 
_pdbx_database_status.deposit_site                    BNL 
_pdbx_database_status.process_site                    RCSB 
_pdbx_database_status.status_code_sf                  REL 
_pdbx_database_status.SG_entry                        . 
_pdbx_database_status.pdb_format_compatible           Y 
_pdbx_database_status.status_code_mr                  ? 
_pdbx_database_status.status_code_cs                  ? 
_pdbx_database_status.status_code_nmr_data            ? 
_pdbx_database_status.methods_development_category    ? 
# 
loop_
_audit_author.name 
_audit_author.pdbx_ordinal 
'Pohl, E.'     1 
'Holmes, R.K.' 2 
'Hol, W.G.'    3 
# 
_citation.id                        primary 
_citation.title                     
;Crystal structure of the iron-dependent regulator (IdeR) from Mycobacterium tuberculosis shows both metal binding sites fully occupied.
;
_citation.journal_abbrev            J.Mol.Biol. 
_citation.journal_volume            285 
_citation.page_first                1145 
_citation.page_last                 1156 
_citation.year                      1999 
_citation.journal_id_ASTM           JMOBAK 
_citation.country                   UK 
_citation.journal_id_ISSN           0022-2836 
_citation.journal_id_CSD            0070 
_citation.book_publisher            ? 
_citation.pdbx_database_id_PubMed   9887269 
_citation.pdbx_database_id_DOI      10.1006/jmbi.1998.2339 
# 
loop_
_citation_author.citation_id 
_citation_author.name 
_citation_author.ordinal 
_citation_author.identifier_ORCID 
primary 'Pohl, E.'     1 ? 
primary 'Holmes, R.K.' 2 ? 
primary 'Hol, W.G.'    3 ? 
# 
loop_
_entity.id 
_entity.type 
_entity.src_method 
_entity.pdbx_description 
_entity.formula_weight 
_entity.pdbx_number_of_molecules 
_entity.pdbx_ec 
_entity.pdbx_mutation 
_entity.pdbx_fragment 
_entity.details 
1 polymer     man 'PROTEIN (IRON DEPENDENT REGULATOR)' 15902.218 1  ? ? ? ? 
2 non-polymer syn 'ZINC ION'                           65.409    2  ? ? ? ? 
3 non-polymer syn 'SULFATE ION'                        96.063    1  ? ? ? ? 
4 water       nat water                                18.015    88 ? ? ? ? 
# 
_entity_name_com.entity_id   1 
_entity_name_com.name        IDER 
# 
_entity_poly.entity_id                      1 
_entity_poly.type                           'polypeptide(L)' 
_entity_poly.nstd_linkage                   no 
_entity_poly.nstd_monomer                   no 
_entity_poly.pdbx_seq_one_letter_code       
;MNELVDTTEMYLRTIYDLEEEGVTPLRARIAERLDQSGPTVSQTVSRMERDGLLRVAGDRHLELTEKGRALAIAVMRKHR
LAERLLVDVIGLPWEEVHAEACRWEHVMSEDVERRLVKVLNNPTTSPFGNPIPGLVELGV
;
_entity_poly.pdbx_seq_one_letter_code_can   
;MNELVDTTEMYLRTIYDLEEEGVTPLRARIAERLDQSGPTVSQTVSRMERDGLLRVAGDRHLELTEKGRALAIAVMRKHR
LAERLLVDVIGLPWEEVHAEACRWEHVMSEDVERRLVKVLNNPTTSPFGNPIPGLVELGV
;
_entity_poly.pdbx_strand_id                 A 
_entity_poly.pdbx_target_identifier         ? 
# 
loop_
_pdbx_entity_nonpoly.entity_id 
_pdbx_entity_nonpoly.name 
_pdbx_entity_nonpoly.comp_id 
2 'ZINC ION'    ZN  
3 'SULFATE ION' SO4 
4 water         HOH 
# 
loop_
_entity_poly_seq.entity_id 
_entity_poly_seq.num 
_entity_poly_seq.mon_id 
_entity_poly_seq.hetero 
1 1   MET n 
1 2   ASN n 
1 3   GLU n 
1 4   LEU n 
1 5   VAL n 
1 6   ASP n 
1 7   THR n 
1 8   THR n 
1 9   GLU n 
1 10  MET n 
1 11  TYR n 
1 12  LEU n 
1 13  ARG n 
1 14  THR n 
1 15  ILE n 
1 16  TYR n 
1 17  ASP n 
1 18  LEU n 
1 19  GLU n 
1 20  GLU n 
1 21  GLU n 
1 22  GLY n 
1 23  VAL n 
1 24  THR n 
1 25  PRO n 
1 26  LEU n 
1 27  ARG n 
1 28  ALA n 
1 29  ARG n 
1 30  ILE n 
1 31  ALA n 
1 32  GLU n 
1 33  ARG n 
1 34  LEU n 
1 35  ASP n 
1 36  GLN n 
1 37  SER n 
1 38  GLY n 
1 39  PRO n 
1 40  THR n 
1 41  VAL n 
1 42  SER n 
1 43  GLN n 
1 44  THR n 
1 45  VAL n 
1 46  SER n 
1 47  ARG n 
1 48  MET n 
1 49  GLU n 
1 50  ARG n 
1 51  ASP n 
1 52  GLY n 
1 53  LEU n 
1 54  LEU n 
1 55  ARG n 
1 56  VAL n 
1 57  ALA n 
1 58  GLY n 
1 59  ASP n 
1 60  ARG n 
1 61  HIS n 
1 62  LEU n 
1 63  GLU n 
1 64  LEU n 
1 65  THR n 
1 66  GLU n 
1 67  LYS n 
1 68  GLY n 
1 69  ARG n 
1 70  ALA n 
1 71  LEU n 
1 72  ALA n 
1 73  ILE n 
1 74  ALA n 
1 75  VAL n 
1 76  MET n 
1 77  ARG n 
1 78  LYS n 
1 79  HIS n 
1 80  ARG n 
1 81  LEU n 
1 82  ALA n 
1 83  GLU n 
1 84  ARG n 
1 85  LEU n 
1 86  LEU n 
1 87  VAL n 
1 88  ASP n 
1 89  VAL n 
1 90  ILE n 
1 91  GLY n 
1 92  LEU n 
1 93  PRO n 
1 94  TRP n 
1 95  GLU n 
1 96  GLU n 
1 97  VAL n 
1 98  HIS n 
1 99  ALA n 
1 100 GLU n 
1 101 ALA n 
1 102 CYS n 
1 103 ARG n 
1 104 TRP n 
1 105 GLU n 
1 106 HIS n 
1 107 VAL n 
1 108 MET n 
1 109 SER n 
1 110 GLU n 
1 111 ASP n 
1 112 VAL n 
1 113 GLU n 
1 114 ARG n 
1 115 ARG n 
1 116 LEU n 
1 117 VAL n 
1 118 LYS n 
1 119 VAL n 
1 120 LEU n 
1 121 ASN n 
1 122 ASN n 
1 123 PRO n 
1 124 THR n 
1 125 THR n 
1 126 SER n 
1 127 PRO n 
1 128 PHE n 
1 129 GLY n 
1 130 ASN n 
1 131 PRO n 
1 132 ILE n 
1 133 PRO n 
1 134 GLY n 
1 135 LEU n 
1 136 VAL n 
1 137 GLU n 
1 138 LEU n 
1 139 GLY n 
1 140 VAL n 
# 
_entity_src_gen.entity_id                          1 
_entity_src_gen.pdbx_src_id                        1 
_entity_src_gen.pdbx_alt_source_flag               sample 
_entity_src_gen.pdbx_seq_type                      ? 
_entity_src_gen.pdbx_beg_seq_num                   ? 
_entity_src_gen.pdbx_end_seq_num                   ? 
_entity_src_gen.gene_src_common_name               ? 
_entity_src_gen.gene_src_genus                     Mycobacterium 
_entity_src_gen.pdbx_gene_src_gene                 ? 
_entity_src_gen.gene_src_species                   ? 
_entity_src_gen.gene_src_strain                    ? 
_entity_src_gen.gene_src_tissue                    ? 
_entity_src_gen.gene_src_tissue_fraction           ? 
_entity_src_gen.gene_src_details                   ? 
_entity_src_gen.pdbx_gene_src_fragment             ? 
_entity_src_gen.pdbx_gene_src_scientific_name      'Mycobacterium tuberculosis' 
_entity_src_gen.pdbx_gene_src_ncbi_taxonomy_id     1773 
_entity_src_gen.pdbx_gene_src_variant              ? 
_entity_src_gen.pdbx_gene_src_cell_line            ? 
_entity_src_gen.pdbx_gene_src_atcc                 ? 
_entity_src_gen.pdbx_gene_src_organ                ? 
_entity_src_gen.pdbx_gene_src_organelle            ? 
_entity_src_gen.pdbx_gene_src_cell                 ? 
_entity_src_gen.pdbx_gene_src_cellular_location    ? 
_entity_src_gen.host_org_common_name               ? 
_entity_src_gen.pdbx_host_org_scientific_name      'Escherichia coli' 
_entity_src_gen.pdbx_host_org_ncbi_taxonomy_id     562 
_entity_src_gen.host_org_genus                     Escherichia 
_entity_src_gen.pdbx_host_org_gene                 ? 
_entity_src_gen.pdbx_host_org_organ                ? 
_entity_src_gen.host_org_species                   ? 
_entity_src_gen.pdbx_host_org_tissue               ? 
_entity_src_gen.pdbx_host_org_tissue_fraction      ? 
_entity_src_gen.pdbx_host_org_strain               DH5-ALPHA 
_entity_src_gen.pdbx_host_org_variant              ? 
_entity_src_gen.pdbx_host_org_cell_line            ? 
_entity_src_gen.pdbx_host_org_atcc                 ? 
_entity_src_gen.pdbx_host_org_culture_collection   ? 
_entity_src_gen.pdbx_host_org_cell                 ? 
_entity_src_gen.pdbx_host_org_organelle            ? 
_entity_src_gen.pdbx_host_org_cellular_location    ? 
_entity_src_gen.pdbx_host_org_vector_type          ? 
_entity_src_gen.pdbx_host_org_vector               ? 
_entity_src_gen.host_org_details                   ? 
_entity_src_gen.expression_system_id               ? 
_entity_src_gen.plasmid_name                       PMTBKS 
_entity_src_gen.plasmid_details                    ? 
_entity_src_gen.pdbx_description                   ? 
# 
loop_
_chem_comp.id 
_chem_comp.type 
_chem_comp.mon_nstd_flag 
_chem_comp.name 
_chem_comp.pdbx_synonyms 
_chem_comp.formula 
_chem_comp.formula_weight 
ALA 'L-peptide linking' y ALANINE         ? 'C3 H7 N O2'     89.093  
ARG 'L-peptide linking' y ARGININE        ? 'C6 H15 N4 O2 1' 175.209 
ASN 'L-peptide linking' y ASPARAGINE      ? 'C4 H8 N2 O3'    132.118 
ASP 'L-peptide linking' y 'ASPARTIC ACID' ? 'C4 H7 N O4'     133.103 
CYS 'L-peptide linking' y CYSTEINE        ? 'C3 H7 N O2 S'   121.158 
GLN 'L-peptide linking' y GLUTAMINE       ? 'C5 H10 N2 O3'   146.144 
GLU 'L-peptide linking' y 'GLUTAMIC ACID' ? 'C5 H9 N O4'     147.129 
GLY 'peptide linking'   y GLYCINE         ? 'C2 H5 N O2'     75.067  
HIS 'L-peptide linking' y HISTIDINE       ? 'C6 H10 N3 O2 1' 156.162 
HOH non-polymer         . WATER           ? 'H2 O'           18.015  
ILE 'L-peptide linking' y ISOLEUCINE      ? 'C6 H13 N O2'    131.173 
LEU 'L-peptide linking' y LEUCINE         ? 'C6 H13 N O2'    131.173 
LYS 'L-peptide linking' y LYSINE          ? 'C6 H15 N2 O2 1' 147.195 
MET 'L-peptide linking' y METHIONINE      ? 'C5 H11 N O2 S'  149.211 
PHE 'L-peptide linking' y PHENYLALANINE   ? 'C9 H11 N O2'    165.189 
PRO 'L-peptide linking' y PROLINE         ? 'C5 H9 N O2'     115.130 
SER 'L-peptide linking' y SERINE          ? 'C3 H7 N O3'     105.093 
SO4 non-polymer         . 'SULFATE ION'   ? 'O4 S -2'        96.063  
THR 'L-peptide linking' y THREONINE       ? 'C4 H9 N O3'     119.119 
TRP 'L-peptide linking' y TRYPTOPHAN      ? 'C11 H12 N2 O2'  204.225 
TYR 'L-peptide linking' y TYROSINE        ? 'C9 H11 N O3'    181.189 
VAL 'L-peptide linking' y VALINE          ? 'C5 H11 N O2'    117.146 
ZN  non-polymer         . 'ZINC ION'      ? 'Zn 2'           65.409  
# 
loop_
_pdbx_poly_seq_scheme.asym_id 
_pdbx_poly_seq_scheme.entity_id 
_pdbx_poly_seq_scheme.seq_id 
_pdbx_poly_seq_scheme.mon_id 
_pdbx_poly_seq_scheme.ndb_seq_num 
_pdbx_poly_seq_scheme.pdb_seq_num 
_pdbx_poly_seq_scheme.auth_seq_num 
_pdbx_poly_seq_scheme.pdb_mon_id 
_pdbx_poly_seq_scheme.auth_mon_id 
_pdbx_poly_seq_scheme.pdb_strand_id 
_pdbx_poly_seq_scheme.pdb_ins_code 
_pdbx_poly_seq_scheme.hetero 
A 1 1   MET 1   1   1   MET MET A . n 
A 1 2   ASN 2   2   2   ASN ASN A . n 
A 1 3   GLU 3   3   3   GLU GLU A . n 
A 1 4   LEU 4   4   4   LEU LEU A . n 
A 1 5   VAL 5   5   5   VAL VAL A . n 
A 1 6   ASP 6   6   6   ASP ASP A . n 
A 1 7   THR 7   7   7   THR THR A . n 
A 1 8   THR 8   8   8   THR THR A . n 
A 1 9   GLU 9   9   9   GLU GLU A . n 
A 1 10  MET 10  10  10  MET MET A . n 
A 1 11  TYR 11  11  11  TYR TYR A . n 
A 1 12  LEU 12  12  12  LEU LEU A . n 
A 1 13  ARG 13  13  13  ARG ARG A . n 
A 1 14  THR 14  14  14  THR THR A . n 
A 1 15  ILE 15  15  15  ILE ILE A . n 
A 1 16  TYR 16  16  16  TYR TYR A . n 
A 1 17  ASP 17  17  17  ASP ASP A . n 
A 1 18  LEU 18  18  18  LEU LEU A . n 
A 1 19  GLU 19  19  19  GLU GLU A . n 
A 1 20  GLU 20  20  20  GLU GLU A . n 
A 1 21  GLU 21  21  21  GLU GLU A . n 
A 1 22  GLY 22  22  22  GLY GLY A . n 
A 1 23  VAL 23  23  23  VAL VAL A . n 
A 1 24  THR 24  24  24  THR THR A . n 
A 1 25  PRO 25  25  25  PRO PRO A . n 
A 1 26  LEU 26  26  26  LEU LEU A . n 
A 1 27  ARG 27  27  27  ARG ARG A . n 
A 1 28  ALA 28  28  28  ALA ALA A . n 
A 1 29  ARG 29  29  29  ARG ARG A . n 
A 1 30  ILE 30  30  30  ILE ILE A . n 
A 1 31  ALA 31  31  31  ALA ALA A . n 
A 1 32  GLU 32  32  32  GLU GLU A . n 
A 1 33  ARG 33  33  33  ARG ARG A . n 
A 1 34  LEU 34  34  34  LEU LEU A . n 
A 1 35  ASP 35  35  35  ASP ASP A . n 
A 1 36  GLN 36  36  36  GLN GLN A . n 
A 1 37  SER 37  37  37  SER SER A . n 
A 1 38  GLY 38  38  38  GLY GLY A . n 
A 1 39  PRO 39  39  39  PRO PRO A . n 
A 1 40  THR 40  40  40  THR THR A . n 
A 1 41  VAL 41  41  41  VAL VAL A . n 
A 1 42  SER 42  42  42  SER SER A . n 
A 1 43  GLN 43  43  43  GLN GLN A . n 
A 1 44  THR 44  44  44  THR THR A . n 
A 1 45  VAL 45  45  45  VAL VAL A . n 
A 1 46  SER 46  46  46  SER SER A . n 
A 1 47  ARG 47  47  47  ARG ARG A . n 
A 1 48  MET 48  48  48  MET MET A . n 
A 1 49  GLU 49  49  49  GLU GLU A . n 
A 1 50  ARG 50  50  50  ARG ARG A . n 
A 1 51  ASP 51  51  51  ASP ASP A . n 
A 1 52  GLY 52  52  52  GLY GLY A . n 
A 1 53  LEU 53  53  53  LEU LEU A . n 
A 1 54  LEU 54  54  54  LEU LEU A . n 
A 1 55  ARG 55  55  55  ARG ARG A . n 
A 1 56  VAL 56  56  56  VAL VAL A . n 
A 1 57  ALA 57  57  57  ALA ALA A . n 
A 1 58  GLY 58  58  58  GLY GLY A . n 
A 1 59  ASP 59  59  59  ASP ASP A . n 
A 1 60  ARG 60  60  60  ARG ARG A . n 
A 1 61  HIS 61  61  61  HIS HIS A . n 
A 1 62  LEU 62  62  62  LEU LEU A . n 
A 1 63  GLU 63  63  63  GLU GLU A . n 
A 1 64  LEU 64  64  64  LEU LEU A . n 
A 1 65  THR 65  65  65  THR THR A . n 
A 1 66  GLU 66  66  66  GLU GLU A . n 
A 1 67  LYS 67  67  67  LYS LYS A . n 
A 1 68  GLY 68  68  68  GLY GLY A . n 
A 1 69  ARG 69  69  69  ARG ARG A . n 
A 1 70  ALA 70  70  70  ALA ALA A . n 
A 1 71  LEU 71  71  71  LEU LEU A . n 
A 1 72  ALA 72  72  72  ALA ALA A . n 
A 1 73  ILE 73  73  73  ILE ILE A . n 
A 1 74  ALA 74  74  74  ALA ALA A . n 
A 1 75  VAL 75  75  75  VAL VAL A . n 
A 1 76  MET 76  76  76  MET MET A . n 
A 1 77  ARG 77  77  77  ARG ARG A . n 
A 1 78  LYS 78  78  78  LYS LYS A . n 
A 1 79  HIS 79  79  79  HIS HIS A . n 
A 1 80  ARG 80  80  80  ARG ARG A . n 
A 1 81  LEU 81  81  81  LEU LEU A . n 
A 1 82  ALA 82  82  82  ALA ALA A . n 
A 1 83  GLU 83  83  83  GLU GLU A . n 
A 1 84  ARG 84  84  84  ARG ARG A . n 
A 1 85  LEU 85  85  85  LEU LEU A . n 
A 1 86  LEU 86  86  86  LEU LEU A . n 
A 1 87  VAL 87  87  87  VAL VAL A . n 
A 1 88  ASP 88  88  88  ASP ASP A . n 
A 1 89  VAL 89  89  89  VAL VAL A . n 
A 1 90  ILE 90  90  90  ILE ILE A . n 
A 1 91  GLY 91  91  91  GLY GLY A . n 
A 1 92  LEU 92  92  92  LEU LEU A . n 
A 1 93  PRO 93  93  93  PRO PRO A . n 
A 1 94  TRP 94  94  94  TRP TRP A . n 
A 1 95  GLU 95  95  95  GLU GLU A . n 
A 1 96  GLU 96  96  96  GLU GLU A . n 
A 1 97  VAL 97  97  97  VAL VAL A . n 
A 1 98  HIS 98  98  98  HIS HIS A . n 
A 1 99  ALA 99  99  99  ALA ALA A . n 
A 1 100 GLU 100 100 100 GLU GLU A . n 
A 1 101 ALA 101 101 101 ALA ALA A . n 
A 1 102 CYS 102 102 102 CYS CYS A . n 
A 1 103 ARG 103 103 103 ARG ARG A . n 
A 1 104 TRP 104 104 104 TRP TRP A . n 
A 1 105 GLU 105 105 105 GLU GLU A . n 
A 1 106 HIS 106 106 106 HIS HIS A . n 
A 1 107 VAL 107 107 107 VAL VAL A . n 
A 1 108 MET 108 108 108 MET MET A . n 
A 1 109 SER 109 109 109 SER SER A . n 
A 1 110 GLU 110 110 110 GLU GLU A . n 
A 1 111 ASP 111 111 111 ASP ASP A . n 
A 1 112 VAL 112 112 112 VAL VAL A . n 
A 1 113 GLU 113 113 113 GLU GLU A . n 
A 1 114 ARG 114 114 114 ARG ARG A . n 
A 1 115 ARG 115 115 115 ARG ARG A . n 
A 1 116 LEU 116 116 116 LEU LEU A . n 
A 1 117 VAL 117 117 117 VAL VAL A . n 
A 1 118 LYS 118 118 118 LYS LYS A . n 
A 1 119 VAL 119 119 119 VAL VAL A . n 
A 1 120 LEU 120 120 120 LEU LEU A . n 
A 1 121 ASN 121 121 121 ASN ASN A . n 
A 1 122 ASN 122 122 122 ASN ASN A . n 
A 1 123 PRO 123 123 123 PRO PRO A . n 
A 1 124 THR 124 124 124 THR THR A . n 
A 1 125 THR 125 125 125 THR THR A . n 
A 1 126 SER 126 126 126 SER SER A . n 
A 1 127 PRO 127 127 127 PRO PRO A . n 
A 1 128 PHE 128 128 128 PHE PHE A . n 
A 1 129 GLY 129 129 129 GLY GLY A . n 
A 1 130 ASN 130 130 130 ASN ASN A . n 
A 1 131 PRO 131 131 131 PRO PRO A . n 
A 1 132 ILE 132 132 132 ILE ILE A . n 
A 1 133 PRO 133 133 133 PRO PRO A . n 
A 1 134 GLY 134 134 134 GLY GLY A . n 
A 1 135 LEU 135 135 135 LEU LEU A . n 
A 1 136 VAL 136 136 136 VAL VAL A . n 
A 1 137 GLU 137 137 137 GLU GLU A . n 
A 1 138 LEU 138 138 138 LEU LEU A . n 
A 1 139 GLY 139 139 139 GLY GLY A . n 
A 1 140 VAL 140 140 140 VAL VAL A . n 
# 
loop_
_pdbx_nonpoly_scheme.asym_id 
_pdbx_nonpoly_scheme.entity_id 
_pdbx_nonpoly_scheme.mon_id 
_pdbx_nonpoly_scheme.ndb_seq_num 
_pdbx_nonpoly_scheme.pdb_seq_num 
_pdbx_nonpoly_scheme.auth_seq_num 
_pdbx_nonpoly_scheme.pdb_mon_id 
_pdbx_nonpoly_scheme.auth_mon_id 
_pdbx_nonpoly_scheme.pdb_strand_id 
_pdbx_nonpoly_scheme.pdb_ins_code 
B 2 ZN  1  301 301 ZN  ZN  A . 
C 2 ZN  1  302 302 ZN  ZN  A . 
D 3 SO4 1  303 303 SO4 SO4 A . 
E 4 HOH 1  401 401 HOH HOH A . 
E 4 HOH 2  402 402 HOH HOH A . 
E 4 HOH 3  403 403 HOH HOH A . 
E 4 HOH 4  404 404 HOH HOH A . 
E 4 HOH 5  405 405 HOH HOH A . 
E 4 HOH 6  406 406 HOH HOH A . 
E 4 HOH 7  407 407 HOH HOH A . 
E 4 HOH 8  408 408 HOH HOH A . 
E 4 HOH 9  409 409 HOH HOH A . 
E 4 HOH 10 410 410 HOH HOH A . 
E 4 HOH 11 411 411 HOH HOH A . 
E 4 HOH 12 412 412 HOH HOH A . 
E 4 HOH 13 413 413 HOH HOH A . 
E 4 HOH 14 414 414 HOH HOH A . 
E 4 HOH 15 415 415 HOH HOH A . 
E 4 HOH 16 416 416 HOH HOH A . 
E 4 HOH 17 417 417 HOH HOH A . 
E 4 HOH 18 418 418 HOH HOH A . 
E 4 HOH 19 419 419 HOH HOH A . 
E 4 HOH 20 420 420 HOH HOH A . 
E 4 HOH 21 421 421 HOH HOH A . 
E 4 HOH 22 422 422 HOH HOH A . 
E 4 HOH 23 423 423 HOH HOH A . 
E 4 HOH 24 424 424 HOH HOH A . 
E 4 HOH 25 425 425 HOH HOH A . 
E 4 HOH 26 426 426 HOH HOH A . 
E 4 HOH 27 427 427 HOH HOH A . 
E 4 HOH 28 428 428 HOH HOH A . 
E 4 HOH 29 429 429 HOH HOH A . 
E 4 HOH 30 430 430 HOH HOH A . 
E 4 HOH 31 431 431 HOH HOH A . 
E 4 HOH 32 432 432 HOH HOH A . 
E 4 HOH 33 433 433 HOH HOH A . 
E 4 HOH 34 434 434 HOH HOH A . 
E 4 HOH 35 435 435 HOH HOH A . 
E 4 HOH 36 436 436 HOH HOH A . 
E 4 HOH 37 437 437 HOH HOH A . 
E 4 HOH 38 438 438 HOH HOH A . 
E 4 HOH 39 439 439 HOH HOH A . 
E 4 HOH 40 440 440 HOH HOH A . 
E 4 HOH 41 441 441 HOH HOH A . 
E 4 HOH 42 442 442 HOH HOH A . 
E 4 HOH 43 443 443 HOH HOH A . 
E 4 HOH 44 444 444 HOH HOH A . 
E 4 HOH 45 445 445 HOH HOH A . 
E 4 HOH 46 446 446 HOH HOH A . 
E 4 HOH 47 447 447 HOH HOH A . 
E 4 HOH 48 448 448 HOH HOH A . 
E 4 HOH 49 449 449 HOH HOH A . 
E 4 HOH 50 450 450 HOH HOH A . 
E 4 HOH 51 451 451 HOH HOH A . 
E 4 HOH 52 452 452 HOH HOH A . 
E 4 HOH 53 453 453 HOH HOH A . 
E 4 HOH 54 454 454 HOH HOH A . 
E 4 HOH 55 455 455 HOH HOH A . 
E 4 HOH 56 456 456 HOH HOH A . 
E 4 HOH 57 457 457 HOH HOH A . 
E 4 HOH 58 458 458 HOH HOH A . 
E 4 HOH 59 459 459 HOH HOH A . 
E 4 HOH 60 460 460 HOH HOH A . 
E 4 HOH 61 461 461 HOH HOH A . 
E 4 HOH 62 462 462 HOH HOH A . 
E 4 HOH 63 463 463 HOH HOH A . 
E 4 HOH 64 464 464 HOH HOH A . 
E 4 HOH 65 465 465 HOH HOH A . 
E 4 HOH 66 466 466 HOH HOH A . 
E 4 HOH 67 467 467 HOH HOH A . 
E 4 HOH 68 468 468 HOH HOH A . 
E 4 HOH 69 469 469 HOH HOH A . 
E 4 HOH 70 470 470 HOH HOH A . 
E 4 HOH 71 471 471 HOH HOH A . 
E 4 HOH 72 472 472 HOH HOH A . 
E 4 HOH 73 473 473 HOH HOH A . 
E 4 HOH 74 474 474 HOH HOH A . 
E 4 HOH 75 475 475 HOH HOH A . 
E 4 HOH 76 476 476 HOH HOH A . 
E 4 HOH 77 477 477 HOH HOH A . 
E 4 HOH 78 478 478 HOH HOH A . 
E 4 HOH 79 479 479 HOH HOH A . 
E 4 HOH 80 481 481 HOH HOH A . 
E 4 HOH 81 482 482 HOH HOH A . 
E 4 HOH 82 483 483 HOH HOH A . 
E 4 HOH 83 484 484 HOH HOH A . 
E 4 HOH 84 485 485 HOH HOH A . 
E 4 HOH 85 487 487 HOH HOH A . 
E 4 HOH 86 488 488 HOH HOH A . 
E 4 HOH 87 489 489 HOH HOH A . 
E 4 HOH 88 490 490 HOH HOH A . 
# 
loop_
_pdbx_unobs_or_zero_occ_atoms.id 
_pdbx_unobs_or_zero_occ_atoms.PDB_model_num 
_pdbx_unobs_or_zero_occ_atoms.polymer_flag 
_pdbx_unobs_or_zero_occ_atoms.occupancy_flag 
_pdbx_unobs_or_zero_occ_atoms.auth_asym_id 
_pdbx_unobs_or_zero_occ_atoms.auth_comp_id 
_pdbx_unobs_or_zero_occ_atoms.auth_seq_id 
_pdbx_unobs_or_zero_occ_atoms.PDB_ins_code 
_pdbx_unobs_or_zero_occ_atoms.auth_atom_id 
_pdbx_unobs_or_zero_occ_atoms.label_alt_id 
_pdbx_unobs_or_zero_occ_atoms.label_asym_id 
_pdbx_unobs_or_zero_occ_atoms.label_comp_id 
_pdbx_unobs_or_zero_occ_atoms.label_seq_id 
_pdbx_unobs_or_zero_occ_atoms.label_atom_id 
1  1 Y 1 A LEU 4   ? CG  ? A LEU 4   CG  
2  1 Y 1 A LEU 4   ? CD1 ? A LEU 4   CD1 
3  1 Y 1 A LEU 4   ? CD2 ? A LEU 4   CD2 
4  1 Y 1 A GLU 32  ? CG  ? A GLU 32  CG  
5  1 Y 1 A GLU 32  ? CD  ? A GLU 32  CD  
6  1 Y 1 A GLU 32  ? OE1 ? A GLU 32  OE1 
7  1 Y 1 A GLU 32  ? OE2 ? A GLU 32  OE2 
8  1 Y 1 A SER 42  ? OG  ? A SER 42  OG  
9  1 Y 1 A ARG 60  ? CG  ? A ARG 60  CG  
10 1 Y 1 A ARG 60  ? CD  ? A ARG 60  CD  
11 1 Y 1 A ARG 60  ? NE  ? A ARG 60  NE  
12 1 Y 1 A ARG 60  ? CZ  ? A ARG 60  CZ  
13 1 Y 1 A ARG 60  ? NH1 ? A ARG 60  NH1 
14 1 Y 1 A ARG 60  ? NH2 ? A ARG 60  NH2 
15 1 Y 1 A HIS 61  ? CG  ? A HIS 61  CG  
16 1 Y 1 A HIS 61  ? ND1 ? A HIS 61  ND1 
17 1 Y 1 A HIS 61  ? CD2 ? A HIS 61  CD2 
18 1 Y 1 A HIS 61  ? CE1 ? A HIS 61  CE1 
19 1 Y 1 A HIS 61  ? NE2 ? A HIS 61  NE2 
20 1 Y 1 A GLU 66  ? CG  ? A GLU 66  CG  
21 1 Y 1 A GLU 66  ? CD  ? A GLU 66  CD  
22 1 Y 1 A GLU 66  ? OE1 ? A GLU 66  OE1 
23 1 Y 1 A GLU 66  ? OE2 ? A GLU 66  OE2 
24 1 Y 1 A LYS 67  ? CG  ? A LYS 67  CG  
25 1 Y 1 A LYS 67  ? CD  ? A LYS 67  CD  
26 1 Y 1 A LYS 67  ? CE  ? A LYS 67  CE  
27 1 Y 1 A LYS 67  ? NZ  ? A LYS 67  NZ  
28 1 Y 1 A ARG 69  ? CG  ? A ARG 69  CG  
29 1 Y 1 A ARG 69  ? CD  ? A ARG 69  CD  
30 1 Y 1 A ARG 69  ? NE  ? A ARG 69  NE  
31 1 Y 1 A ARG 69  ? CZ  ? A ARG 69  CZ  
32 1 Y 1 A ARG 69  ? NH1 ? A ARG 69  NH1 
33 1 Y 1 A ARG 69  ? NH2 ? A ARG 69  NH2 
34 1 Y 1 A ASN 121 ? CG  ? A ASN 121 CG  
35 1 Y 1 A ASN 121 ? OD1 ? A ASN 121 OD1 
36 1 Y 1 A ASN 121 ? ND2 ? A ASN 121 ND2 
37 1 Y 1 A ASN 122 ? CG  ? A ASN 122 CG  
38 1 Y 1 A ASN 122 ? OD1 ? A ASN 122 OD1 
39 1 Y 1 A ASN 122 ? ND2 ? A ASN 122 ND2 
40 1 Y 1 A VAL 136 ? CG1 ? A VAL 136 CG1 
41 1 Y 1 A VAL 136 ? CG2 ? A VAL 136 CG2 
42 1 Y 1 A VAL 140 ? CG1 ? A VAL 140 CG1 
43 1 Y 1 A VAL 140 ? CG2 ? A VAL 140 CG2 
# 
loop_
_software.name 
_software.classification 
_software.version 
_software.citation_id 
_software.pdbx_ordinal 
X-PLOR    refinement       3.851 ? 1 
DENZO     'data reduction' .     ? 2 
SCALEPACK 'data scaling'   .     ? 3 
# 
_cell.entry_id           1B1B 
_cell.length_a           92.600 
_cell.length_b           92.600 
_cell.length_c           63.200 
_cell.angle_alpha        90.00 
_cell.angle_beta         90.00 
_cell.angle_gamma        120.00 
_cell.Z_PDB              6 
_cell.pdbx_unique_axis   ? 
# 
_symmetry.entry_id                         1B1B 
_symmetry.space_group_name_H-M             'P 62' 
_symmetry.pdbx_full_space_group_name_H-M   ? 
_symmetry.cell_setting                     ? 
_symmetry.Int_Tables_number                171 
# 
_exptl.entry_id          1B1B 
_exptl.method            'X-RAY DIFFRACTION' 
_exptl.crystals_number   2 
# 
_exptl_crystal.id                    1 
_exptl_crystal.density_meas          ? 
_exptl_crystal.density_Matthews      4.92 
_exptl_crystal.density_percent_sol   74.98 
_exptl_crystal.description           ? 
# 
_exptl_crystal_grow.crystal_id      1 
_exptl_crystal_grow.method          ? 
_exptl_crystal_grow.temp            ? 
_exptl_crystal_grow.temp_details    ? 
_exptl_crystal_grow.pH              7.50 
_exptl_crystal_grow.pdbx_details    'pH 7.50' 
_exptl_crystal_grow.pdbx_pH_range   . 
# 
_diffrn.id                     1 
_diffrn.ambient_temp           100.0 
_diffrn.ambient_temp_details   ? 
_diffrn.crystal_id             1 
# 
_diffrn_detector.diffrn_id              1 
_diffrn_detector.detector               'IMAGE PLATE' 
_diffrn_detector.type                   MARRESEARCH 
_diffrn_detector.pdbx_collection_date   ? 
_diffrn_detector.details                MIRROR 
# 
_diffrn_radiation.diffrn_id                        1 
_diffrn_radiation.wavelength_id                    1 
_diffrn_radiation.pdbx_monochromatic_or_laue_m_l   M 
_diffrn_radiation.monochromator                    MIRROR 
_diffrn_radiation.pdbx_diffrn_protocol             'SINGLE WAVELENGTH' 
_diffrn_radiation.pdbx_scattering_type             x-ray 
# 
_diffrn_radiation_wavelength.id           1 
_diffrn_radiation_wavelength.wavelength   1.008 
_diffrn_radiation_wavelength.wt           1.0 
# 
_diffrn_source.diffrn_id                   1 
_diffrn_source.source                      SYNCHROTRON 
_diffrn_source.type                        'SSRL BEAMLINE BL7-1' 
_diffrn_source.pdbx_synchrotron_site       SSRL 
_diffrn_source.pdbx_synchrotron_beamline   BL7-1 
_diffrn_source.pdbx_wavelength             1.008 
_diffrn_source.pdbx_wavelength_list        ? 
# 
_reflns.entry_id                     1B1B 
_reflns.observed_criterion_sigma_I   2.000 
_reflns.observed_criterion_sigma_F   ? 
_reflns.d_resolution_low             8.000 
_reflns.d_resolution_high            2.600 
_reflns.number_obs                   9277 
_reflns.number_all                   ? 
_reflns.percent_possible_obs         95.2 
_reflns.pdbx_Rmerge_I_obs            ? 
_reflns.pdbx_Rsym_value              0.070 
_reflns.pdbx_netI_over_sigmaI        19.6000 
_reflns.B_iso_Wilson_estimate        ? 
_reflns.pdbx_redundancy              15.00 
_reflns.R_free_details               ? 
_reflns.limit_h_max                  ? 
_reflns.limit_h_min                  ? 
_reflns.limit_k_max                  ? 
_reflns.limit_k_min                  ? 
_reflns.limit_l_max                  ? 
_reflns.limit_l_min                  ? 
_reflns.observed_criterion_F_max     ? 
_reflns.observed_criterion_F_min     ? 
_reflns.pdbx_diffrn_id               1 
_reflns.pdbx_ordinal                 1 
# 
_reflns_shell.d_res_high             2.60 
_reflns_shell.d_res_low              2.70 
_reflns_shell.percent_possible_all   93.0 
_reflns_shell.Rmerge_I_obs           ? 
_reflns_shell.pdbx_Rsym_value        0.450 
_reflns_shell.meanI_over_sigI_obs    4.100 
_reflns_shell.pdbx_redundancy        10.00 
_reflns_shell.percent_possible_obs   ? 
_reflns_shell.number_unique_all      ? 
_reflns_shell.pdbx_diffrn_id         ? 
_reflns_shell.pdbx_ordinal           1 
# 
_refine.entry_id                                 1B1B 
_refine.ls_number_reflns_obs                     9277 
_refine.ls_number_reflns_all                     ? 
_refine.pdbx_ls_sigma_I                          ? 
_refine.pdbx_ls_sigma_F                          2.000 
_refine.pdbx_data_cutoff_high_absF               ? 
_refine.pdbx_data_cutoff_low_absF                ? 
_refine.pdbx_data_cutoff_high_rms_absF           ? 
_refine.ls_d_res_low                             8.0 
_refine.ls_d_res_high                            2.60 
_refine.ls_percent_reflns_obs                    95.0 
_refine.ls_R_factor_obs                          0.2800000 
_refine.ls_R_factor_all                          ? 
_refine.ls_R_factor_R_work                       0.2800000 
_refine.ls_R_factor_R_free                       0.3600000 
_refine.ls_R_factor_R_free_error                 ? 
_refine.ls_R_factor_R_free_error_details         ? 
_refine.ls_percent_reflns_R_free                 10.000 
_refine.ls_number_reflns_R_free                  927 
_refine.ls_number_parameters                     ? 
_refine.ls_number_restraints                     ? 
_refine.occupancy_min                            ? 
_refine.occupancy_max                            ? 
_refine.B_iso_mean                               54.00 
_refine.aniso_B[1][1]                            ? 
_refine.aniso_B[2][2]                            ? 
_refine.aniso_B[3][3]                            ? 
_refine.aniso_B[1][2]                            ? 
_refine.aniso_B[1][3]                            ? 
_refine.aniso_B[2][3]                            ? 
_refine.solvent_model_details                    ? 
_refine.solvent_model_param_ksol                 ? 
_refine.solvent_model_param_bsol                 ? 
_refine.pdbx_ls_cross_valid_method               THROUGHOUT 
_refine.details                                  ? 
_refine.pdbx_starting_model                      AMORE 
_refine.pdbx_method_to_determine_struct          'MOLECULAR REPLACEMENT' 
_refine.pdbx_isotropic_thermal_model             ? 
_refine.pdbx_stereochemistry_target_values       ? 
_refine.pdbx_stereochem_target_val_spec_case     ? 
_refine.pdbx_R_Free_selection_details            RANDOM 
_refine.pdbx_overall_ESU_R                       ? 
_refine.pdbx_overall_ESU_R_Free                  ? 
_refine.overall_SU_ML                            ? 
_refine.overall_SU_B                             ? 
_refine.ls_redundancy_reflns_obs                 ? 
_refine.B_iso_min                                ? 
_refine.B_iso_max                                ? 
_refine.pdbx_refine_id                           'X-RAY DIFFRACTION' 
_refine.pdbx_diffrn_id                           1 
_refine.pdbx_TLS_residual_ADP_flag               ? 
_refine.correlation_coeff_Fo_to_Fc               ? 
_refine.correlation_coeff_Fo_to_Fc_free          ? 
_refine.pdbx_solvent_vdw_probe_radii             ? 
_refine.pdbx_solvent_ion_probe_radii             ? 
_refine.pdbx_solvent_shrinkage_radii             ? 
_refine.pdbx_overall_phase_error                 ? 
_refine.overall_SU_R_Cruickshank_DPI             ? 
_refine.pdbx_overall_SU_R_free_Cruickshank_DPI   ? 
_refine.pdbx_overall_SU_R_Blow_DPI               ? 
_refine.pdbx_overall_SU_R_free_Blow_DPI          ? 
# 
_refine_hist.pdbx_refine_id                   'X-RAY DIFFRACTION' 
_refine_hist.cycle_id                         LAST 
_refine_hist.pdbx_number_atoms_protein        1300 
_refine_hist.pdbx_number_atoms_nucleic_acid   0 
_refine_hist.pdbx_number_atoms_ligand         7 
_refine_hist.number_atoms_solvent             264 
_refine_hist.number_atoms_total               1571 
_refine_hist.d_res_high                       2.60 
_refine_hist.d_res_low                        8.0 
# 
loop_
_refine_ls_restr.type 
_refine_ls_restr.dev_ideal 
_refine_ls_restr.dev_ideal_target 
_refine_ls_restr.weight 
_refine_ls_restr.number 
_refine_ls_restr.pdbx_refine_id 
_refine_ls_restr.pdbx_restraint_function 
x_bond_d                0.010 ? ? ? 'X-RAY DIFFRACTION' ? 
x_bond_d_na             ?     ? ? ? 'X-RAY DIFFRACTION' ? 
x_bond_d_prot           ?     ? ? ? 'X-RAY DIFFRACTION' ? 
x_angle_d               ?     ? ? ? 'X-RAY DIFFRACTION' ? 
x_angle_d_na            ?     ? ? ? 'X-RAY DIFFRACTION' ? 
x_angle_d_prot          ?     ? ? ? 'X-RAY DIFFRACTION' ? 
x_angle_deg             1.50  ? ? ? 'X-RAY DIFFRACTION' ? 
x_angle_deg_na          ?     ? ? ? 'X-RAY DIFFRACTION' ? 
x_angle_deg_prot        ?     ? ? ? 'X-RAY DIFFRACTION' ? 
x_dihedral_angle_d      ?     ? ? ? 'X-RAY DIFFRACTION' ? 
x_dihedral_angle_d_na   ?     ? ? ? 'X-RAY DIFFRACTION' ? 
x_dihedral_angle_d_prot ?     ? ? ? 'X-RAY DIFFRACTION' ? 
x_improper_angle_d      ?     ? ? ? 'X-RAY DIFFRACTION' ? 
x_improper_angle_d_na   ?     ? ? ? 'X-RAY DIFFRACTION' ? 
x_improper_angle_d_prot ?     ? ? ? 'X-RAY DIFFRACTION' ? 
x_mcbond_it             ?     ? ? ? 'X-RAY DIFFRACTION' ? 
x_mcangle_it            ?     ? ? ? 'X-RAY DIFFRACTION' ? 
x_scbond_it             ?     ? ? ? 'X-RAY DIFFRACTION' ? 
x_scangle_it            ?     ? ? ? 'X-RAY DIFFRACTION' ? 
# 
_struct.entry_id                  1B1B 
_struct.title                     'IRON DEPENDENT REGULATOR' 
_struct.pdbx_model_details        ? 
_struct.pdbx_CASP_flag            ? 
_struct.pdbx_model_type_details   ? 
# 
_struct_keywords.entry_id        1B1B 
_struct_keywords.pdbx_keywords   'METAL BINDING PROTEIN' 
_struct_keywords.text            'IDER, IRON DEPEDENT REGULATOR, MYCOBACTERIUM TUBERCULOSIS, METAL BINDING PROTEIN' 
# 
loop_
_struct_asym.id 
_struct_asym.pdbx_blank_PDB_chainid_flag 
_struct_asym.pdbx_modified 
_struct_asym.entity_id 
_struct_asym.details 
A N N 1 ? 
B N N 2 ? 
C N N 2 ? 
D N N 3 ? 
E N N 4 ? 
# 
_struct_ref.id                         1 
_struct_ref.db_name                    UNP 
_struct_ref.db_code                    IDER_MYCTU 
_struct_ref.entity_id                  1 
_struct_ref.pdbx_db_accession          P0A672 
_struct_ref.pdbx_db_isoform            ? 
_struct_ref.pdbx_seq_one_letter_code   ? 
_struct_ref.pdbx_align_begin           ? 
# 
_struct_ref_seq.align_id                      1 
_struct_ref_seq.ref_id                        1 
_struct_ref_seq.pdbx_PDB_id_code              1B1B 
_struct_ref_seq.pdbx_strand_id                A 
_struct_ref_seq.seq_align_beg                 1 
_struct_ref_seq.pdbx_seq_align_beg_ins_code   ? 
_struct_ref_seq.seq_align_end                 140 
_struct_ref_seq.pdbx_seq_align_end_ins_code   ? 
_struct_ref_seq.pdbx_db_accession             P0A672 
_struct_ref_seq.db_align_beg                  1 
_struct_ref_seq.pdbx_db_align_beg_ins_code    ? 
_struct_ref_seq.db_align_end                  140 
_struct_ref_seq.pdbx_db_align_end_ins_code    ? 
_struct_ref_seq.pdbx_auth_seq_align_beg       1 
_struct_ref_seq.pdbx_auth_seq_align_end       140 
# 
_pdbx_struct_assembly.id                   1 
_pdbx_struct_assembly.details              author_defined_assembly 
_pdbx_struct_assembly.method_details       ? 
_pdbx_struct_assembly.oligomeric_details   monomeric 
_pdbx_struct_assembly.oligomeric_count     1 
# 
_pdbx_struct_assembly_gen.assembly_id       1 
_pdbx_struct_assembly_gen.oper_expression   1 
_pdbx_struct_assembly_gen.asym_id_list      A,B,C,D,E 
# 
_pdbx_struct_oper_list.id                   1 
_pdbx_struct_oper_list.type                 'identity operation' 
_pdbx_struct_oper_list.name                 1_555 
_pdbx_struct_oper_list.symmetry_operation   x,y,z 
_pdbx_struct_oper_list.matrix[1][1]         1.0000000000 
_pdbx_struct_oper_list.matrix[1][2]         0.0000000000 
_pdbx_struct_oper_list.matrix[1][3]         0.0000000000 
_pdbx_struct_oper_list.vector[1]            0.0000000000 
_pdbx_struct_oper_list.matrix[2][1]         0.0000000000 
_pdbx_struct_oper_list.matrix[2][2]         1.0000000000 
_pdbx_struct_oper_list.matrix[2][3]         0.0000000000 
_pdbx_struct_oper_list.vector[2]            0.0000000000 
_pdbx_struct_oper_list.matrix[3][1]         0.0000000000 
_pdbx_struct_oper_list.matrix[3][2]         0.0000000000 
_pdbx_struct_oper_list.matrix[3][3]         1.0000000000 
_pdbx_struct_oper_list.vector[3]            0.0000000000 
# 
_struct_biol.id   1 
# 
loop_
_struct_conf.conf_type_id 
_struct_conf.id 
_struct_conf.pdbx_PDB_helix_id 
_struct_conf.beg_label_comp_id 
_struct_conf.beg_label_asym_id 
_struct_conf.beg_label_seq_id 
_struct_conf.pdbx_beg_PDB_ins_code 
_struct_conf.end_label_comp_id 
_struct_conf.end_label_asym_id 
_struct_conf.end_label_seq_id 
_struct_conf.pdbx_end_PDB_ins_code 
_struct_conf.beg_auth_comp_id 
_struct_conf.beg_auth_asym_id 
_struct_conf.beg_auth_seq_id 
_struct_conf.end_auth_comp_id 
_struct_conf.end_auth_asym_id 
_struct_conf.end_auth_seq_id 
_struct_conf.pdbx_PDB_helix_class 
_struct_conf.details 
_struct_conf.pdbx_PDB_helix_length 
HELX_P HELX_P1 1 ASP A 6   ? GLU A 21  ? ASP A 6   GLU A 21  1 ? 16 
HELX_P HELX_P2 2 LEU A 26  ? ASP A 35  ? LEU A 26  ASP A 35  1 ? 10 
HELX_P HELX_P3 3 SER A 37  ? ARG A 50  ? SER A 37  ARG A 50  1 ? 14 
HELX_P HELX_P4 4 THR A 65  ? ASP A 88  ? THR A 65  ASP A 88  1 ? 24 
HELX_P HELX_P5 5 GLU A 96  ? GLU A 105 ? GLU A 96  GLU A 105 1 ? 10 
HELX_P HELX_P6 6 SER A 109 ? LEU A 120 ? SER A 109 LEU A 120 1 ? 12 
HELX_P HELX_P7 7 GLY A 134 ? GLY A 139 ? GLY A 134 GLY A 139 1 ? 6  
# 
_struct_conf_type.id          HELX_P 
_struct_conf_type.criteria    ? 
_struct_conf_type.reference   ? 
# 
loop_
_struct_conn.id 
_struct_conn.conn_type_id 
_struct_conn.pdbx_leaving_atom_flag 
_struct_conn.pdbx_PDB_id 
_struct_conn.ptnr1_label_asym_id 
_struct_conn.ptnr1_label_comp_id 
_struct_conn.ptnr1_label_seq_id 
_struct_conn.ptnr1_label_atom_id 
_struct_conn.pdbx_ptnr1_label_alt_id 
_struct_conn.pdbx_ptnr1_PDB_ins_code 
_struct_conn.pdbx_ptnr1_standard_comp_id 
_struct_conn.ptnr1_symmetry 
_struct_conn.ptnr2_label_asym_id 
_struct_conn.ptnr2_label_comp_id 
_struct_conn.ptnr2_label_seq_id 
_struct_conn.ptnr2_label_atom_id 
_struct_conn.pdbx_ptnr2_label_alt_id 
_struct_conn.pdbx_ptnr2_PDB_ins_code 
_struct_conn.ptnr1_auth_asym_id 
_struct_conn.ptnr1_auth_comp_id 
_struct_conn.ptnr1_auth_seq_id 
_struct_conn.ptnr2_auth_asym_id 
_struct_conn.ptnr2_auth_comp_id 
_struct_conn.ptnr2_auth_seq_id 
_struct_conn.ptnr2_symmetry 
_struct_conn.pdbx_ptnr3_label_atom_id 
_struct_conn.pdbx_ptnr3_label_seq_id 
_struct_conn.pdbx_ptnr3_label_comp_id 
_struct_conn.pdbx_ptnr3_label_asym_id 
_struct_conn.pdbx_ptnr3_label_alt_id 
_struct_conn.pdbx_ptnr3_PDB_ins_code 
_struct_conn.details 
_struct_conn.pdbx_dist_value 
_struct_conn.pdbx_value_order 
_struct_conn.pdbx_role 
metalc1 metalc ? ? A MET 10  SD  ? ? ? 1_555 C ZN . ZN ? ? A MET 10  A ZN 302 1_555 ? ? ? ? ? ? ? 2.666 ? ? 
metalc2 metalc ? ? A HIS 79  NE2 ? ? ? 1_555 B ZN . ZN ? ? A HIS 79  A ZN 301 1_555 ? ? ? ? ? ? ? 2.668 ? ? 
metalc3 metalc ? ? A GLU 83  OE2 ? ? ? 1_555 B ZN . ZN ? ? A GLU 83  A ZN 301 1_555 ? ? ? ? ? ? ? 1.796 ? ? 
metalc4 metalc ? ? A HIS 98  ND1 ? ? ? 1_555 B ZN . ZN ? ? A HIS 98  A ZN 301 1_555 ? ? ? ? ? ? ? 2.088 ? ? 
metalc5 metalc ? ? A CYS 102 O   ? ? ? 1_555 C ZN . ZN ? ? A CYS 102 A ZN 302 1_555 ? ? ? ? ? ? ? 1.992 ? ? 
metalc6 metalc ? ? A GLU 105 OE2 ? ? ? 1_555 C ZN . ZN ? ? A GLU 105 A ZN 302 1_555 ? ? ? ? ? ? ? 1.827 ? ? 
metalc7 metalc ? ? A HIS 106 NE2 ? ? ? 1_555 C ZN . ZN ? ? A HIS 106 A ZN 302 1_555 ? ? ? ? ? ? ? 2.398 ? ? 
# 
_struct_conn_type.id          metalc 
_struct_conn_type.criteria    ? 
_struct_conn_type.reference   ? 
# 
loop_
_pdbx_struct_conn_angle.id 
_pdbx_struct_conn_angle.ptnr1_label_atom_id 
_pdbx_struct_conn_angle.ptnr1_label_alt_id 
_pdbx_struct_conn_angle.ptnr1_label_asym_id 
_pdbx_struct_conn_angle.ptnr1_label_comp_id 
_pdbx_struct_conn_angle.ptnr1_label_seq_id 
_pdbx_struct_conn_angle.ptnr1_auth_atom_id 
_pdbx_struct_conn_angle.ptnr1_auth_asym_id 
_pdbx_struct_conn_angle.ptnr1_auth_comp_id 
_pdbx_struct_conn_angle.ptnr1_auth_seq_id 
_pdbx_struct_conn_angle.ptnr1_PDB_ins_code 
_pdbx_struct_conn_angle.ptnr1_symmetry 
_pdbx_struct_conn_angle.ptnr2_label_atom_id 
_pdbx_struct_conn_angle.ptnr2_label_alt_id 
_pdbx_struct_conn_angle.ptnr2_label_asym_id 
_pdbx_struct_conn_angle.ptnr2_label_comp_id 
_pdbx_struct_conn_angle.ptnr2_label_seq_id 
_pdbx_struct_conn_angle.ptnr2_auth_atom_id 
_pdbx_struct_conn_angle.ptnr2_auth_asym_id 
_pdbx_struct_conn_angle.ptnr2_auth_comp_id 
_pdbx_struct_conn_angle.ptnr2_auth_seq_id 
_pdbx_struct_conn_angle.ptnr2_PDB_ins_code 
_pdbx_struct_conn_angle.ptnr2_symmetry 
_pdbx_struct_conn_angle.ptnr3_label_atom_id 
_pdbx_struct_conn_angle.ptnr3_label_alt_id 
_pdbx_struct_conn_angle.ptnr3_label_asym_id 
_pdbx_struct_conn_angle.ptnr3_label_comp_id 
_pdbx_struct_conn_angle.ptnr3_label_seq_id 
_pdbx_struct_conn_angle.ptnr3_auth_atom_id 
_pdbx_struct_conn_angle.ptnr3_auth_asym_id 
_pdbx_struct_conn_angle.ptnr3_auth_comp_id 
_pdbx_struct_conn_angle.ptnr3_auth_seq_id 
_pdbx_struct_conn_angle.ptnr3_PDB_ins_code 
_pdbx_struct_conn_angle.ptnr3_symmetry 
_pdbx_struct_conn_angle.value 
_pdbx_struct_conn_angle.value_esd 
1 SD  ? A MET 10  ? A MET 10  ? 1_555 ZN ? C ZN . ? A ZN 302 ? 1_555 O   ? A CYS 102 ? A CYS 102 ? 1_555 173.4 ? 
2 SD  ? A MET 10  ? A MET 10  ? 1_555 ZN ? C ZN . ? A ZN 302 ? 1_555 OE2 ? A GLU 105 ? A GLU 105 ? 1_555 97.3  ? 
3 O   ? A CYS 102 ? A CYS 102 ? 1_555 ZN ? C ZN . ? A ZN 302 ? 1_555 OE2 ? A GLU 105 ? A GLU 105 ? 1_555 88.8  ? 
4 SD  ? A MET 10  ? A MET 10  ? 1_555 ZN ? C ZN . ? A ZN 302 ? 1_555 NE2 ? A HIS 106 ? A HIS 106 ? 1_555 77.9  ? 
5 O   ? A CYS 102 ? A CYS 102 ? 1_555 ZN ? C ZN . ? A ZN 302 ? 1_555 NE2 ? A HIS 106 ? A HIS 106 ? 1_555 100.0 ? 
6 OE2 ? A GLU 105 ? A GLU 105 ? 1_555 ZN ? C ZN . ? A ZN 302 ? 1_555 NE2 ? A HIS 106 ? A HIS 106 ? 1_555 88.5  ? 
7 NE2 ? A HIS 79  ? A HIS 79  ? 1_555 ZN ? B ZN . ? A ZN 301 ? 1_555 OE2 ? A GLU 83  ? A GLU 83  ? 1_555 84.6  ? 
8 NE2 ? A HIS 79  ? A HIS 79  ? 1_555 ZN ? B ZN . ? A ZN 301 ? 1_555 ND1 ? A HIS 98  ? A HIS 98  ? 1_555 101.0 ? 
9 OE2 ? A GLU 83  ? A GLU 83  ? 1_555 ZN ? B ZN . ? A ZN 301 ? 1_555 ND1 ? A HIS 98  ? A HIS 98  ? 1_555 140.0 ? 
# 
_struct_sheet.id               A 
_struct_sheet.type             ? 
_struct_sheet.number_strands   2 
_struct_sheet.details          ? 
# 
_struct_sheet_order.sheet_id     A 
_struct_sheet_order.range_id_1   1 
_struct_sheet_order.range_id_2   2 
_struct_sheet_order.offset       ? 
_struct_sheet_order.sense        anti-parallel 
# 
loop_
_struct_sheet_range.sheet_id 
_struct_sheet_range.id 
_struct_sheet_range.beg_label_comp_id 
_struct_sheet_range.beg_label_asym_id 
_struct_sheet_range.beg_label_seq_id 
_struct_sheet_range.pdbx_beg_PDB_ins_code 
_struct_sheet_range.end_label_comp_id 
_struct_sheet_range.end_label_asym_id 
_struct_sheet_range.end_label_seq_id 
_struct_sheet_range.pdbx_end_PDB_ins_code 
_struct_sheet_range.beg_auth_comp_id 
_struct_sheet_range.beg_auth_asym_id 
_struct_sheet_range.beg_auth_seq_id 
_struct_sheet_range.end_auth_comp_id 
_struct_sheet_range.end_auth_asym_id 
_struct_sheet_range.end_auth_seq_id 
A 1 LEU A 54 ? VAL A 56 ? LEU A 54 VAL A 56 
A 2 LEU A 62 ? LEU A 64 ? LEU A 62 LEU A 64 
# 
_pdbx_struct_sheet_hbond.sheet_id                A 
_pdbx_struct_sheet_hbond.range_id_1              1 
_pdbx_struct_sheet_hbond.range_id_2              2 
_pdbx_struct_sheet_hbond.range_1_label_atom_id   O 
_pdbx_struct_sheet_hbond.range_1_label_comp_id   ARG 
_pdbx_struct_sheet_hbond.range_1_label_asym_id   A 
_pdbx_struct_sheet_hbond.range_1_label_seq_id    55 
_pdbx_struct_sheet_hbond.range_1_PDB_ins_code    ? 
_pdbx_struct_sheet_hbond.range_1_auth_atom_id    O 
_pdbx_struct_sheet_hbond.range_1_auth_comp_id    ARG 
_pdbx_struct_sheet_hbond.range_1_auth_asym_id    A 
_pdbx_struct_sheet_hbond.range_1_auth_seq_id     55 
_pdbx_struct_sheet_hbond.range_2_label_atom_id   N 
_pdbx_struct_sheet_hbond.range_2_label_comp_id   GLU 
_pdbx_struct_sheet_hbond.range_2_label_asym_id   A 
_pdbx_struct_sheet_hbond.range_2_label_seq_id    63 
_pdbx_struct_sheet_hbond.range_2_PDB_ins_code    ? 
_pdbx_struct_sheet_hbond.range_2_auth_atom_id    N 
_pdbx_struct_sheet_hbond.range_2_auth_comp_id    GLU 
_pdbx_struct_sheet_hbond.range_2_auth_asym_id    A 
_pdbx_struct_sheet_hbond.range_2_auth_seq_id     63 
# 
loop_
_struct_site.id 
_struct_site.pdbx_evidence_code 
_struct_site.pdbx_auth_asym_id 
_struct_site.pdbx_auth_comp_id 
_struct_site.pdbx_auth_seq_id 
_struct_site.pdbx_auth_ins_code 
_struct_site.pdbx_num_residues 
_struct_site.details 
AC1 Software A ZN  301 ? 5 'BINDING SITE FOR RESIDUE ZN A 301'  
AC2 Software A ZN  302 ? 5 'BINDING SITE FOR RESIDUE ZN A 302'  
AC3 Software A SO4 303 ? 7 'BINDING SITE FOR RESIDUE SO4 A 303' 
# 
loop_
_struct_site_gen.id 
_struct_site_gen.site_id 
_struct_site_gen.pdbx_num_res 
_struct_site_gen.label_comp_id 
_struct_site_gen.label_asym_id 
_struct_site_gen.label_seq_id 
_struct_site_gen.pdbx_auth_ins_code 
_struct_site_gen.auth_comp_id 
_struct_site_gen.auth_asym_id 
_struct_site_gen.auth_seq_id 
_struct_site_gen.label_atom_id 
_struct_site_gen.label_alt_id 
_struct_site_gen.symmetry 
_struct_site_gen.details 
1  AC1 5 HIS A 79  ? HIS A 79  . ? 1_555 ? 
2  AC1 5 GLU A 83  ? GLU A 83  . ? 1_555 ? 
3  AC1 5 HIS A 98  ? HIS A 98  . ? 1_555 ? 
4  AC1 5 SO4 D .   ? SO4 A 303 . ? 1_555 ? 
5  AC1 5 HOH E .   ? HOH A 425 . ? 1_555 ? 
6  AC2 5 GLU A 3   ? GLU A 3   . ? 1_555 ? 
7  AC2 5 MET A 10  ? MET A 10  . ? 1_555 ? 
8  AC2 5 CYS A 102 ? CYS A 102 . ? 1_555 ? 
9  AC2 5 GLU A 105 ? GLU A 105 . ? 1_555 ? 
10 AC2 5 HIS A 106 ? HIS A 106 . ? 1_555 ? 
11 AC3 7 ASP A 17  ? ASP A 17  . ? 1_555 ? 
12 AC3 7 MET A 76  ? MET A 76  . ? 1_555 ? 
13 AC3 7 HIS A 79  ? HIS A 79  . ? 1_555 ? 
14 AC3 7 ARG A 80  ? ARG A 80  . ? 1_555 ? 
15 AC3 7 HIS A 98  ? HIS A 98  . ? 1_555 ? 
16 AC3 7 ASN A 130 ? ASN A 130 . ? 1_555 ? 
17 AC3 7 ZN  B .   ? ZN  A 301 . ? 1_555 ? 
# 
loop_
_pdbx_validate_close_contact.id 
_pdbx_validate_close_contact.PDB_model_num 
_pdbx_validate_close_contact.auth_atom_id_1 
_pdbx_validate_close_contact.auth_asym_id_1 
_pdbx_validate_close_contact.auth_comp_id_1 
_pdbx_validate_close_contact.auth_seq_id_1 
_pdbx_validate_close_contact.PDB_ins_code_1 
_pdbx_validate_close_contact.label_alt_id_1 
_pdbx_validate_close_contact.auth_atom_id_2 
_pdbx_validate_close_contact.auth_asym_id_2 
_pdbx_validate_close_contact.auth_comp_id_2 
_pdbx_validate_close_contact.auth_seq_id_2 
_pdbx_validate_close_contact.PDB_ins_code_2 
_pdbx_validate_close_contact.label_alt_id_2 
_pdbx_validate_close_contact.dist 
1 1 O  A HOH 429 ? ? H1 A HOH 463 ? ? 1.53 
2 1 H1 A HOH 445 ? ? O  A HOH 449 ? ? 1.54 
3 1 O  A HOH 401 ? ? H2 A HOH 471 ? ? 1.56 
4 1 H2 A HOH 429 ? ? O  A HOH 465 ? ? 1.59 
# 
_pdbx_validate_symm_contact.id                1 
_pdbx_validate_symm_contact.PDB_model_num     1 
_pdbx_validate_symm_contact.auth_atom_id_1    HH12 
_pdbx_validate_symm_contact.auth_asym_id_1    A 
_pdbx_validate_symm_contact.auth_comp_id_1    ARG 
_pdbx_validate_symm_contact.auth_seq_id_1     103 
_pdbx_validate_symm_contact.PDB_ins_code_1    ? 
_pdbx_validate_symm_contact.label_alt_id_1    ? 
_pdbx_validate_symm_contact.site_symmetry_1   1_555 
_pdbx_validate_symm_contact.auth_atom_id_2    H1 
_pdbx_validate_symm_contact.auth_asym_id_2    A 
_pdbx_validate_symm_contact.auth_comp_id_2    HOH 
_pdbx_validate_symm_contact.auth_seq_id_2     457 
_pdbx_validate_symm_contact.PDB_ins_code_2    ? 
_pdbx_validate_symm_contact.label_alt_id_2    ? 
_pdbx_validate_symm_contact.site_symmetry_2   4_665 
_pdbx_validate_symm_contact.dist              1.22 
# 
loop_
_pdbx_validate_torsion.id 
_pdbx_validate_torsion.PDB_model_num 
_pdbx_validate_torsion.auth_comp_id 
_pdbx_validate_torsion.auth_asym_id 
_pdbx_validate_torsion.auth_seq_id 
_pdbx_validate_torsion.PDB_ins_code 
_pdbx_validate_torsion.label_alt_id 
_pdbx_validate_torsion.phi 
_pdbx_validate_torsion.psi 
1 1 GLU A 3   ? ? 72.39   -14.57 
2 1 LEU A 4   ? ? -110.84 53.51  
3 1 VAL A 5   ? ? -52.84  -9.70  
4 1 ARG A 60  ? ? 68.46   -15.18 
5 1 VAL A 89  ? ? -81.42  -72.93 
6 1 TRP A 94  ? ? -38.53  -30.00 
7 1 LYS A 118 ? ? -90.71  -70.16 
8 1 PHE A 128 ? ? -86.01  34.44  
# 
loop_
_chem_comp_atom.comp_id 
_chem_comp_atom.atom_id 
_chem_comp_atom.type_symbol 
_chem_comp_atom.pdbx_aromatic_flag 
_chem_comp_atom.pdbx_stereo_config 
_chem_comp_atom.pdbx_ordinal 
ALA N    N  N N 1   
ALA CA   C  N S 2   
ALA C    C  N N 3   
ALA O    O  N N 4   
ALA CB   C  N N 5   
ALA OXT  O  N N 6   
ALA H    H  N N 7   
ALA H2   H  N N 8   
ALA HA   H  N N 9   
ALA HB1  H  N N 10  
ALA HB2  H  N N 11  
ALA HB3  H  N N 12  
ALA HXT  H  N N 13  
ARG N    N  N N 14  
ARG CA   C  N S 15  
ARG C    C  N N 16  
ARG O    O  N N 17  
ARG CB   C  N N 18  
ARG CG   C  N N 19  
ARG CD   C  N N 20  
ARG NE   N  N N 21  
ARG CZ   C  N N 22  
ARG NH1  N  N N 23  
ARG NH2  N  N N 24  
ARG OXT  O  N N 25  
ARG H    H  N N 26  
ARG H2   H  N N 27  
ARG HA   H  N N 28  
ARG HB2  H  N N 29  
ARG HB3  H  N N 30  
ARG HG2  H  N N 31  
ARG HG3  H  N N 32  
ARG HD2  H  N N 33  
ARG HD3  H  N N 34  
ARG HE   H  N N 35  
ARG HH11 H  N N 36  
ARG HH12 H  N N 37  
ARG HH21 H  N N 38  
ARG HH22 H  N N 39  
ARG HXT  H  N N 40  
ASN N    N  N N 41  
ASN CA   C  N S 42  
ASN C    C  N N 43  
ASN O    O  N N 44  
ASN CB   C  N N 45  
ASN CG   C  N N 46  
ASN OD1  O  N N 47  
ASN ND2  N  N N 48  
ASN OXT  O  N N 49  
ASN H    H  N N 50  
ASN H2   H  N N 51  
ASN HA   H  N N 52  
ASN HB2  H  N N 53  
ASN HB3  H  N N 54  
ASN HD21 H  N N 55  
ASN HD22 H  N N 56  
ASN HXT  H  N N 57  
ASP N    N  N N 58  
ASP CA   C  N S 59  
ASP C    C  N N 60  
ASP O    O  N N 61  
ASP CB   C  N N 62  
ASP CG   C  N N 63  
ASP OD1  O  N N 64  
ASP OD2  O  N N 65  
ASP OXT  O  N N 66  
ASP H    H  N N 67  
ASP H2   H  N N 68  
ASP HA   H  N N 69  
ASP HB2  H  N N 70  
ASP HB3  H  N N 71  
ASP HD2  H  N N 72  
ASP HXT  H  N N 73  
CYS N    N  N N 74  
CYS CA   C  N R 75  
CYS C    C  N N 76  
CYS O    O  N N 77  
CYS CB   C  N N 78  
CYS SG   S  N N 79  
CYS OXT  O  N N 80  
CYS H    H  N N 81  
CYS H2   H  N N 82  
CYS HA   H  N N 83  
CYS HB2  H  N N 84  
CYS HB3  H  N N 85  
CYS HG   H  N N 86  
CYS HXT  H  N N 87  
GLN N    N  N N 88  
GLN CA   C  N S 89  
GLN C    C  N N 90  
GLN O    O  N N 91  
GLN CB   C  N N 92  
GLN CG   C  N N 93  
GLN CD   C  N N 94  
GLN OE1  O  N N 95  
GLN NE2  N  N N 96  
GLN OXT  O  N N 97  
GLN H    H  N N 98  
GLN H2   H  N N 99  
GLN HA   H  N N 100 
GLN HB2  H  N N 101 
GLN HB3  H  N N 102 
GLN HG2  H  N N 103 
GLN HG3  H  N N 104 
GLN HE21 H  N N 105 
GLN HE22 H  N N 106 
GLN HXT  H  N N 107 
GLU N    N  N N 108 
GLU CA   C  N S 109 
GLU C    C  N N 110 
GLU O    O  N N 111 
GLU CB   C  N N 112 
GLU CG   C  N N 113 
GLU CD   C  N N 114 
GLU OE1  O  N N 115 
GLU OE2  O  N N 116 
GLU OXT  O  N N 117 
GLU H    H  N N 118 
GLU H2   H  N N 119 
GLU HA   H  N N 120 
GLU HB2  H  N N 121 
GLU HB3  H  N N 122 
GLU HG2  H  N N 123 
GLU HG3  H  N N 124 
GLU HE2  H  N N 125 
GLU HXT  H  N N 126 
GLY N    N  N N 127 
GLY CA   C  N N 128 
GLY C    C  N N 129 
GLY O    O  N N 130 
GLY OXT  O  N N 131 
GLY H    H  N N 132 
GLY H2   H  N N 133 
GLY HA2  H  N N 134 
GLY HA3  H  N N 135 
GLY HXT  H  N N 136 
HIS N    N  N N 137 
HIS CA   C  N S 138 
HIS C    C  N N 139 
HIS O    O  N N 140 
HIS CB   C  N N 141 
HIS CG   C  Y N 142 
HIS ND1  N  Y N 143 
HIS CD2  C  Y N 144 
HIS CE1  C  Y N 145 
HIS NE2  N  Y N 146 
HIS OXT  O  N N 147 
HIS H    H  N N 148 
HIS H2   H  N N 149 
HIS HA   H  N N 150 
HIS HB2  H  N N 151 
HIS HB3  H  N N 152 
HIS HD1  H  N N 153 
HIS HD2  H  N N 154 
HIS HE1  H  N N 155 
HIS HE2  H  N N 156 
HIS HXT  H  N N 157 
HOH O    O  N N 158 
HOH H1   H  N N 159 
HOH H2   H  N N 160 
ILE N    N  N N 161 
ILE CA   C  N S 162 
ILE C    C  N N 163 
ILE O    O  N N 164 
ILE CB   C  N S 165 
ILE CG1  C  N N 166 
ILE CG2  C  N N 167 
ILE CD1  C  N N 168 
ILE OXT  O  N N 169 
ILE H    H  N N 170 
ILE H2   H  N N 171 
ILE HA   H  N N 172 
ILE HB   H  N N 173 
ILE HG12 H  N N 174 
ILE HG13 H  N N 175 
ILE HG21 H  N N 176 
ILE HG22 H  N N 177 
ILE HG23 H  N N 178 
ILE HD11 H  N N 179 
ILE HD12 H  N N 180 
ILE HD13 H  N N 181 
ILE HXT  H  N N 182 
LEU N    N  N N 183 
LEU CA   C  N S 184 
LEU C    C  N N 185 
LEU O    O  N N 186 
LEU CB   C  N N 187 
LEU CG   C  N N 188 
LEU CD1  C  N N 189 
LEU CD2  C  N N 190 
LEU OXT  O  N N 191 
LEU H    H  N N 192 
LEU H2   H  N N 193 
LEU HA   H  N N 194 
LEU HB2  H  N N 195 
LEU HB3  H  N N 196 
LEU HG   H  N N 197 
LEU HD11 H  N N 198 
LEU HD12 H  N N 199 
LEU HD13 H  N N 200 
LEU HD21 H  N N 201 
LEU HD22 H  N N 202 
LEU HD23 H  N N 203 
LEU HXT  H  N N 204 
LYS N    N  N N 205 
LYS CA   C  N S 206 
LYS C    C  N N 207 
LYS O    O  N N 208 
LYS CB   C  N N 209 
LYS CG   C  N N 210 
LYS CD   C  N N 211 
LYS CE   C  N N 212 
LYS NZ   N  N N 213 
LYS OXT  O  N N 214 
LYS H    H  N N 215 
LYS H2   H  N N 216 
LYS HA   H  N N 217 
LYS HB2  H  N N 218 
LYS HB3  H  N N 219 
LYS HG2  H  N N 220 
LYS HG3  H  N N 221 
LYS HD2  H  N N 222 
LYS HD3  H  N N 223 
LYS HE2  H  N N 224 
LYS HE3  H  N N 225 
LYS HZ1  H  N N 226 
LYS HZ2  H  N N 227 
LYS HZ3  H  N N 228 
LYS HXT  H  N N 229 
MET N    N  N N 230 
MET CA   C  N S 231 
MET C    C  N N 232 
MET O    O  N N 233 
MET CB   C  N N 234 
MET CG   C  N N 235 
MET SD   S  N N 236 
MET CE   C  N N 237 
MET OXT  O  N N 238 
MET H    H  N N 239 
MET H2   H  N N 240 
MET HA   H  N N 241 
MET HB2  H  N N 242 
MET HB3  H  N N 243 
MET HG2  H  N N 244 
MET HG3  H  N N 245 
MET HE1  H  N N 246 
MET HE2  H  N N 247 
MET HE3  H  N N 248 
MET HXT  H  N N 249 
PHE N    N  N N 250 
PHE CA   C  N S 251 
PHE C    C  N N 252 
PHE O    O  N N 253 
PHE CB   C  N N 254 
PHE CG   C  Y N 255 
PHE CD1  C  Y N 256 
PHE CD2  C  Y N 257 
PHE CE1  C  Y N 258 
PHE CE2  C  Y N 259 
PHE CZ   C  Y N 260 
PHE OXT  O  N N 261 
PHE H    H  N N 262 
PHE H2   H  N N 263 
PHE HA   H  N N 264 
PHE HB2  H  N N 265 
PHE HB3  H  N N 266 
PHE HD1  H  N N 267 
PHE HD2  H  N N 268 
PHE HE1  H  N N 269 
PHE HE2  H  N N 270 
PHE HZ   H  N N 271 
PHE HXT  H  N N 272 
PRO N    N  N N 273 
PRO CA   C  N S 274 
PRO C    C  N N 275 
PRO O    O  N N 276 
PRO CB   C  N N 277 
PRO CG   C  N N 278 
PRO CD   C  N N 279 
PRO OXT  O  N N 280 
PRO H    H  N N 281 
PRO HA   H  N N 282 
PRO HB2  H  N N 283 
PRO HB3  H  N N 284 
PRO HG2  H  N N 285 
PRO HG3  H  N N 286 
PRO HD2  H  N N 287 
PRO HD3  H  N N 288 
PRO HXT  H  N N 289 
SER N    N  N N 290 
SER CA   C  N S 291 
SER C    C  N N 292 
SER O    O  N N 293 
SER CB   C  N N 294 
SER OG   O  N N 295 
SER OXT  O  N N 296 
SER H    H  N N 297 
SER H2   H  N N 298 
SER HA   H  N N 299 
SER HB2  H  N N 300 
SER HB3  H  N N 301 
SER HG   H  N N 302 
SER HXT  H  N N 303 
SO4 S    S  N N 304 
SO4 O1   O  N N 305 
SO4 O2   O  N N 306 
SO4 O3   O  N N 307 
SO4 O4   O  N N 308 
THR N    N  N N 309 
THR CA   C  N S 310 
THR C    C  N N 311 
THR O    O  N N 312 
THR CB   C  N R 313 
THR OG1  O  N N 314 
THR CG2  C  N N 315 
THR OXT  O  N N 316 
THR H    H  N N 317 
THR H2   H  N N 318 
THR HA   H  N N 319 
THR HB   H  N N 320 
THR HG1  H  N N 321 
THR HG21 H  N N 322 
THR HG22 H  N N 323 
THR HG23 H  N N 324 
THR HXT  H  N N 325 
TRP N    N  N N 326 
TRP CA   C  N S 327 
TRP C    C  N N 328 
TRP O    O  N N 329 
TRP CB   C  N N 330 
TRP CG   C  Y N 331 
TRP CD1  C  Y N 332 
TRP CD2  C  Y N 333 
TRP NE1  N  Y N 334 
TRP CE2  C  Y N 335 
TRP CE3  C  Y N 336 
TRP CZ2  C  Y N 337 
TRP CZ3  C  Y N 338 
TRP CH2  C  Y N 339 
TRP OXT  O  N N 340 
TRP H    H  N N 341 
TRP H2   H  N N 342 
TRP HA   H  N N 343 
TRP HB2  H  N N 344 
TRP HB3  H  N N 345 
TRP HD1  H  N N 346 
TRP HE1  H  N N 347 
TRP HE3  H  N N 348 
TRP HZ2  H  N N 349 
TRP HZ3  H  N N 350 
TRP HH2  H  N N 351 
TRP HXT  H  N N 352 
TYR N    N  N N 353 
TYR CA   C  N S 354 
TYR C    C  N N 355 
TYR O    O  N N 356 
TYR CB   C  N N 357 
TYR CG   C  Y N 358 
TYR CD1  C  Y N 359 
TYR CD2  C  Y N 360 
TYR CE1  C  Y N 361 
TYR CE2  C  Y N 362 
TYR CZ   C  Y N 363 
TYR OH   O  N N 364 
TYR OXT  O  N N 365 
TYR H    H  N N 366 
TYR H2   H  N N 367 
TYR HA   H  N N 368 
TYR HB2  H  N N 369 
TYR HB3  H  N N 370 
TYR HD1  H  N N 371 
TYR HD2  H  N N 372 
TYR HE1  H  N N 373 
TYR HE2  H  N N 374 
TYR HH   H  N N 375 
TYR HXT  H  N N 376 
VAL N    N  N N 377 
VAL CA   C  N S 378 
VAL C    C  N N 379 
VAL O    O  N N 380 
VAL CB   C  N N 381 
VAL CG1  C  N N 382 
VAL CG2  C  N N 383 
VAL OXT  O  N N 384 
VAL H    H  N N 385 
VAL H2   H  N N 386 
VAL HA   H  N N 387 
VAL HB   H  N N 388 
VAL HG11 H  N N 389 
VAL HG12 H  N N 390 
VAL HG13 H  N N 391 
VAL HG21 H  N N 392 
VAL HG22 H  N N 393 
VAL HG23 H  N N 394 
VAL HXT  H  N N 395 
ZN  ZN   ZN N N 396 
# 
loop_
_chem_comp_bond.comp_id 
_chem_comp_bond.atom_id_1 
_chem_comp_bond.atom_id_2 
_chem_comp_bond.value_order 
_chem_comp_bond.pdbx_aromatic_flag 
_chem_comp_bond.pdbx_stereo_config 
_chem_comp_bond.pdbx_ordinal 
ALA N   CA   sing N N 1   
ALA N   H    sing N N 2   
ALA N   H2   sing N N 3   
ALA CA  C    sing N N 4   
ALA CA  CB   sing N N 5   
ALA CA  HA   sing N N 6   
ALA C   O    doub N N 7   
ALA C   OXT  sing N N 8   
ALA CB  HB1  sing N N 9   
ALA CB  HB2  sing N N 10  
ALA CB  HB3  sing N N 11  
ALA OXT HXT  sing N N 12  
ARG N   CA   sing N N 13  
ARG N   H    sing N N 14  
ARG N   H2   sing N N 15  
ARG CA  C    sing N N 16  
ARG CA  CB   sing N N 17  
ARG CA  HA   sing N N 18  
ARG C   O    doub N N 19  
ARG C   OXT  sing N N 20  
ARG CB  CG   sing N N 21  
ARG CB  HB2  sing N N 22  
ARG CB  HB3  sing N N 23  
ARG CG  CD   sing N N 24  
ARG CG  HG2  sing N N 25  
ARG CG  HG3  sing N N 26  
ARG CD  NE   sing N N 27  
ARG CD  HD2  sing N N 28  
ARG CD  HD3  sing N N 29  
ARG NE  CZ   sing N N 30  
ARG NE  HE   sing N N 31  
ARG CZ  NH1  sing N N 32  
ARG CZ  NH2  doub N N 33  
ARG NH1 HH11 sing N N 34  
ARG NH1 HH12 sing N N 35  
ARG NH2 HH21 sing N N 36  
ARG NH2 HH22 sing N N 37  
ARG OXT HXT  sing N N 38  
ASN N   CA   sing N N 39  
ASN N   H    sing N N 40  
ASN N   H2   sing N N 41  
ASN CA  C    sing N N 42  
ASN CA  CB   sing N N 43  
ASN CA  HA   sing N N 44  
ASN C   O    doub N N 45  
ASN C   OXT  sing N N 46  
ASN CB  CG   sing N N 47  
ASN CB  HB2  sing N N 48  
ASN CB  HB3  sing N N 49  
ASN CG  OD1  doub N N 50  
ASN CG  ND2  sing N N 51  
ASN ND2 HD21 sing N N 52  
ASN ND2 HD22 sing N N 53  
ASN OXT HXT  sing N N 54  
ASP N   CA   sing N N 55  
ASP N   H    sing N N 56  
ASP N   H2   sing N N 57  
ASP CA  C    sing N N 58  
ASP CA  CB   sing N N 59  
ASP CA  HA   sing N N 60  
ASP C   O    doub N N 61  
ASP C   OXT  sing N N 62  
ASP CB  CG   sing N N 63  
ASP CB  HB2  sing N N 64  
ASP CB  HB3  sing N N 65  
ASP CG  OD1  doub N N 66  
ASP CG  OD2  sing N N 67  
ASP OD2 HD2  sing N N 68  
ASP OXT HXT  sing N N 69  
CYS N   CA   sing N N 70  
CYS N   H    sing N N 71  
CYS N   H2   sing N N 72  
CYS CA  C    sing N N 73  
CYS CA  CB   sing N N 74  
CYS CA  HA   sing N N 75  
CYS C   O    doub N N 76  
CYS C   OXT  sing N N 77  
CYS CB  SG   sing N N 78  
CYS CB  HB2  sing N N 79  
CYS CB  HB3  sing N N 80  
CYS SG  HG   sing N N 81  
CYS OXT HXT  sing N N 82  
GLN N   CA   sing N N 83  
GLN N   H    sing N N 84  
GLN N   H2   sing N N 85  
GLN CA  C    sing N N 86  
GLN CA  CB   sing N N 87  
GLN CA  HA   sing N N 88  
GLN C   O    doub N N 89  
GLN C   OXT  sing N N 90  
GLN CB  CG   sing N N 91  
GLN CB  HB2  sing N N 92  
GLN CB  HB3  sing N N 93  
GLN CG  CD   sing N N 94  
GLN CG  HG2  sing N N 95  
GLN CG  HG3  sing N N 96  
GLN CD  OE1  doub N N 97  
GLN CD  NE2  sing N N 98  
GLN NE2 HE21 sing N N 99  
GLN NE2 HE22 sing N N 100 
GLN OXT HXT  sing N N 101 
GLU N   CA   sing N N 102 
GLU N   H    sing N N 103 
GLU N   H2   sing N N 104 
GLU CA  C    sing N N 105 
GLU CA  CB   sing N N 106 
GLU CA  HA   sing N N 107 
GLU C   O    doub N N 108 
GLU C   OXT  sing N N 109 
GLU CB  CG   sing N N 110 
GLU CB  HB2  sing N N 111 
GLU CB  HB3  sing N N 112 
GLU CG  CD   sing N N 113 
GLU CG  HG2  sing N N 114 
GLU CG  HG3  sing N N 115 
GLU CD  OE1  doub N N 116 
GLU CD  OE2  sing N N 117 
GLU OE2 HE2  sing N N 118 
GLU OXT HXT  sing N N 119 
GLY N   CA   sing N N 120 
GLY N   H    sing N N 121 
GLY N   H2   sing N N 122 
GLY CA  C    sing N N 123 
GLY CA  HA2  sing N N 124 
GLY CA  HA3  sing N N 125 
GLY C   O    doub N N 126 
GLY C   OXT  sing N N 127 
GLY OXT HXT  sing N N 128 
HIS N   CA   sing N N 129 
HIS N   H    sing N N 130 
HIS N   H2   sing N N 131 
HIS CA  C    sing N N 132 
HIS CA  CB   sing N N 133 
HIS CA  HA   sing N N 134 
HIS C   O    doub N N 135 
HIS C   OXT  sing N N 136 
HIS CB  CG   sing N N 137 
HIS CB  HB2  sing N N 138 
HIS CB  HB3  sing N N 139 
HIS CG  ND1  sing Y N 140 
HIS CG  CD2  doub Y N 141 
HIS ND1 CE1  doub Y N 142 
HIS ND1 HD1  sing N N 143 
HIS CD2 NE2  sing Y N 144 
HIS CD2 HD2  sing N N 145 
HIS CE1 NE2  sing Y N 146 
HIS CE1 HE1  sing N N 147 
HIS NE2 HE2  sing N N 148 
HIS OXT HXT  sing N N 149 
HOH O   H1   sing N N 150 
HOH O   H2   sing N N 151 
ILE N   CA   sing N N 152 
ILE N   H    sing N N 153 
ILE N   H2   sing N N 154 
ILE CA  C    sing N N 155 
ILE CA  CB   sing N N 156 
ILE CA  HA   sing N N 157 
ILE C   O    doub N N 158 
ILE C   OXT  sing N N 159 
ILE CB  CG1  sing N N 160 
ILE CB  CG2  sing N N 161 
ILE CB  HB   sing N N 162 
ILE CG1 CD1  sing N N 163 
ILE CG1 HG12 sing N N 164 
ILE CG1 HG13 sing N N 165 
ILE CG2 HG21 sing N N 166 
ILE CG2 HG22 sing N N 167 
ILE CG2 HG23 sing N N 168 
ILE CD1 HD11 sing N N 169 
ILE CD1 HD12 sing N N 170 
ILE CD1 HD13 sing N N 171 
ILE OXT HXT  sing N N 172 
LEU N   CA   sing N N 173 
LEU N   H    sing N N 174 
LEU N   H2   sing N N 175 
LEU CA  C    sing N N 176 
LEU CA  CB   sing N N 177 
LEU CA  HA   sing N N 178 
LEU C   O    doub N N 179 
LEU C   OXT  sing N N 180 
LEU CB  CG   sing N N 181 
LEU CB  HB2  sing N N 182 
LEU CB  HB3  sing N N 183 
LEU CG  CD1  sing N N 184 
LEU CG  CD2  sing N N 185 
LEU CG  HG   sing N N 186 
LEU CD1 HD11 sing N N 187 
LEU CD1 HD12 sing N N 188 
LEU CD1 HD13 sing N N 189 
LEU CD2 HD21 sing N N 190 
LEU CD2 HD22 sing N N 191 
LEU CD2 HD23 sing N N 192 
LEU OXT HXT  sing N N 193 
LYS N   CA   sing N N 194 
LYS N   H    sing N N 195 
LYS N   H2   sing N N 196 
LYS CA  C    sing N N 197 
LYS CA  CB   sing N N 198 
LYS CA  HA   sing N N 199 
LYS C   O    doub N N 200 
LYS C   OXT  sing N N 201 
LYS CB  CG   sing N N 202 
LYS CB  HB2  sing N N 203 
LYS CB  HB3  sing N N 204 
LYS CG  CD   sing N N 205 
LYS CG  HG2  sing N N 206 
LYS CG  HG3  sing N N 207 
LYS CD  CE   sing N N 208 
LYS CD  HD2  sing N N 209 
LYS CD  HD3  sing N N 210 
LYS CE  NZ   sing N N 211 
LYS CE  HE2  sing N N 212 
LYS CE  HE3  sing N N 213 
LYS NZ  HZ1  sing N N 214 
LYS NZ  HZ2  sing N N 215 
LYS NZ  HZ3  sing N N 216 
LYS OXT HXT  sing N N 217 
MET N   CA   sing N N 218 
MET N   H    sing N N 219 
MET N   H2   sing N N 220 
MET CA  C    sing N N 221 
MET CA  CB   sing N N 222 
MET CA  HA   sing N N 223 
MET C   O    doub N N 224 
MET C   OXT  sing N N 225 
MET CB  CG   sing N N 226 
MET CB  HB2  sing N N 227 
MET CB  HB3  sing N N 228 
MET CG  SD   sing N N 229 
MET CG  HG2  sing N N 230 
MET CG  HG3  sing N N 231 
MET SD  CE   sing N N 232 
MET CE  HE1  sing N N 233 
MET CE  HE2  sing N N 234 
MET CE  HE3  sing N N 235 
MET OXT HXT  sing N N 236 
PHE N   CA   sing N N 237 
PHE N   H    sing N N 238 
PHE N   H2   sing N N 239 
PHE CA  C    sing N N 240 
PHE CA  CB   sing N N 241 
PHE CA  HA   sing N N 242 
PHE C   O    doub N N 243 
PHE C   OXT  sing N N 244 
PHE CB  CG   sing N N 245 
PHE CB  HB2  sing N N 246 
PHE CB  HB3  sing N N 247 
PHE CG  CD1  doub Y N 248 
PHE CG  CD2  sing Y N 249 
PHE CD1 CE1  sing Y N 250 
PHE CD1 HD1  sing N N 251 
PHE CD2 CE2  doub Y N 252 
PHE CD2 HD2  sing N N 253 
PHE CE1 CZ   doub Y N 254 
PHE CE1 HE1  sing N N 255 
PHE CE2 CZ   sing Y N 256 
PHE CE2 HE2  sing N N 257 
PHE CZ  HZ   sing N N 258 
PHE OXT HXT  sing N N 259 
PRO N   CA   sing N N 260 
PRO N   CD   sing N N 261 
PRO N   H    sing N N 262 
PRO CA  C    sing N N 263 
PRO CA  CB   sing N N 264 
PRO CA  HA   sing N N 265 
PRO C   O    doub N N 266 
PRO C   OXT  sing N N 267 
PRO CB  CG   sing N N 268 
PRO CB  HB2  sing N N 269 
PRO CB  HB3  sing N N 270 
PRO CG  CD   sing N N 271 
PRO CG  HG2  sing N N 272 
PRO CG  HG3  sing N N 273 
PRO CD  HD2  sing N N 274 
PRO CD  HD3  sing N N 275 
PRO OXT HXT  sing N N 276 
SER N   CA   sing N N 277 
SER N   H    sing N N 278 
SER N   H2   sing N N 279 
SER CA  C    sing N N 280 
SER CA  CB   sing N N 281 
SER CA  HA   sing N N 282 
SER C   O    doub N N 283 
SER C   OXT  sing N N 284 
SER CB  OG   sing N N 285 
SER CB  HB2  sing N N 286 
SER CB  HB3  sing N N 287 
SER OG  HG   sing N N 288 
SER OXT HXT  sing N N 289 
SO4 S   O1   doub N N 290 
SO4 S   O2   doub N N 291 
SO4 S   O3   sing N N 292 
SO4 S   O4   sing N N 293 
THR N   CA   sing N N 294 
THR N   H    sing N N 295 
THR N   H2   sing N N 296 
THR CA  C    sing N N 297 
THR CA  CB   sing N N 298 
THR CA  HA   sing N N 299 
THR C   O    doub N N 300 
THR C   OXT  sing N N 301 
THR CB  OG1  sing N N 302 
THR CB  CG2  sing N N 303 
THR CB  HB   sing N N 304 
THR OG1 HG1  sing N N 305 
THR CG2 HG21 sing N N 306 
THR CG2 HG22 sing N N 307 
THR CG2 HG23 sing N N 308 
THR OXT HXT  sing N N 309 
TRP N   CA   sing N N 310 
TRP N   H    sing N N 311 
TRP N   H2   sing N N 312 
TRP CA  C    sing N N 313 
TRP CA  CB   sing N N 314 
TRP CA  HA   sing N N 315 
TRP C   O    doub N N 316 
TRP C   OXT  sing N N 317 
TRP CB  CG   sing N N 318 
TRP CB  HB2  sing N N 319 
TRP CB  HB3  sing N N 320 
TRP CG  CD1  doub Y N 321 
TRP CG  CD2  sing Y N 322 
TRP CD1 NE1  sing Y N 323 
TRP CD1 HD1  sing N N 324 
TRP CD2 CE2  doub Y N 325 
TRP CD2 CE3  sing Y N 326 
TRP NE1 CE2  sing Y N 327 
TRP NE1 HE1  sing N N 328 
TRP CE2 CZ2  sing Y N 329 
TRP CE3 CZ3  doub Y N 330 
TRP CE3 HE3  sing N N 331 
TRP CZ2 CH2  doub Y N 332 
TRP CZ2 HZ2  sing N N 333 
TRP CZ3 CH2  sing Y N 334 
TRP CZ3 HZ3  sing N N 335 
TRP CH2 HH2  sing N N 336 
TRP OXT HXT  sing N N 337 
TYR N   CA   sing N N 338 
TYR N   H    sing N N 339 
TYR N   H2   sing N N 340 
TYR CA  C    sing N N 341 
TYR CA  CB   sing N N 342 
TYR CA  HA   sing N N 343 
TYR C   O    doub N N 344 
TYR C   OXT  sing N N 345 
TYR CB  CG   sing N N 346 
TYR CB  HB2  sing N N 347 
TYR CB  HB3  sing N N 348 
TYR CG  CD1  doub Y N 349 
TYR CG  CD2  sing Y N 350 
TYR CD1 CE1  sing Y N 351 
TYR CD1 HD1  sing N N 352 
TYR CD2 CE2  doub Y N 353 
TYR CD2 HD2  sing N N 354 
TYR CE1 CZ   doub Y N 355 
TYR CE1 HE1  sing N N 356 
TYR CE2 CZ   sing Y N 357 
TYR CE2 HE2  sing N N 358 
TYR CZ  OH   sing N N 359 
TYR OH  HH   sing N N 360 
TYR OXT HXT  sing N N 361 
VAL N   CA   sing N N 362 
VAL N   H    sing N N 363 
VAL N   H2   sing N N 364 
VAL CA  C    sing N N 365 
VAL CA  CB   sing N N 366 
VAL CA  HA   sing N N 367 
VAL C   O    doub N N 368 
VAL C   OXT  sing N N 369 
VAL CB  CG1  sing N N 370 
VAL CB  CG2  sing N N 371 
VAL CB  HB   sing N N 372 
VAL CG1 HG11 sing N N 373 
VAL CG1 HG12 sing N N 374 
VAL CG1 HG13 sing N N 375 
VAL CG2 HG21 sing N N 376 
VAL CG2 HG22 sing N N 377 
VAL CG2 HG23 sing N N 378 
VAL OXT HXT  sing N N 379 
# 
_atom_sites.entry_id                    1B1B 
_atom_sites.fract_transf_matrix[1][1]   -0.00913619 
_atom_sites.fract_transf_matrix[1][2]   -0.00474335 
_atom_sites.fract_transf_matrix[1][3]   0.00703735 
_atom_sites.fract_transf_matrix[2][1]   -0.00655230 
_atom_sites.fract_transf_matrix[2][2]   -0.00980059 
_atom_sites.fract_transf_matrix[2][3]   -0.00406407 
_atom_sites.fract_transf_matrix[3][1]   0.01036910 
_atom_sites.fract_transf_matrix[3][2]   -0.00978084 
_atom_sites.fract_transf_matrix[3][3]   0.00686909 
_atom_sites.fract_transf_vector[1]      0.338357 
_atom_sites.fract_transf_vector[2]      0.458708 
_atom_sites.fract_transf_vector[3]      0.000041 
# 
loop_
_atom_type.symbol 
C  
H  
N  
O  
S  
ZN 
# 
loop_
_atom_site.group_PDB 
_atom_site.id 
_atom_site.type_symbol 
_atom_site.label_atom_id 
_atom_site.label_alt_id 
_atom_site.label_comp_id 
_atom_site.label_asym_id 
_atom_site.label_entity_id 
_atom_site.label_seq_id 
_atom_site.pdbx_PDB_ins_code 
_atom_site.Cartn_x 
_atom_site.Cartn_y 
_atom_site.Cartn_z 
_atom_site.occupancy 
_atom_site.B_iso_or_equiv 
_atom_site.pdbx_formal_charge 
_atom_site.auth_seq_id 
_atom_site.auth_comp_id 
_atom_site.auth_asym_id 
_atom_site.auth_atom_id 
_atom_site.pdbx_PDB_model_num 
ATOM   1    N  N    . MET A 1 1   ? -0.365  -5.072  14.670  1.00 76.67  ? 1   MET A N    1 
ATOM   2    C  CA   . MET A 1 1   ? -1.320  -4.020  14.227  1.00 83.64  ? 1   MET A CA   1 
ATOM   3    C  C    . MET A 1 1   ? -0.558  -2.700  14.309  1.00 86.01  ? 1   MET A C    1 
ATOM   4    O  O    . MET A 1 1   ? 0.435   -2.520  13.611  1.00 84.87  ? 1   MET A O    1 
ATOM   5    C  CB   . MET A 1 1   ? -2.572  -3.994  15.121  1.00 85.48  ? 1   MET A CB   1 
ATOM   6    C  CG   . MET A 1 1   ? -3.903  -3.888  14.346  1.00 85.73  ? 1   MET A CG   1 
ATOM   7    S  SD   . MET A 1 1   ? -5.385  -3.303  15.271  1.00 76.97  ? 1   MET A SD   1 
ATOM   8    C  CE   . MET A 1 1   ? -5.355  -1.531  14.876  1.00 79.50  ? 1   MET A CE   1 
ATOM   9    H  H1   . MET A 1 1   ? 0.012   -4.857  15.612  1.00 0.00   ? 1   MET A H1   1 
ATOM   10   H  H2   . MET A 1 1   ? -0.781  -6.014  14.585  1.00 0.00   ? 1   MET A H2   1 
ATOM   11   H  H3   . MET A 1 1   ? 0.426   -4.954  13.988  1.00 0.00   ? 1   MET A H3   1 
ATOM   12   N  N    . ASN A 1 2   ? -1.001  -1.799  15.171  1.00 92.82  ? 2   ASN A N    1 
ATOM   13   C  CA   . ASN A 1 2   ? -0.343  -0.514  15.361  1.00 96.85  ? 2   ASN A CA   1 
ATOM   14   C  C    . ASN A 1 2   ? -0.361  0.318   14.099  1.00 97.08  ? 2   ASN A C    1 
ATOM   15   O  O    . ASN A 1 2   ? 0.668   0.865   13.704  1.00 100.84 ? 2   ASN A O    1 
ATOM   16   C  CB   . ASN A 1 2   ? 1.100   -0.718  15.829  1.00 97.98  ? 2   ASN A CB   1 
ATOM   17   C  CG   . ASN A 1 2   ? 1.186   -1.604  17.037  1.00 100.56 ? 2   ASN A CG   1 
ATOM   18   O  OD1  . ASN A 1 2   ? 1.826   -2.649  17.004  1.00 97.84  ? 2   ASN A OD1  1 
ATOM   19   N  ND2  . ASN A 1 2   ? 0.470   -1.226  18.090  1.00 106.62 ? 2   ASN A ND2  1 
ATOM   20   H  H    . ASN A 1 2   ? -1.785  -1.926  15.743  1.00 0.00   ? 2   ASN A H    1 
ATOM   21   H  HD21 . ASN A 1 2   ? 0.520   -1.777  18.894  1.00 0.00   ? 2   ASN A HD21 1 
ATOM   22   H  HD22 . ASN A 1 2   ? -0.077  -0.410  18.035  1.00 0.00   ? 2   ASN A HD22 1 
ATOM   23   N  N    . GLU A 1 3   ? -1.523  0.384   13.449  1.00 93.81  ? 3   GLU A N    1 
ATOM   24   C  CA   . GLU A 1 3   ? -1.679  1.155   12.229  1.00 95.63  ? 3   GLU A CA   1 
ATOM   25   C  C    . GLU A 1 3   ? -0.984  0.488   11.052  1.00 93.97  ? 3   GLU A C    1 
ATOM   26   O  O    . GLU A 1 3   ? -1.215  0.834   9.902   1.00 92.57  ? 3   GLU A O    1 
ATOM   27   C  CB   . GLU A 1 3   ? -1.214  2.593   12.446  1.00 102.30 ? 3   GLU A CB   1 
ATOM   28   C  CG   . GLU A 1 3   ? -2.105  3.444   13.388  1.00 102.74 ? 3   GLU A CG   1 
ATOM   29   C  CD   . GLU A 1 3   ? -2.366  2.796   14.740  1.00 102.38 ? 3   GLU A CD   1 
ATOM   30   O  OE1  . GLU A 1 3   ? -1.566  3.003   15.680  1.00 102.30 ? 3   GLU A OE1  1 
ATOM   31   O  OE2  . GLU A 1 3   ? -3.384  2.060   14.875  1.00 102.26 ? 3   GLU A OE2  1 
ATOM   32   H  H    . GLU A 1 3   ? -2.302  -0.103  13.789  1.00 0.00   ? 3   GLU A H    1 
ATOM   33   N  N    . LEU A 1 4   ? -0.122  -0.478  11.368  1.00 92.26  ? 4   LEU A N    1 
ATOM   34   C  CA   . LEU A 1 4   ? 0.582   -1.280  10.377  1.00 88.78  ? 4   LEU A CA   1 
ATOM   35   C  C    . LEU A 1 4   ? -0.125  -2.607  10.634  1.00 88.16  ? 4   LEU A C    1 
ATOM   36   O  O    . LEU A 1 4   ? 0.490   -3.634  10.919  1.00 92.99  ? 4   LEU A O    1 
ATOM   37   C  CB   . LEU A 1 4   ? 2.064   -1.390  10.727  1.00 84.79  ? 4   LEU A CB   1 
ATOM   38   H  H    . LEU A 1 4   ? 0.141   -0.705  12.272  1.00 0.00   ? 4   LEU A H    1 
ATOM   39   N  N    . VAL A 1 5   ? -1.464  -2.544  10.574  1.00 87.91  ? 5   VAL A N    1 
ATOM   40   C  CA   . VAL A 1 5   ? -2.332  -3.676  10.857  1.00 82.31  ? 5   VAL A CA   1 
ATOM   41   C  C    . VAL A 1 5   ? -2.050  -4.975  10.091  1.00 81.00  ? 5   VAL A C    1 
ATOM   42   O  O    . VAL A 1 5   ? -2.553  -6.036  10.461  1.00 85.49  ? 5   VAL A O    1 
ATOM   43   C  CB   . VAL A 1 5   ? -3.864  -3.255  10.792  1.00 74.11  ? 5   VAL A CB   1 
ATOM   44   C  CG1  . VAL A 1 5   ? -4.102  -2.014  11.639  1.00 66.88  ? 5   VAL A CG1  1 
ATOM   45   C  CG2  . VAL A 1 5   ? -4.282  -2.963  9.413   1.00 68.77  ? 5   VAL A CG2  1 
ATOM   46   H  H    . VAL A 1 5   ? -1.855  -1.696  10.282  1.00 0.00   ? 5   VAL A H    1 
ATOM   47   N  N    . ASP A 1 6   ? -1.171  -4.897  9.097   1.00 77.71  ? 6   ASP A N    1 
ATOM   48   C  CA   . ASP A 1 6   ? -0.785  -6.055  8.297   1.00 77.81  ? 6   ASP A CA   1 
ATOM   49   C  C    . ASP A 1 6   ? 0.636   -5.807  7.783   1.00 77.87  ? 6   ASP A C    1 
ATOM   50   O  O    . ASP A 1 6   ? 0.842   -5.070  6.810   1.00 75.83  ? 6   ASP A O    1 
ATOM   51   C  CB   . ASP A 1 6   ? -1.756  -6.244  7.112   1.00 75.46  ? 6   ASP A CB   1 
ATOM   52   C  CG   . ASP A 1 6   ? -1.701  -7.635  6.497   1.00 71.68  ? 6   ASP A CG   1 
ATOM   53   O  OD1  . ASP A 1 6   ? -0.664  -8.332  6.581   1.00 73.61  ? 6   ASP A OD1  1 
ATOM   54   O  OD2  . ASP A 1 6   ? -2.726  -8.054  5.902   1.00 69.57  ? 6   ASP A OD2  1 
ATOM   55   H  H    . ASP A 1 6   ? -0.734  -4.053  8.883   1.00 0.00   ? 6   ASP A H    1 
ATOM   56   N  N    . THR A 1 7   ? 1.621   -6.408  8.449   1.00 74.66  ? 7   THR A N    1 
ATOM   57   C  CA   . THR A 1 7   ? 3.017   -6.244  8.064   1.00 71.58  ? 7   THR A CA   1 
ATOM   58   C  C    . THR A 1 7   ? 3.249   -6.628  6.606   1.00 71.44  ? 7   THR A C    1 
ATOM   59   O  O    . THR A 1 7   ? 3.744   -5.805  5.845   1.00 78.30  ? 7   THR A O    1 
ATOM   60   C  CB   . THR A 1 7   ? 3.936   -7.067  8.957   1.00 77.23  ? 7   THR A CB   1 
ATOM   61   O  OG1  . THR A 1 7   ? 3.713   -8.465  8.705   1.00 82.89  ? 7   THR A OG1  1 
ATOM   62   C  CG2  . THR A 1 7   ? 3.652   -6.763  10.427  1.00 75.29  ? 7   THR A CG2  1 
ATOM   63   H  H    . THR A 1 7   ? 1.399   -6.986  9.208   1.00 0.00   ? 7   THR A H    1 
ATOM   64   H  HG1  . THR A 1 7   ? 4.405   -9.003  9.131   1.00 0.00   ? 7   THR A HG1  1 
ATOM   65   N  N    . THR A 1 8   ? 2.885   -7.857  6.242   1.00 66.66  ? 8   THR A N    1 
ATOM   66   C  CA   . THR A 1 8   ? 3.038   -8.345  4.866   1.00 60.85  ? 8   THR A CA   1 
ATOM   67   C  C    . THR A 1 8   ? 2.647   -7.276  3.862   1.00 60.26  ? 8   THR A C    1 
ATOM   68   O  O    . THR A 1 8   ? 3.421   -6.938  2.971   1.00 65.52  ? 8   THR A O    1 
ATOM   69   C  CB   . THR A 1 8   ? 2.166   -9.626  4.600   1.00 60.05  ? 8   THR A CB   1 
ATOM   70   O  OG1  . THR A 1 8   ? 2.723   -10.743 5.319   1.00 69.56  ? 8   THR A OG1  1 
ATOM   71   C  CG2  . THR A 1 8   ? 2.114   -9.977  3.124   1.00 51.92  ? 8   THR A CG2  1 
ATOM   72   H  H    . THR A 1 8   ? 2.551   -8.485  6.912   1.00 0.00   ? 8   THR A H    1 
ATOM   73   H  HG1  . THR A 1 8   ? 3.574   -11.001 4.921   1.00 0.00   ? 8   THR A HG1  1 
ATOM   74   N  N    . GLU A 1 9   ? 1.470   -6.695  4.060   1.00 52.82  ? 9   GLU A N    1 
ATOM   75   C  CA   . GLU A 1 9   ? 0.965   -5.660  3.154   1.00 45.68  ? 9   GLU A CA   1 
ATOM   76   C  C    . GLU A 1 9   ? 1.742   -4.353  3.301   1.00 42.20  ? 9   GLU A C    1 
ATOM   77   O  O    . GLU A 1 9   ? 1.972   -3.660  2.312   1.00 37.84  ? 9   GLU A O    1 
ATOM   78   C  CB   . GLU A 1 9   ? -0.537  -5.446  3.333   1.00 46.78  ? 9   GLU A CB   1 
ATOM   79   C  CG   . GLU A 1 9   ? -1.350  -6.706  2.976   1.00 43.42  ? 9   GLU A CG   1 
ATOM   80   C  CD   . GLU A 1 9   ? -2.867  -6.506  3.059   1.00 38.74  ? 9   GLU A CD   1 
ATOM   81   O  OE1  . GLU A 1 9   ? -3.351  -5.888  4.024   1.00 40.21  ? 9   GLU A OE1  1 
ATOM   82   O  OE2  . GLU A 1 9   ? -3.569  -7.009  2.170   1.00 40.06  ? 9   GLU A OE2  1 
ATOM   83   H  H    . GLU A 1 9   ? 0.920   -6.944  4.829   1.00 0.00   ? 9   GLU A H    1 
ATOM   84   N  N    . MET A 1 10  ? 2.199   -4.050  4.517   1.00 43.36  ? 10  MET A N    1 
ATOM   85   C  CA   . MET A 1 10  ? 2.964   -2.831  4.722   1.00 44.07  ? 10  MET A CA   1 
ATOM   86   C  C    . MET A 1 10  ? 4.273   -2.865  3.963   1.00 51.60  ? 10  MET A C    1 
ATOM   87   O  O    . MET A 1 10  ? 4.576   -1.941  3.218   1.00 57.09  ? 10  MET A O    1 
ATOM   88   C  CB   . MET A 1 10  ? 3.214   -2.557  6.193   1.00 44.22  ? 10  MET A CB   1 
ATOM   89   C  CG   . MET A 1 10  ? 2.031   -1.931  6.896   1.00 44.26  ? 10  MET A CG   1 
ATOM   90   S  SD   . MET A 1 10  ? 1.125   -0.626  5.919   1.00 42.40  ? 10  MET A SD   1 
ATOM   91   C  CE   . MET A 1 10  ? 2.555   0.292   5.193   1.00 33.61  ? 10  MET A CE   1 
ATOM   92   H  H    . MET A 1 10  ? 2.026   -4.650  5.265   1.00 0.00   ? 10  MET A H    1 
ATOM   93   N  N    . TYR A 1 11  ? 5.033   -3.940  4.141   1.00 53.58  ? 11  TYR A N    1 
ATOM   94   C  CA   . TYR A 1 11  ? 6.311   -4.105  3.443   1.00 46.53  ? 11  TYR A CA   1 
ATOM   95   C  C    . TYR A 1 11  ? 6.100   -3.935  1.946   1.00 43.25  ? 11  TYR A C    1 
ATOM   96   O  O    . TYR A 1 11  ? 6.751   -3.126  1.302   1.00 54.77  ? 11  TYR A O    1 
ATOM   97   C  CB   . TYR A 1 11  ? 6.920   -5.487  3.735   1.00 37.04  ? 11  TYR A CB   1 
ATOM   98   C  CG   . TYR A 1 11  ? 7.666   -5.587  5.060   1.00 30.23  ? 11  TYR A CG   1 
ATOM   99   C  CD1  . TYR A 1 11  ? 7.023   -5.348  6.274   1.00 27.63  ? 11  TYR A CD1  1 
ATOM   100  C  CD2  . TYR A 1 11  ? 9.017   -5.900  5.091   1.00 29.83  ? 11  TYR A CD2  1 
ATOM   101  C  CE1  . TYR A 1 11  ? 7.702   -5.435  7.483   1.00 34.49  ? 11  TYR A CE1  1 
ATOM   102  C  CE2  . TYR A 1 11  ? 9.716   -5.995  6.291   1.00 29.50  ? 11  TYR A CE2  1 
ATOM   103  C  CZ   . TYR A 1 11  ? 9.059   -5.760  7.480   1.00 32.08  ? 11  TYR A CZ   1 
ATOM   104  O  OH   . TYR A 1 11  ? 9.765   -5.835  8.650   1.00 28.95  ? 11  TYR A OH   1 
ATOM   105  H  H    . TYR A 1 11  ? 4.720   -4.631  4.759   1.00 0.00   ? 11  TYR A H    1 
ATOM   106  H  HH   . TYR A 1 11  ? 10.680  -5.985  8.447   1.00 0.00   ? 11  TYR A HH   1 
ATOM   107  N  N    . LEU A 1 12  ? 5.153   -4.689  1.405   1.00 40.01  ? 12  LEU A N    1 
ATOM   108  C  CA   . LEU A 1 12  ? 4.853   -4.619  -0.005  1.00 38.72  ? 12  LEU A CA   1 
ATOM   109  C  C    . LEU A 1 12  ? 4.522   -3.190  -0.419  1.00 37.17  ? 12  LEU A C    1 
ATOM   110  O  O    . LEU A 1 12  ? 5.050   -2.667  -1.400  1.00 40.07  ? 12  LEU A O    1 
ATOM   111  C  CB   . LEU A 1 12  ? 3.655   -5.538  -0.329  1.00 39.91  ? 12  LEU A CB   1 
ATOM   112  C  CG   . LEU A 1 12  ? 3.858   -7.025  -0.054  1.00 32.08  ? 12  LEU A CG   1 
ATOM   113  C  CD1  . LEU A 1 12  ? 2.531   -7.716  0.087   1.00 28.47  ? 12  LEU A CD1  1 
ATOM   114  C  CD2  . LEU A 1 12  ? 4.670   -7.618  -1.154  1.00 38.03  ? 12  LEU A CD2  1 
ATOM   115  H  H    . LEU A 1 12  ? 4.658   -5.306  1.984   1.00 0.00   ? 12  LEU A H    1 
ATOM   116  N  N    . ARG A 1 13  ? 3.673   -2.563  0.381   1.00 30.68  ? 13  ARG A N    1 
ATOM   117  C  CA   . ARG A 1 13  ? 3.213   -1.207  0.133   1.00 28.50  ? 13  ARG A CA   1 
ATOM   118  C  C    . ARG A 1 13  ? 4.388   -0.222  0.104   1.00 39.22  ? 13  ARG A C    1 
ATOM   119  O  O    . ARG A 1 13  ? 4.619   0.459   -0.896  1.00 38.30  ? 13  ARG A O    1 
ATOM   120  C  CB   . ARG A 1 13  ? 2.193   -0.810  1.199   1.00 23.31  ? 13  ARG A CB   1 
ATOM   121  C  CG   . ARG A 1 13  ? 1.053   0.043   0.687   1.00 26.89  ? 13  ARG A CG   1 
ATOM   122  C  CD   . ARG A 1 13  ? 1.448   1.524   0.586   1.00 33.60  ? 13  ARG A CD   1 
ATOM   123  N  NE   . ARG A 1 13  ? 0.723   2.364   1.535   1.00 37.57  ? 13  ARG A NE   1 
ATOM   124  C  CZ   . ARG A 1 13  ? 1.284   3.132   2.460   1.00 39.49  ? 13  ARG A CZ   1 
ATOM   125  N  NH1  . ARG A 1 13  ? 2.584   3.205   2.581   1.00 35.37  ? 13  ARG A NH1  1 
ATOM   126  N  NH2  . ARG A 1 13  ? 0.517   3.851   3.272   1.00 50.35  ? 13  ARG A NH2  1 
ATOM   127  H  H    . ARG A 1 13  ? 3.357   -3.008  1.194   1.00 0.00   ? 13  ARG A H    1 
ATOM   128  H  HE   . ARG A 1 13  ? -0.265  2.359   1.475   1.00 0.00   ? 13  ARG A HE   1 
ATOM   129  H  HH11 . ARG A 1 13  ? 3.189   2.671   1.989   1.00 0.00   ? 13  ARG A HH11 1 
ATOM   130  H  HH12 . ARG A 1 13  ? 2.995   3.795   3.288   1.00 0.00   ? 13  ARG A HH12 1 
ATOM   131  H  HH21 . ARG A 1 13  ? -0.473  3.806   3.164   1.00 0.00   ? 13  ARG A HH21 1 
ATOM   132  H  HH22 . ARG A 1 13  ? 0.933   4.442   3.954   1.00 0.00   ? 13  ARG A HH22 1 
ATOM   133  N  N    . THR A 1 14  ? 5.137   -0.193  1.211   1.00 43.79  ? 14  THR A N    1 
ATOM   134  C  CA   . THR A 1 14  ? 6.291   0.698   1.334   1.00 37.81  ? 14  THR A CA   1 
ATOM   135  C  C    . THR A 1 14  ? 7.222   0.660   0.115   1.00 42.09  ? 14  THR A C    1 
ATOM   136  O  O    . THR A 1 14  ? 7.853   1.663   -0.202  1.00 44.15  ? 14  THR A O    1 
ATOM   137  C  CB   . THR A 1 14  ? 7.076   0.371   2.607   1.00 31.93  ? 14  THR A CB   1 
ATOM   138  O  OG1  . THR A 1 14  ? 6.274   0.740   3.770   1.00 26.43  ? 14  THR A OG1  1 
ATOM   139  C  CG2  . THR A 1 14  ? 8.410   1.096   2.634   1.00 24.89  ? 14  THR A CG2  1 
ATOM   140  H  H    . THR A 1 14  ? 4.930   -0.756  1.962   1.00 0.00   ? 14  THR A H    1 
ATOM   141  H  HG1  . THR A 1 14  ? 6.190   1.692   3.720   1.00 0.00   ? 14  THR A HG1  1 
ATOM   142  N  N    . ILE A 1 15  ? 7.279   -0.482  -0.573  1.00 41.68  ? 15  ILE A N    1 
ATOM   143  C  CA   . ILE A 1 15  ? 8.095   -0.611  -1.768  1.00 38.39  ? 15  ILE A CA   1 
ATOM   144  C  C    . ILE A 1 15  ? 7.396   0.094   -2.915  1.00 41.84  ? 15  ILE A C    1 
ATOM   145  O  O    . ILE A 1 15  ? 8.035   0.731   -3.742  1.00 49.40  ? 15  ILE A O    1 
ATOM   146  C  CB   . ILE A 1 15  ? 8.407   -2.085  -2.121  1.00 39.72  ? 15  ILE A CB   1 
ATOM   147  C  CG1  . ILE A 1 15  ? 9.408   -2.647  -1.094  1.00 42.43  ? 15  ILE A CG1  1 
ATOM   148  C  CG2  . ILE A 1 15  ? 9.005   -2.186  -3.526  1.00 36.71  ? 15  ILE A CG2  1 
ATOM   149  C  CD1  . ILE A 1 15  ? 9.769   -4.110  -1.260  1.00 41.32  ? 15  ILE A CD1  1 
ATOM   150  H  H    . ILE A 1 15  ? 6.769   -1.269  -0.266  1.00 0.00   ? 15  ILE A H    1 
ATOM   151  N  N    . TYR A 1 16  ? 6.071   0.001   -2.950  1.00 41.34  ? 16  TYR A N    1 
ATOM   152  C  CA   . TYR A 1 16  ? 5.303   0.681   -3.989  1.00 41.66  ? 16  TYR A CA   1 
ATOM   153  C  C    . TYR A 1 16  ? 5.616   2.181   -3.818  1.00 39.29  ? 16  TYR A C    1 
ATOM   154  O  O    . TYR A 1 16  ? 5.818   2.904   -4.799  1.00 31.11  ? 16  TYR A O    1 
ATOM   155  C  CB   . TYR A 1 16  ? 3.801   0.411   -3.825  1.00 40.58  ? 16  TYR A CB   1 
ATOM   156  C  CG   . TYR A 1 16  ? 2.964   0.803   -5.014  1.00 47.14  ? 16  TYR A CG   1 
ATOM   157  C  CD1  . TYR A 1 16  ? 3.049   2.083   -5.574  1.00 47.31  ? 16  TYR A CD1  1 
ATOM   158  C  CD2  . TYR A 1 16  ? 2.053   -0.096  -5.582  1.00 49.21  ? 16  TYR A CD2  1 
ATOM   159  C  CE1  . TYR A 1 16  ? 2.265   2.439   -6.665  1.00 44.51  ? 16  TYR A CE1  1 
ATOM   160  C  CE2  . TYR A 1 16  ? 1.281   0.276   -6.682  1.00 44.84  ? 16  TYR A CE2  1 
ATOM   161  C  CZ   . TYR A 1 16  ? 1.383   1.538   -7.201  1.00 42.35  ? 16  TYR A CZ   1 
ATOM   162  O  OH   . TYR A 1 16  ? 0.587   1.908   -8.264  1.00 49.99  ? 16  TYR A OH   1 
ATOM   163  H  H    . TYR A 1 16  ? 5.593   -0.567  -2.300  1.00 0.00   ? 16  TYR A H    1 
ATOM   164  H  HH   . TYR A 1 16  ? 0.869   2.787   -8.558  1.00 0.00   ? 16  TYR A HH   1 
ATOM   165  N  N    . ASP A 1 17  ? 5.687   2.629   -2.565  1.00 41.21  ? 17  ASP A N    1 
ATOM   166  C  CA   . ASP A 1 17  ? 6.004   4.028   -2.272  1.00 47.86  ? 17  ASP A CA   1 
ATOM   167  C  C    . ASP A 1 17  ? 7.434   4.370   -2.704  1.00 52.07  ? 17  ASP A C    1 
ATOM   168  O  O    . ASP A 1 17  ? 7.637   5.328   -3.457  1.00 57.00  ? 17  ASP A O    1 
ATOM   169  C  CB   . ASP A 1 17  ? 5.856   4.320   -0.776  1.00 52.63  ? 17  ASP A CB   1 
ATOM   170  C  CG   . ASP A 1 17  ? 4.410   4.262   -0.301  1.00 53.85  ? 17  ASP A CG   1 
ATOM   171  O  OD1  . ASP A 1 17  ? 3.475   4.381   -1.131  1.00 56.09  ? 17  ASP A OD1  1 
ATOM   172  O  OD2  . ASP A 1 17  ? 4.221   4.123   0.932   1.00 43.91  ? 17  ASP A OD2  1 
ATOM   173  H  H    . ASP A 1 17  ? 5.485   2.004   -1.846  1.00 0.00   ? 17  ASP A H    1 
ATOM   174  N  N    . LEU A 1 18  ? 8.425   3.619   -2.210  1.00 46.42  ? 18  LEU A N    1 
ATOM   175  C  CA   . LEU A 1 18  ? 9.828   3.864   -2.543  1.00 34.17  ? 18  LEU A CA   1 
ATOM   176  C  C    . LEU A 1 18  ? 10.025  3.941   -4.035  1.00 32.73  ? 18  LEU A C    1 
ATOM   177  O  O    . LEU A 1 18  ? 10.771  4.786   -4.514  1.00 34.30  ? 18  LEU A O    1 
ATOM   178  C  CB   . LEU A 1 18  ? 10.709  2.786   -1.938  1.00 33.93  ? 18  LEU A CB   1 
ATOM   179  C  CG   . LEU A 1 18  ? 10.809  3.056   -0.437  1.00 39.76  ? 18  LEU A CG   1 
ATOM   180  C  CD1  . LEU A 1 18  ? 11.218  1.824   0.361   1.00 43.54  ? 18  LEU A CD1  1 
ATOM   181  C  CD2  . LEU A 1 18  ? 11.761  4.201   -0.225  1.00 41.56  ? 18  LEU A CD2  1 
ATOM   182  H  H    . LEU A 1 18  ? 8.194   2.892   -1.602  1.00 0.00   ? 18  LEU A H    1 
ATOM   183  N  N    . GLU A 1 19  ? 9.312   3.101   -4.766  1.00 37.27  ? 19  GLU A N    1 
ATOM   184  C  CA   . GLU A 1 19  ? 9.395   3.133   -6.206  1.00 51.01  ? 19  GLU A CA   1 
ATOM   185  C  C    . GLU A 1 19  ? 8.663   4.358   -6.773  1.00 56.46  ? 19  GLU A C    1 
ATOM   186  O  O    . GLU A 1 19  ? 9.102   4.939   -7.766  1.00 63.11  ? 19  GLU A O    1 
ATOM   187  C  CB   . GLU A 1 19  ? 8.769   1.863   -6.804  1.00 54.61  ? 19  GLU A CB   1 
ATOM   188  C  CG   . GLU A 1 19  ? 9.591   0.611   -6.587  1.00 60.87  ? 19  GLU A CG   1 
ATOM   189  C  CD   . GLU A 1 19  ? 9.112   -0.526  -7.450  1.00 68.38  ? 19  GLU A CD   1 
ATOM   190  O  OE1  . GLU A 1 19  ? 8.505   -0.281  -8.515  1.00 65.72  ? 19  GLU A OE1  1 
ATOM   191  O  OE2  . GLU A 1 19  ? 9.352   -1.703  -7.061  1.00 75.09  ? 19  GLU A OE2  1 
ATOM   192  H  H    . GLU A 1 19  ? 8.743   2.444   -4.322  1.00 0.00   ? 19  GLU A H    1 
ATOM   193  N  N    . GLU A 1 20  ? 7.567   4.760   -6.121  1.00 56.78  ? 20  GLU A N    1 
ATOM   194  C  CA   . GLU A 1 20  ? 6.784   5.914   -6.546  1.00 47.46  ? 20  GLU A CA   1 
ATOM   195  C  C    . GLU A 1 20  ? 7.487   7.231   -6.218  1.00 38.45  ? 20  GLU A C    1 
ATOM   196  O  O    . GLU A 1 20  ? 7.236   8.257   -6.833  1.00 37.37  ? 20  GLU A O    1 
ATOM   197  C  CB   . GLU A 1 20  ? 5.382   5.848   -5.913  1.00 57.26  ? 20  GLU A CB   1 
ATOM   198  C  CG   . GLU A 1 20  ? 4.296   6.631   -6.663  1.00 61.26  ? 20  GLU A CG   1 
ATOM   199  C  CD   . GLU A 1 20  ? 2.880   6.325   -6.139  1.00 55.74  ? 20  GLU A CD   1 
ATOM   200  O  OE1  . GLU A 1 20  ? 2.746   5.774   -5.045  1.00 44.12  ? 20  GLU A OE1  1 
ATOM   201  O  OE2  . GLU A 1 20  ? 1.913   6.669   -6.875  1.00 57.52  ? 20  GLU A OE2  1 
ATOM   202  H  H    . GLU A 1 20  ? 7.263   4.256   -5.339  1.00 0.00   ? 20  GLU A H    1 
ATOM   203  N  N    . GLU A 1 21  ? 8.388   7.175   -5.241  1.00 34.26  ? 21  GLU A N    1 
ATOM   204  C  CA   . GLU A 1 21  ? 9.166   8.336   -4.815  1.00 36.61  ? 21  GLU A CA   1 
ATOM   205  C  C    . GLU A 1 21  ? 10.349  8.506   -5.741  1.00 45.42  ? 21  GLU A C    1 
ATOM   206  O  O    . GLU A 1 21  ? 11.064  9.510   -5.697  1.00 54.34  ? 21  GLU A O    1 
ATOM   207  C  CB   . GLU A 1 21  ? 9.727   8.132   -3.403  1.00 35.94  ? 21  GLU A CB   1 
ATOM   208  C  CG   . GLU A 1 21  ? 8.709   8.090   -2.284  1.00 31.85  ? 21  GLU A CG   1 
ATOM   209  C  CD   . GLU A 1 21  ? 9.333   7.727   -0.963  1.00 27.37  ? 21  GLU A CD   1 
ATOM   210  O  OE1  . GLU A 1 21  ? 10.542  7.952   -0.758  1.00 26.16  ? 21  GLU A OE1  1 
ATOM   211  O  OE2  . GLU A 1 21  ? 8.613   7.205   -0.103  1.00 26.55  ? 21  GLU A OE2  1 
ATOM   212  H  H    . GLU A 1 21  ? 8.526   6.320   -4.785  1.00 0.00   ? 21  GLU A H    1 
ATOM   213  N  N    . GLY A 1 22  ? 10.594  7.500   -6.572  1.00 57.19  ? 22  GLY A N    1 
ATOM   214  C  CA   . GLY A 1 22  ? 11.730  7.548   -7.472  1.00 68.24  ? 22  GLY A CA   1 
ATOM   215  C  C    . GLY A 1 22  ? 13.001  7.395   -6.642  1.00 75.13  ? 22  GLY A C    1 
ATOM   216  O  O    . GLY A 1 22  ? 13.943  8.185   -6.775  1.00 82.01  ? 22  GLY A O    1 
ATOM   217  H  H    . GLY A 1 22  ? 10.010  6.712   -6.609  1.00 0.00   ? 22  GLY A H    1 
ATOM   218  N  N    . VAL A 1 23  ? 12.986  6.420   -5.724  1.00 70.17  ? 23  VAL A N    1 
ATOM   219  C  CA   . VAL A 1 23  ? 14.132  6.110   -4.872  1.00 60.07  ? 23  VAL A CA   1 
ATOM   220  C  C    . VAL A 1 23  ? 14.376  4.603   -4.856  1.00 60.38  ? 23  VAL A C    1 
ATOM   221  O  O    . VAL A 1 23  ? 13.588  3.840   -5.423  1.00 56.96  ? 23  VAL A O    1 
ATOM   222  C  CB   . VAL A 1 23  ? 13.942  6.617   -3.420  1.00 53.67  ? 23  VAL A CB   1 
ATOM   223  C  CG1  . VAL A 1 23  ? 15.293  6.738   -2.748  1.00 50.25  ? 23  VAL A CG1  1 
ATOM   224  C  CG2  . VAL A 1 23  ? 13.235  7.954   -3.387  1.00 59.75  ? 23  VAL A CG2  1 
ATOM   225  H  H    . VAL A 1 23  ? 12.192  5.837   -5.625  1.00 0.00   ? 23  VAL A H    1 
ATOM   226  N  N    . THR A 1 24  ? 15.475  4.199   -4.232  1.00 60.69  ? 24  THR A N    1 
ATOM   227  C  CA   . THR A 1 24  ? 15.866  2.793   -4.154  1.00 61.14  ? 24  THR A CA   1 
ATOM   228  C  C    . THR A 1 24  ? 15.246  2.072   -2.945  1.00 58.29  ? 24  THR A C    1 
ATOM   229  O  O    . THR A 1 24  ? 15.311  2.566   -1.819  1.00 50.17  ? 24  THR A O    1 
ATOM   230  C  CB   . THR A 1 24  ? 17.422  2.672   -4.119  1.00 60.23  ? 24  THR A CB   1 
ATOM   231  O  OG1  . THR A 1 24  ? 18.012  3.610   -5.025  1.00 61.13  ? 24  THR A OG1  1 
ATOM   232  C  CG2  . THR A 1 24  ? 17.893  1.260   -4.505  1.00 52.35  ? 24  THR A CG2  1 
ATOM   233  H  H    . THR A 1 24  ? 16.093  4.837   -3.850  1.00 0.00   ? 24  THR A H    1 
ATOM   234  H  HG1  . THR A 1 24  ? 18.913  3.342   -5.220  1.00 0.00   ? 24  THR A HG1  1 
ATOM   235  N  N    . PRO A 1 25  ? 14.619  0.902   -3.186  1.00 58.82  ? 25  PRO A N    1 
ATOM   236  C  CA   . PRO A 1 25  ? 13.988  0.100   -2.132  1.00 54.94  ? 25  PRO A CA   1 
ATOM   237  C  C    . PRO A 1 25  ? 15.020  -0.609  -1.265  1.00 53.12  ? 25  PRO A C    1 
ATOM   238  O  O    . PRO A 1 25  ? 15.201  -1.820  -1.345  1.00 50.33  ? 25  PRO A O    1 
ATOM   239  C  CB   . PRO A 1 25  ? 13.133  -0.883  -2.921  1.00 54.16  ? 25  PRO A CB   1 
ATOM   240  C  CG   . PRO A 1 25  ? 13.935  -1.103  -4.145  1.00 58.98  ? 25  PRO A CG   1 
ATOM   241  C  CD   . PRO A 1 25  ? 14.369  0.297   -4.511  1.00 58.62  ? 25  PRO A CD   1 
ATOM   242  N  N    . LEU A 1 26  ? 15.726  0.167   -0.437  1.00 57.20  ? 26  LEU A N    1 
ATOM   243  C  CA   . LEU A 1 26  ? 16.757  -0.365  0.446   1.00 57.26  ? 26  LEU A CA   1 
ATOM   244  C  C    . LEU A 1 26  ? 16.102  -0.798  1.750   1.00 57.73  ? 26  LEU A C    1 
ATOM   245  O  O    . LEU A 1 26  ? 15.246  -0.103  2.275   1.00 58.69  ? 26  LEU A O    1 
ATOM   246  C  CB   . LEU A 1 26  ? 17.784  0.715   0.744   1.00 55.06  ? 26  LEU A CB   1 
ATOM   247  C  CG   . LEU A 1 26  ? 18.226  1.489   -0.511  1.00 55.77  ? 26  LEU A CG   1 
ATOM   248  C  CD1  . LEU A 1 26  ? 18.854  2.819   -0.098  1.00 58.38  ? 26  LEU A CD1  1 
ATOM   249  C  CD2  . LEU A 1 26  ? 19.167  0.623   -1.338  1.00 54.09  ? 26  LEU A CD2  1 
ATOM   250  H  H    . LEU A 1 26  ? 15.529  1.126   -0.427  1.00 0.00   ? 26  LEU A H    1 
ATOM   251  N  N    . ARG A 1 27  ? 16.534  -1.934  2.288   1.00 58.65  ? 27  ARG A N    1 
ATOM   252  C  CA   . ARG A 1 27  ? 15.965  -2.431  3.526   1.00 59.17  ? 27  ARG A CA   1 
ATOM   253  C  C    . ARG A 1 27  ? 16.111  -1.402  4.640   1.00 57.31  ? 27  ARG A C    1 
ATOM   254  O  O    . ARG A 1 27  ? 15.296  -1.362  5.564   1.00 61.34  ? 27  ARG A O    1 
ATOM   255  C  CB   . ARG A 1 27  ? 16.571  -3.772  3.938   1.00 66.94  ? 27  ARG A CB   1 
ATOM   256  C  CG   . ARG A 1 27  ? 15.669  -4.952  3.599   1.00 80.23  ? 27  ARG A CG   1 
ATOM   257  C  CD   . ARG A 1 27  ? 16.380  -6.295  3.632   1.00 87.03  ? 27  ARG A CD   1 
ATOM   258  N  NE   . ARG A 1 27  ? 17.340  -6.433  2.538   1.00 91.88  ? 27  ARG A NE   1 
ATOM   259  C  CZ   . ARG A 1 27  ? 18.033  -7.543  2.291   1.00 96.33  ? 27  ARG A CZ   1 
ATOM   260  N  NH1  . ARG A 1 27  ? 17.872  -8.623  3.056   1.00 97.58  ? 27  ARG A NH1  1 
ATOM   261  N  NH2  . ARG A 1 27  ? 18.914  -7.563  1.296   1.00 95.99  ? 27  ARG A NH2  1 
ATOM   262  H  H    . ARG A 1 27  ? 17.216  -2.470  1.820   1.00 0.00   ? 27  ARG A H    1 
ATOM   263  H  HE   . ARG A 1 27  ? 17.503  -5.669  1.950   1.00 0.00   ? 27  ARG A HE   1 
ATOM   264  H  HH11 . ARG A 1 27  ? 17.225  -8.610  3.817   1.00 0.00   ? 27  ARG A HH11 1 
ATOM   265  H  HH12 . ARG A 1 27  ? 18.409  -9.442  2.868   1.00 0.00   ? 27  ARG A HH12 1 
ATOM   266  H  HH21 . ARG A 1 27  ? 19.066  -6.747  0.739   1.00 0.00   ? 27  ARG A HH21 1 
ATOM   267  H  HH22 . ARG A 1 27  ? 19.457  -8.387  1.119   1.00 0.00   ? 27  ARG A HH22 1 
ATOM   268  N  N    . ALA A 1 28  ? 17.110  -0.544  4.520   1.00 54.10  ? 28  ALA A N    1 
ATOM   269  C  CA   . ALA A 1 28  ? 17.351  0.502   5.518   1.00 55.47  ? 28  ALA A CA   1 
ATOM   270  C  C    . ALA A 1 28  ? 16.141  1.425   5.557   1.00 50.98  ? 28  ALA A C    1 
ATOM   271  O  O    . ALA A 1 28  ? 15.719  1.880   6.625   1.00 39.70  ? 28  ALA A O    1 
ATOM   272  C  CB   . ALA A 1 28  ? 18.603  1.283   5.136   1.00 60.24  ? 28  ALA A CB   1 
ATOM   273  H  H    . ALA A 1 28  ? 17.711  -0.640  3.755   1.00 0.00   ? 28  ALA A H    1 
ATOM   274  N  N    . ARG A 1 29  ? 15.577  1.647   4.376   1.00 51.95  ? 29  ARG A N    1 
ATOM   275  C  CA   . ARG A 1 29  ? 14.411  2.493   4.194   1.00 52.52  ? 29  ARG A CA   1 
ATOM   276  C  C    . ARG A 1 29  ? 13.172  1.845   4.800   1.00 57.33  ? 29  ARG A C    1 
ATOM   277  O  O    . ARG A 1 29  ? 12.518  2.431   5.661   1.00 60.94  ? 29  ARG A O    1 
ATOM   278  C  CB   . ARG A 1 29  ? 14.185  2.720   2.696   1.00 52.92  ? 29  ARG A CB   1 
ATOM   279  C  CG   . ARG A 1 29  ? 15.371  3.298   1.949   1.00 57.69  ? 29  ARG A CG   1 
ATOM   280  C  CD   . ARG A 1 29  ? 15.586  4.750   2.296   1.00 64.04  ? 29  ARG A CD   1 
ATOM   281  N  NE   . ARG A 1 29  ? 16.493  5.412   1.355   1.00 74.11  ? 29  ARG A NE   1 
ATOM   282  C  CZ   . ARG A 1 29  ? 16.243  6.571   0.774   1.00 80.24  ? 29  ARG A CZ   1 
ATOM   283  N  NH1  . ARG A 1 29  ? 15.113  7.229   1.035   1.00 82.76  ? 29  ARG A NH1  1 
ATOM   284  N  NH2  . ARG A 1 29  ? 17.106  7.086   -0.086  1.00 83.84  ? 29  ARG A NH2  1 
ATOM   285  H  H    . ARG A 1 29  ? 15.977  1.239   3.583   1.00 0.00   ? 29  ARG A H    1 
ATOM   286  H  HE   . ARG A 1 29  ? 17.354  4.988   1.166   1.00 0.00   ? 29  ARG A HE   1 
ATOM   287  H  HH11 . ARG A 1 29  ? 14.427  6.856   1.660   1.00 0.00   ? 29  ARG A HH11 1 
ATOM   288  H  HH12 . ARG A 1 29  ? 14.930  8.098   0.574   1.00 0.00   ? 29  ARG A HH12 1 
ATOM   289  H  HH21 . ARG A 1 29  ? 17.963  6.626   -0.304  1.00 0.00   ? 29  ARG A HH21 1 
ATOM   290  H  HH22 . ARG A 1 29  ? 16.889  7.971   -0.514  1.00 0.00   ? 29  ARG A HH22 1 
ATOM   291  N  N    . ILE A 1 30  ? 12.868  0.621   4.377   1.00 57.44  ? 30  ILE A N    1 
ATOM   292  C  CA   . ILE A 1 30  ? 11.695  -0.104  4.888   1.00 57.50  ? 30  ILE A CA   1 
ATOM   293  C  C    . ILE A 1 30  ? 11.749  -0.342  6.394   1.00 53.63  ? 30  ILE A C    1 
ATOM   294  O  O    . ILE A 1 30  ? 10.720  -0.411  7.048   1.00 52.57  ? 30  ILE A O    1 
ATOM   295  C  CB   . ILE A 1 30  ? 11.503  -1.452  4.126   1.00 60.20  ? 30  ILE A CB   1 
ATOM   296  C  CG1  . ILE A 1 30  ? 11.149  -1.193  2.663   1.00 61.01  ? 30  ILE A CG1  1 
ATOM   297  C  CG2  . ILE A 1 30  ? 10.395  -2.273  4.750   1.00 60.37  ? 30  ILE A CG2  1 
ATOM   298  C  CD1  . ILE A 1 30  ? 10.944  -2.446  1.864   1.00 63.74  ? 30  ILE A CD1  1 
ATOM   299  H  H    . ILE A 1 30  ? 13.470  0.193   3.735   1.00 0.00   ? 30  ILE A H    1 
ATOM   300  N  N    . ALA A 1 31  ? 12.952  -0.455  6.932   1.00 55.05  ? 31  ALA A N    1 
ATOM   301  C  CA   . ALA A 1 31  ? 13.125  -0.673  8.356   1.00 57.60  ? 31  ALA A CA   1 
ATOM   302  C  C    . ALA A 1 31  ? 12.817  0.615   9.095   1.00 62.47  ? 31  ALA A C    1 
ATOM   303  O  O    . ALA A 1 31  ? 12.081  0.609   10.080  1.00 67.50  ? 31  ALA A O    1 
ATOM   304  C  CB   . ALA A 1 31  ? 14.546  -1.117  8.647   1.00 61.20  ? 31  ALA A CB   1 
ATOM   305  H  H    . ALA A 1 31  ? 13.751  -0.420  6.363   1.00 0.00   ? 31  ALA A H    1 
ATOM   306  N  N    . GLU A 1 32  ? 13.365  1.725   8.607   1.00 61.06  ? 32  GLU A N    1 
ATOM   307  C  CA   . GLU A 1 32  ? 13.135  3.029   9.233   1.00 63.21  ? 32  GLU A CA   1 
ATOM   308  C  C    . GLU A 1 32  ? 11.692  3.486   9.077   1.00 58.47  ? 32  GLU A C    1 
ATOM   309  O  O    . GLU A 1 32  ? 11.042  3.925   10.033  1.00 48.67  ? 32  GLU A O    1 
ATOM   310  C  CB   . GLU A 1 32  ? 14.094  4.064   8.628   1.00 68.38  ? 32  GLU A CB   1 
ATOM   311  H  H    . GLU A 1 32  ? 13.955  1.665   7.819   1.00 0.00   ? 32  GLU A H    1 
ATOM   312  N  N    . ARG A 1 33  ? 11.209  3.369   7.851   1.00 57.32  ? 33  ARG A N    1 
ATOM   313  C  CA   . ARG A 1 33  ? 9.861   3.752   7.465   1.00 51.37  ? 33  ARG A CA   1 
ATOM   314  C  C    . ARG A 1 33  ? 8.773   3.074   8.278   1.00 48.87  ? 33  ARG A C    1 
ATOM   315  O  O    . ARG A 1 33  ? 7.719   3.661   8.553   1.00 47.76  ? 33  ARG A O    1 
ATOM   316  C  CB   . ARG A 1 33  ? 9.644   3.425   5.978   1.00 48.75  ? 33  ARG A CB   1 
ATOM   317  C  CG   . ARG A 1 33  ? 8.464   4.109   5.387   1.00 52.48  ? 33  ARG A CG   1 
ATOM   318  C  CD   . ARG A 1 33  ? 8.773   5.557   5.209   1.00 51.06  ? 33  ARG A CD   1 
ATOM   319  N  NE   . ARG A 1 33  ? 9.748   5.740   4.160   1.00 49.93  ? 33  ARG A NE   1 
ATOM   320  C  CZ   . ARG A 1 33  ? 9.434   5.865   2.882   1.00 61.28  ? 33  ARG A CZ   1 
ATOM   321  N  NH1  . ARG A 1 33  ? 8.166   5.831   2.523   1.00 67.01  ? 33  ARG A NH1  1 
ATOM   322  N  NH2  . ARG A 1 33  ? 10.390  6.035   1.978   1.00 59.41  ? 33  ARG A NH2  1 
ATOM   323  H  H    . ARG A 1 33  ? 11.804  3.013   7.173   1.00 0.00   ? 33  ARG A H    1 
ATOM   324  H  HE   . ARG A 1 33  ? 10.701  5.785   4.415   1.00 0.00   ? 33  ARG A HE   1 
ATOM   325  H  HH11 . ARG A 1 33  ? 7.428   5.722   3.191   1.00 0.00   ? 33  ARG A HH11 1 
ATOM   326  H  HH12 . ARG A 1 33  ? 7.911   5.921   1.549   1.00 0.00   ? 33  ARG A HH12 1 
ATOM   327  H  HH21 . ARG A 1 33  ? 11.346  6.091   2.243   1.00 0.00   ? 33  ARG A HH21 1 
ATOM   328  H  HH22 . ARG A 1 33  ? 10.129  6.130   1.008   1.00 0.00   ? 33  ARG A HH22 1 
ATOM   329  N  N    . LEU A 1 34  ? 9.018   1.820   8.643   1.00 43.77  ? 34  LEU A N    1 
ATOM   330  C  CA   . LEU A 1 34  ? 8.063   1.029   9.404   1.00 36.23  ? 34  LEU A CA   1 
ATOM   331  C  C    . LEU A 1 34  ? 8.438   0.832   10.861  1.00 39.04  ? 34  LEU A C    1 
ATOM   332  O  O    . LEU A 1 34  ? 7.703   0.207   11.613  1.00 41.35  ? 34  LEU A O    1 
ATOM   333  C  CB   . LEU A 1 34  ? 7.882   -0.337  8.726   1.00 43.36  ? 34  LEU A CB   1 
ATOM   334  C  CG   . LEU A 1 34  ? 7.559   -0.344  7.230   1.00 50.65  ? 34  LEU A CG   1 
ATOM   335  C  CD1  . LEU A 1 34  ? 7.526   -1.768  6.719   1.00 52.11  ? 34  LEU A CD1  1 
ATOM   336  C  CD2  . LEU A 1 34  ? 6.225   0.332   6.966   1.00 57.97  ? 34  LEU A CD2  1 
ATOM   337  H  H    . LEU A 1 34  ? 9.864   1.396   8.370   1.00 0.00   ? 34  LEU A H    1 
ATOM   338  N  N    . ASP A 1 35  ? 9.586   1.352   11.265  1.00 50.80  ? 35  ASP A N    1 
ATOM   339  C  CA   . ASP A 1 35  ? 10.056  1.230   12.646  1.00 63.11  ? 35  ASP A CA   1 
ATOM   340  C  C    . ASP A 1 35  ? 10.417  -0.217  13.001  1.00 69.43  ? 35  ASP A C    1 
ATOM   341  O  O    . ASP A 1 35  ? 10.315  -0.642  14.161  1.00 67.13  ? 35  ASP A O    1 
ATOM   342  C  CB   . ASP A 1 35  ? 9.028   1.797   13.632  1.00 71.84  ? 35  ASP A CB   1 
ATOM   343  C  CG   . ASP A 1 35  ? 9.641   2.190   14.978  1.00 80.30  ? 35  ASP A CG   1 
ATOM   344  O  OD1  . ASP A 1 35  ? 10.851  2.506   15.032  1.00 81.99  ? 35  ASP A OD1  1 
ATOM   345  O  OD2  . ASP A 1 35  ? 8.905   2.202   15.998  1.00 82.96  ? 35  ASP A OD2  1 
ATOM   346  H  H    . ASP A 1 35  ? 10.155  1.842   10.639  1.00 0.00   ? 35  ASP A H    1 
ATOM   347  N  N    . GLN A 1 36  ? 10.838  -0.977  11.993  1.00 78.80  ? 36  GLN A N    1 
ATOM   348  C  CA   . GLN A 1 36  ? 11.235  -2.366  12.199  1.00 86.41  ? 36  GLN A CA   1 
ATOM   349  C  C    . GLN A 1 36  ? 12.757  -2.351  12.239  1.00 91.63  ? 36  GLN A C    1 
ATOM   350  O  O    . GLN A 1 36  ? 13.388  -1.472  11.651  1.00 91.34  ? 36  GLN A O    1 
ATOM   351  C  CB   . GLN A 1 36  ? 10.793  -3.240  11.015  1.00 89.51  ? 36  GLN A CB   1 
ATOM   352  C  CG   . GLN A 1 36  ? 9.323   -3.156  10.640  1.00 96.87  ? 36  GLN A CG   1 
ATOM   353  C  CD   . GLN A 1 36  ? 8.419   -3.903  11.600  1.00 101.29 ? 36  GLN A CD   1 
ATOM   354  O  OE1  . GLN A 1 36  ? 8.410   -3.651  12.800  1.00 104.92 ? 36  GLN A OE1  1 
ATOM   355  N  NE2  . GLN A 1 36  ? 7.633   -4.838  11.059  1.00 101.85 ? 36  GLN A NE2  1 
ATOM   356  H  H    . GLN A 1 36  ? 10.935  -0.580  11.112  1.00 0.00   ? 36  GLN A H    1 
ATOM   357  H  HE21 . GLN A 1 36  ? 7.030   -5.286  11.679  1.00 0.00   ? 36  GLN A HE21 1 
ATOM   358  H  HE22 . GLN A 1 36  ? 7.697   -5.000  10.098  1.00 0.00   ? 36  GLN A HE22 1 
ATOM   359  N  N    . SER A 1 37  ? 13.342  -3.296  12.961  1.00 94.36  ? 37  SER A N    1 
ATOM   360  C  CA   . SER A 1 37  ? 14.800  -3.392  13.029  1.00 94.88  ? 37  SER A CA   1 
ATOM   361  C  C    . SER A 1 37  ? 15.228  -4.229  11.832  1.00 101.28 ? 37  SER A C    1 
ATOM   362  O  O    . SER A 1 37  ? 14.487  -5.134  11.407  1.00 100.50 ? 37  SER A O    1 
ATOM   363  C  CB   . SER A 1 37  ? 15.234  -4.065  14.327  1.00 89.93  ? 37  SER A CB   1 
ATOM   364  O  OG   . SER A 1 37  ? 14.697  -5.364  14.428  1.00 88.03  ? 37  SER A OG   1 
ATOM   365  H  H    . SER A 1 37  ? 12.810  -3.950  13.457  1.00 0.00   ? 37  SER A H    1 
ATOM   366  H  HG   . SER A 1 37  ? 14.997  -5.979  13.748  1.00 0.00   ? 37  SER A HG   1 
ATOM   367  N  N    . GLY A 1 38  ? 16.410  -3.937  11.302  1.00 108.38 ? 38  GLY A N    1 
ATOM   368  C  CA   . GLY A 1 38  ? 16.929  -4.684  10.167  1.00 111.28 ? 38  GLY A CA   1 
ATOM   369  C  C    . GLY A 1 38  ? 16.840  -6.198  10.289  1.00 111.56 ? 38  GLY A C    1 
ATOM   370  O  O    . GLY A 1 38  ? 16.273  -6.856  9.411   1.00 113.25 ? 38  GLY A O    1 
ATOM   371  H  H    . GLY A 1 38  ? 16.911  -3.176  11.658  1.00 0.00   ? 38  GLY A H    1 
ATOM   372  N  N    . PRO A 1 39  ? 17.376  -6.788  11.378  1.00 106.99 ? 39  PRO A N    1 
ATOM   373  C  CA   . PRO A 1 39  ? 17.365  -8.242  11.636  1.00 96.53  ? 39  PRO A CA   1 
ATOM   374  C  C    . PRO A 1 39  ? 15.984  -8.882  11.539  1.00 85.45  ? 39  PRO A C    1 
ATOM   375  O  O    . PRO A 1 39  ? 15.879  -10.071 11.294  1.00 78.32  ? 39  PRO A O    1 
ATOM   376  C  CB   . PRO A 1 39  ? 17.912  -8.316  13.063  1.00 99.45  ? 39  PRO A CB   1 
ATOM   377  C  CG   . PRO A 1 39  ? 18.933  -7.227  13.059  1.00 106.32 ? 39  PRO A CG   1 
ATOM   378  C  CD   . PRO A 1 39  ? 18.182  -6.085  12.404  1.00 107.82 ? 39  PRO A CD   1 
ATOM   379  N  N    . THR A 1 40  ? 14.948  -8.074  11.721  1.00 81.27  ? 40  THR A N    1 
ATOM   380  C  CA   . THR A 1 40  ? 13.588  -8.558  11.636  1.00 75.02  ? 40  THR A CA   1 
ATOM   381  C  C    . THR A 1 40  ? 13.016  -8.294  10.235  1.00 72.33  ? 40  THR A C    1 
ATOM   382  O  O    . THR A 1 40  ? 12.249  -9.114  9.727   1.00 65.38  ? 40  THR A O    1 
ATOM   383  C  CB   . THR A 1 40  ? 12.676  -7.910  12.681  1.00 76.25  ? 40  THR A CB   1 
ATOM   384  O  OG1  . THR A 1 40  ? 13.305  -7.981  13.968  1.00 75.98  ? 40  THR A OG1  1 
ATOM   385  C  CG2  . THR A 1 40  ? 11.342  -8.635  12.748  1.00 76.93  ? 40  THR A CG2  1 
ATOM   386  H  H    . THR A 1 40  ? 15.066  -7.126  11.931  1.00 0.00   ? 40  THR A H    1 
ATOM   387  H  HG1  . THR A 1 40  ? 12.723  -7.565  14.624  1.00 0.00   ? 40  THR A HG1  1 
ATOM   388  N  N    . VAL A 1 41  ? 13.388  -7.179  9.613   1.00 73.15  ? 41  VAL A N    1 
ATOM   389  C  CA   . VAL A 1 41  ? 12.868  -6.903  8.266   1.00 76.71  ? 41  VAL A CA   1 
ATOM   390  C  C    . VAL A 1 41  ? 13.359  -7.969  7.290   1.00 81.41  ? 41  VAL A C    1 
ATOM   391  O  O    . VAL A 1 41  ? 12.610  -8.430  6.438   1.00 82.25  ? 41  VAL A O    1 
ATOM   392  C  CB   . VAL A 1 41  ? 13.202  -5.459  7.723   1.00 71.48  ? 41  VAL A CB   1 
ATOM   393  C  CG1  . VAL A 1 41  ? 12.762  -4.407  8.703   1.00 64.37  ? 41  VAL A CG1  1 
ATOM   394  C  CG2  . VAL A 1 41  ? 14.669  -5.308  7.384   1.00 75.28  ? 41  VAL A CG2  1 
ATOM   395  H  H    . VAL A 1 41  ? 14.017  -6.553  10.023  1.00 0.00   ? 41  VAL A H    1 
ATOM   396  N  N    . SER A 1 42  ? 14.607  -8.402  7.463   1.00 85.94  ? 42  SER A N    1 
ATOM   397  C  CA   . SER A 1 42  ? 15.159  -9.434  6.599   1.00 86.76  ? 42  SER A CA   1 
ATOM   398  C  C    . SER A 1 42  ? 14.474  -10.768 6.968   1.00 79.91  ? 42  SER A C    1 
ATOM   399  O  O    . SER A 1 42  ? 14.284  -11.641 6.120   1.00 73.55  ? 42  SER A O    1 
ATOM   400  C  CB   . SER A 1 42  ? 16.670  -9.536  6.789   1.00 91.06  ? 42  SER A CB   1 
ATOM   401  H  H    . SER A 1 42  ? 15.169  -7.999  8.158   1.00 0.00   ? 42  SER A H    1 
ATOM   402  N  N    . GLN A 1 43  ? 14.097  -10.898 8.235   1.00 76.63  ? 43  GLN A N    1 
ATOM   403  C  CA   . GLN A 1 43  ? 13.415  -12.088 8.726   1.00 75.68  ? 43  GLN A CA   1 
ATOM   404  C  C    . GLN A 1 43  ? 12.076  -12.139 7.979   1.00 75.43  ? 43  GLN A C    1 
ATOM   405  O  O    . GLN A 1 43  ? 11.698  -13.197 7.463   1.00 77.34  ? 43  GLN A O    1 
ATOM   406  C  CB   . GLN A 1 43  ? 13.164  -11.947 10.216  1.00 80.41  ? 43  GLN A CB   1 
ATOM   407  C  CG   . GLN A 1 43  ? 12.215  -12.980 10.804  1.00 88.44  ? 43  GLN A CG   1 
ATOM   408  C  CD   . GLN A 1 43  ? 11.862  -12.703 12.259  1.00 96.61  ? 43  GLN A CD   1 
ATOM   409  O  OE1  . GLN A 1 43  ? 12.740  -12.361 13.061  1.00 100.14 ? 43  GLN A OE1  1 
ATOM   410  N  NE2  . GLN A 1 43  ? 10.595  -12.829 12.587  1.00 98.60  ? 43  GLN A NE2  1 
ATOM   411  H  H    . GLN A 1 43  ? 14.329  -10.202 8.888   1.00 0.00   ? 43  GLN A H    1 
ATOM   412  H  HE21 . GLN A 1 43  ? 10.360  -12.671 13.529  1.00 0.00   ? 43  GLN A HE21 1 
ATOM   413  H  HE22 . GLN A 1 43  ? 9.924   -13.066 11.907  1.00 0.00   ? 43  GLN A HE22 1 
ATOM   414  N  N    . THR A 1 44  ? 11.434  -10.978 7.890   1.00 71.07  ? 44  THR A N    1 
ATOM   415  C  CA   . THR A 1 44  ? 10.145  -10.823 7.225   1.00 60.56  ? 44  THR A CA   1 
ATOM   416  C  C    . THR A 1 44  ? 10.270  -10.976 5.711   1.00 52.04  ? 44  THR A C    1 
ATOM   417  O  O    . THR A 1 44  ? 9.436   -11.614 5.072   1.00 46.54  ? 44  THR A O    1 
ATOM   418  C  CB   . THR A 1 44  ? 9.532   -9.427  7.511   1.00 59.45  ? 44  THR A CB   1 
ATOM   419  O  OG1  . THR A 1 44  ? 9.570   -9.158  8.936   1.00 59.55  ? 44  THR A OG1  1 
ATOM   420  C  CG2  . THR A 1 44  ? 8.085   -9.345  7.031   1.00 55.68  ? 44  THR A CG2  1 
ATOM   421  H  H    . THR A 1 44  ? 11.854  -10.197 8.272   1.00 0.00   ? 44  THR A H    1 
ATOM   422  H  HG1  . THR A 1 44  ? 10.487  -9.137  9.230   1.00 0.00   ? 44  THR A HG1  1 
ATOM   423  N  N    . VAL A 1 45  ? 11.329  -10.413 5.149   1.00 54.65  ? 45  VAL A N    1 
ATOM   424  C  CA   . VAL A 1 45  ? 11.575  -10.492 3.715   1.00 59.80  ? 45  VAL A CA   1 
ATOM   425  C  C    . VAL A 1 45  ? 11.817  -11.938 3.276   1.00 67.32  ? 45  VAL A C    1 
ATOM   426  O  O    . VAL A 1 45  ? 11.142  -12.445 2.378   1.00 64.30  ? 45  VAL A O    1 
ATOM   427  C  CB   . VAL A 1 45  ? 12.761  -9.590  3.292   1.00 53.32  ? 45  VAL A CB   1 
ATOM   428  C  CG1  . VAL A 1 45  ? 13.189  -9.882  1.870   1.00 54.05  ? 45  VAL A CG1  1 
ATOM   429  C  CG2  . VAL A 1 45  ? 12.352  -8.139  3.409   1.00 54.81  ? 45  VAL A CG2  1 
ATOM   430  H  H    . VAL A 1 45  ? 11.974  -9.950  5.705   1.00 0.00   ? 45  VAL A H    1 
ATOM   431  N  N    . SER A 1 46  ? 12.745  -12.631 3.941   1.00 77.55  ? 46  SER A N    1 
ATOM   432  C  CA   . SER A 1 46  ? 13.033  -14.014 3.603   1.00 82.85  ? 46  SER A CA   1 
ATOM   433  C  C    . SER A 1 46  ? 11.717  -14.774 3.657   1.00 81.28  ? 46  SER A C    1 
ATOM   434  O  O    . SER A 1 46  ? 11.405  -15.569 2.770   1.00 85.41  ? 46  SER A O    1 
ATOM   435  C  CB   . SER A 1 46  ? 14.047  -14.627 4.566   1.00 89.19  ? 46  SER A CB   1 
ATOM   436  O  OG   . SER A 1 46  ? 14.578  -15.837 4.039   1.00 91.67  ? 46  SER A OG   1 
ATOM   437  H  H    . SER A 1 46  ? 13.255  -12.208 4.662   1.00 0.00   ? 46  SER A H    1 
ATOM   438  H  HG   . SER A 1 46  ? 15.036  -15.654 3.216   1.00 0.00   ? 46  SER A HG   1 
ATOM   439  N  N    . ARG A 1 47  ? 10.913  -14.472 4.682   1.00 73.12  ? 47  ARG A N    1 
ATOM   440  C  CA   . ARG A 1 47  ? 9.622   -15.100 4.865   1.00 68.20  ? 47  ARG A CA   1 
ATOM   441  C  C    . ARG A 1 47  ? 8.759   -14.800 3.631   1.00 63.26  ? 47  ARG A C    1 
ATOM   442  O  O    . ARG A 1 47  ? 8.180   -15.718 3.016   1.00 56.62  ? 47  ARG A O    1 
ATOM   443  C  CB   . ARG A 1 47  ? 8.939   -14.549 6.100   1.00 69.04  ? 47  ARG A CB   1 
ATOM   444  C  CG   . ARG A 1 47  ? 7.793   -15.396 6.589   1.00 69.92  ? 47  ARG A CG   1 
ATOM   445  C  CD   . ARG A 1 47  ? 7.045   -14.749 7.734   1.00 75.44  ? 47  ARG A CD   1 
ATOM   446  N  NE   . ARG A 1 47  ? 6.069   -13.762 7.280   1.00 73.90  ? 47  ARG A NE   1 
ATOM   447  C  CZ   . ARG A 1 47  ? 5.798   -12.626 7.900   1.00 67.19  ? 47  ARG A CZ   1 
ATOM   448  N  NH1  . ARG A 1 47  ? 6.430   -12.316 9.018   1.00 62.32  ? 47  ARG A NH1  1 
ATOM   449  N  NH2  . ARG A 1 47  ? 4.883   -11.801 7.405   1.00 65.13  ? 47  ARG A NH2  1 
ATOM   450  H  H    . ARG A 1 47  ? 11.218  -13.837 5.366   1.00 0.00   ? 47  ARG A H    1 
ATOM   451  H  HE   . ARG A 1 47  ? 5.581   -13.991 6.461   1.00 0.00   ? 47  ARG A HE   1 
ATOM   452  H  HH11 . ARG A 1 47  ? 7.105   -12.934 9.423   1.00 0.00   ? 47  ARG A HH11 1 
ATOM   453  H  HH12 . ARG A 1 47  ? 6.200   -11.459 9.487   1.00 0.00   ? 47  ARG A HH12 1 
ATOM   454  H  HH21 . ARG A 1 47  ? 4.382   -12.022 6.569   1.00 0.00   ? 47  ARG A HH21 1 
ATOM   455  H  HH22 . ARG A 1 47  ? 4.677   -10.948 7.888   1.00 0.00   ? 47  ARG A HH22 1 
ATOM   456  N  N    . MET A 1 48  ? 8.731   -13.529 3.236   1.00 62.06  ? 48  MET A N    1 
ATOM   457  C  CA   . MET A 1 48  ? 7.963   -13.091 2.082   1.00 63.27  ? 48  MET A CA   1 
ATOM   458  C  C    . MET A 1 48  ? 8.608   -13.533 0.766   1.00 63.91  ? 48  MET A C    1 
ATOM   459  O  O    . MET A 1 48  ? 7.986   -13.413 -0.304  1.00 55.97  ? 48  MET A O    1 
ATOM   460  C  CB   . MET A 1 48  ? 7.768   -11.574 2.148   1.00 63.06  ? 48  MET A CB   1 
ATOM   461  C  CG   . MET A 1 48  ? 6.941   -11.113 3.351   1.00 56.25  ? 48  MET A CG   1 
ATOM   462  S  SD   . MET A 1 48  ? 6.927   -9.318  3.641   1.00 57.83  ? 48  MET A SD   1 
ATOM   463  C  CE   . MET A 1 48  ? 6.291   -8.705  2.055   1.00 48.78  ? 48  MET A CE   1 
ATOM   464  H  H    . MET A 1 48  ? 9.268   -12.883 3.726   1.00 0.00   ? 48  MET A H    1 
ATOM   465  N  N    . GLU A 1 49  ? 9.847   -14.032 0.852   1.00 70.55  ? 49  GLU A N    1 
ATOM   466  C  CA   . GLU A 1 49  ? 10.568  -14.570 -0.312  1.00 77.29  ? 49  GLU A CA   1 
ATOM   467  C  C    . GLU A 1 49  ? 10.030  -15.995 -0.480  1.00 71.31  ? 49  GLU A C    1 
ATOM   468  O  O    . GLU A 1 49  ? 9.749   -16.455 -1.583  1.00 57.42  ? 49  GLU A O    1 
ATOM   469  C  CB   . GLU A 1 49  ? 12.084  -14.625 -0.055  1.00 83.34  ? 49  GLU A CB   1 
ATOM   470  C  CG   . GLU A 1 49  ? 12.819  -13.296 -0.161  1.00 91.56  ? 49  GLU A CG   1 
ATOM   471  C  CD   . GLU A 1 49  ? 14.350  -13.438 -0.179  1.00 96.81  ? 49  GLU A CD   1 
ATOM   472  O  OE1  . GLU A 1 49  ? 14.917  -13.717 -1.262  1.00 99.01  ? 49  GLU A OE1  1 
ATOM   473  O  OE2  . GLU A 1 49  ? 14.980  -13.248 0.883   1.00 96.61  ? 49  GLU A OE2  1 
ATOM   474  H  H    . GLU A 1 49  ? 10.299  -14.031 1.712   1.00 0.00   ? 49  GLU A H    1 
ATOM   475  N  N    . ARG A 1 50  ? 9.844   -16.646 0.667   1.00 74.61  ? 50  ARG A N    1 
ATOM   476  C  CA   . ARG A 1 50  ? 9.334   -17.997 0.746   1.00 73.69  ? 50  ARG A CA   1 
ATOM   477  C  C    . ARG A 1 50  ? 7.830   -18.029 0.495   1.00 75.47  ? 50  ARG A C    1 
ATOM   478  O  O    . ARG A 1 50  ? 7.222   -19.092 0.544   1.00 81.02  ? 50  ARG A O    1 
ATOM   479  C  CB   . ARG A 1 50  ? 9.627   -18.592 2.118   1.00 73.59  ? 50  ARG A CB   1 
ATOM   480  C  CG   . ARG A 1 50  ? 11.097  -18.880 2.336   1.00 75.97  ? 50  ARG A CG   1 
ATOM   481  C  CD   . ARG A 1 50  ? 11.336  -19.551 3.665   1.00 79.58  ? 50  ARG A CD   1 
ATOM   482  N  NE   . ARG A 1 50  ? 11.519  -18.612 4.744   1.00 89.01  ? 50  ARG A NE   1 
ATOM   483  C  CZ   . ARG A 1 50  ? 10.756  -18.527 5.830   1.00 96.37  ? 50  ARG A CZ   1 
ATOM   484  N  NH1  . ARG A 1 50  ? 9.732   -19.337 5.985   1.00 98.09  ? 50  ARG A NH1  1 
ATOM   485  N  NH2  . ARG A 1 50  ? 11.074  -17.665 6.804   1.00 98.50  ? 50  ARG A NH2  1 
ATOM   486  H  H    . ARG A 1 50  ? 10.087  -16.207 1.511   1.00 0.00   ? 50  ARG A H    1 
ATOM   487  H  HE   . ARG A 1 50  ? 12.284  -17.979 4.667   1.00 0.00   ? 50  ARG A HE   1 
ATOM   488  H  HH11 . ARG A 1 50  ? 9.517   -20.037 5.299   1.00 0.00   ? 50  ARG A HH11 1 
ATOM   489  H  HH12 . ARG A 1 50  ? 9.169   -19.271 6.815   1.00 0.00   ? 50  ARG A HH12 1 
ATOM   490  H  HH21 . ARG A 1 50  ? 11.887  -17.093 6.704   1.00 0.00   ? 50  ARG A HH21 1 
ATOM   491  H  HH22 . ARG A 1 50  ? 10.510  -17.599 7.621   1.00 0.00   ? 50  ARG A HH22 1 
ATOM   492  N  N    . ASP A 1 51  ? 7.229   -16.856 0.278   1.00 75.03  ? 51  ASP A N    1 
ATOM   493  C  CA   . ASP A 1 51  ? 5.804   -16.749 0.014   1.00 70.94  ? 51  ASP A CA   1 
ATOM   494  C  C    . ASP A 1 51  ? 5.544   -16.265 -1.416  1.00 69.26  ? 51  ASP A C    1 
ATOM   495  O  O    . ASP A 1 51  ? 4.393   -16.193 -1.847  1.00 67.07  ? 51  ASP A O    1 
ATOM   496  C  CB   . ASP A 1 51  ? 5.117   -15.807 0.995   1.00 72.95  ? 51  ASP A CB   1 
ATOM   497  C  CG   . ASP A 1 51  ? 4.912   -16.435 2.377   1.00 80.87  ? 51  ASP A CG   1 
ATOM   498  O  OD1  . ASP A 1 51  ? 5.634   -17.392 2.722   1.00 87.33  ? 51  ASP A OD1  1 
ATOM   499  O  OD2  . ASP A 1 51  ? 4.033   -15.960 3.109   1.00 85.13  ? 51  ASP A OD2  1 
ATOM   500  H  H    . ASP A 1 51  ? 7.768   -16.044 0.336   1.00 0.00   ? 51  ASP A H    1 
ATOM   501  N  N    . GLY A 1 52  ? 6.617   -15.924 -2.126  1.00 66.33  ? 52  GLY A N    1 
ATOM   502  C  CA   . GLY A 1 52  ? 6.511   -15.472 -3.496  1.00 62.54  ? 52  GLY A CA   1 
ATOM   503  C  C    . GLY A 1 52  ? 6.023   -14.055 -3.718  1.00 58.61  ? 52  GLY A C    1 
ATOM   504  O  O    . GLY A 1 52  ? 5.405   -13.738 -4.749  1.00 59.92  ? 52  GLY A O    1 
ATOM   505  H  H    . GLY A 1 52  ? 7.517   -16.010 -1.732  1.00 0.00   ? 52  GLY A H    1 
ATOM   506  N  N    . LEU A 1 53  ? 6.309   -13.168 -2.778  1.00 53.95  ? 53  LEU A N    1 
ATOM   507  C  CA   . LEU A 1 53  ? 5.875   -11.787 -2.920  1.00 52.84  ? 53  LEU A CA   1 
ATOM   508  C  C    . LEU A 1 53  ? 7.039   -10.918 -3.418  1.00 62.15  ? 53  LEU A C    1 
ATOM   509  O  O    . LEU A 1 53  ? 6.830   -9.989  -4.201  1.00 57.20  ? 53  LEU A O    1 
ATOM   510  C  CB   . LEU A 1 53  ? 5.369   -11.284 -1.564  1.00 45.16  ? 53  LEU A CB   1 
ATOM   511  C  CG   . LEU A 1 53  ? 4.320   -12.171 -0.885  1.00 38.79  ? 53  LEU A CG   1 
ATOM   512  C  CD1  . LEU A 1 53  ? 4.146   -11.790 0.576   1.00 31.64  ? 53  LEU A CD1  1 
ATOM   513  C  CD2  . LEU A 1 53  ? 3.013   -12.099 -1.647  1.00 37.00  ? 53  LEU A CD2  1 
ATOM   514  H  H    . LEU A 1 53  ? 6.831   -13.456 -2.006  1.00 0.00   ? 53  LEU A H    1 
ATOM   515  N  N    . LEU A 1 54  ? 8.249   -11.268 -2.987  1.00 72.67  ? 54  LEU A N    1 
ATOM   516  C  CA   . LEU A 1 54  ? 9.454   -10.530 -3.337  1.00 78.28  ? 54  LEU A CA   1 
ATOM   517  C  C    . LEU A 1 54  ? 10.587  -11.447 -3.854  1.00 81.66  ? 54  LEU A C    1 
ATOM   518  O  O    . LEU A 1 54  ? 10.492  -12.679 -3.752  1.00 83.95  ? 54  LEU A O    1 
ATOM   519  C  CB   . LEU A 1 54  ? 9.977   -9.759  -2.125  1.00 81.49  ? 54  LEU A CB   1 
ATOM   520  C  CG   . LEU A 1 54  ? 9.024   -8.858  -1.330  1.00 82.75  ? 54  LEU A CG   1 
ATOM   521  C  CD1  . LEU A 1 54  ? 9.766   -8.186  -0.176  1.00 79.69  ? 54  LEU A CD1  1 
ATOM   522  C  CD2  . LEU A 1 54  ? 8.415   -7.825  -2.244  1.00 80.77  ? 54  LEU A CD2  1 
ATOM   523  H  H    . LEU A 1 54  ? 8.370   -12.086 -2.468  1.00 0.00   ? 54  LEU A H    1 
ATOM   524  N  N    . ARG A 1 55  ? 11.652  -10.840 -4.360  1.00 77.26  ? 55  ARG A N    1 
ATOM   525  C  CA   . ARG A 1 55  ? 12.814  -11.543 -4.873  1.00 68.56  ? 55  ARG A CA   1 
ATOM   526  C  C    . ARG A 1 55  ? 14.015  -10.636 -4.651  1.00 65.85  ? 55  ARG A C    1 
ATOM   527  O  O    . ARG A 1 55  ? 13.963  -9.449  -4.985  1.00 66.63  ? 55  ARG A O    1 
ATOM   528  C  CB   . ARG A 1 55  ? 12.667  -11.831 -6.369  1.00 66.86  ? 55  ARG A CB   1 
ATOM   529  C  CG   . ARG A 1 55  ? 12.450  -10.584 -7.217  1.00 71.08  ? 55  ARG A CG   1 
ATOM   530  C  CD   . ARG A 1 55  ? 11.694  -10.864 -8.515  1.00 73.37  ? 55  ARG A CD   1 
ATOM   531  N  NE   . ARG A 1 55  ? 11.217  -9.617  -9.109  1.00 72.72  ? 55  ARG A NE   1 
ATOM   532  C  CZ   . ARG A 1 55  ? 10.442  -9.535  -10.189 1.00 71.01  ? 55  ARG A CZ   1 
ATOM   533  N  NH1  . ARG A 1 55  ? 10.036  -10.634 -10.821 1.00 61.93  ? 55  ARG A NH1  1 
ATOM   534  N  NH2  . ARG A 1 55  ? 10.065  -8.343  -10.640 1.00 76.05  ? 55  ARG A NH2  1 
ATOM   535  H  H    . ARG A 1 55  ? 11.640  -9.850  -4.406  1.00 0.00   ? 55  ARG A H    1 
ATOM   536  H  HE   . ARG A 1 55  ? 11.476  -8.771  -8.686  1.00 0.00   ? 55  ARG A HE   1 
ATOM   537  H  HH11 . ARG A 1 55  ? 10.320  -11.530 -10.493 1.00 0.00   ? 55  ARG A HH11 1 
ATOM   538  H  HH12 . ARG A 1 55  ? 9.470   -10.541 -11.638 1.00 0.00   ? 55  ARG A HH12 1 
ATOM   539  H  HH21 . ARG A 1 55  ? 10.376  -7.515  -10.167 1.00 0.00   ? 55  ARG A HH21 1 
ATOM   540  H  HH22 . ARG A 1 55  ? 9.499   -8.256  -11.456 1.00 0.00   ? 55  ARG A HH22 1 
ATOM   541  N  N    . VAL A 1 56  ? 15.061  -11.162 -4.035  1.00 67.99  ? 56  VAL A N    1 
ATOM   542  C  CA   . VAL A 1 56  ? 16.263  -10.369 -3.778  1.00 69.69  ? 56  VAL A CA   1 
ATOM   543  C  C    . VAL A 1 56  ? 17.243  -10.516 -4.951  1.00 70.85  ? 56  VAL A C    1 
ATOM   544  O  O    . VAL A 1 56  ? 17.992  -11.491 -5.023  1.00 73.18  ? 56  VAL A O    1 
ATOM   545  C  CB   . VAL A 1 56  ? 16.934  -10.790 -2.456  1.00 71.91  ? 56  VAL A CB   1 
ATOM   546  C  CG1  . VAL A 1 56  ? 18.081  -9.850  -2.136  1.00 77.78  ? 56  VAL A CG1  1 
ATOM   547  C  CG2  . VAL A 1 56  ? 15.927  -10.762 -1.332  1.00 75.62  ? 56  VAL A CG2  1 
ATOM   548  H  H    . VAL A 1 56  ? 15.040  -12.103 -3.762  1.00 0.00   ? 56  VAL A H    1 
ATOM   549  N  N    . ALA A 1 57  ? 17.215  -9.558  -5.869  1.00 67.96  ? 57  ALA A N    1 
ATOM   550  C  CA   . ALA A 1 57  ? 18.079  -9.570  -7.052  1.00 65.55  ? 57  ALA A CA   1 
ATOM   551  C  C    . ALA A 1 57  ? 19.534  -9.257  -6.723  1.00 72.74  ? 57  ALA A C    1 
ATOM   552  O  O    . ALA A 1 57  ? 19.900  -9.170  -5.545  1.00 81.20  ? 57  ALA A O    1 
ATOM   553  C  CB   . ALA A 1 57  ? 17.566  -8.574  -8.072  1.00 60.99  ? 57  ALA A CB   1 
ATOM   554  H  H    . ALA A 1 57  ? 16.590  -8.808  -5.730  1.00 0.00   ? 57  ALA A H    1 
ATOM   555  N  N    . GLY A 1 58  ? 20.355  -9.074  -7.757  1.00 72.32  ? 58  GLY A N    1 
ATOM   556  C  CA   . GLY A 1 58  ? 21.755  -8.749  -7.556  1.00 71.74  ? 58  GLY A CA   1 
ATOM   557  C  C    . GLY A 1 58  ? 21.915  -7.455  -6.766  1.00 68.25  ? 58  GLY A C    1 
ATOM   558  O  O    . GLY A 1 58  ? 22.659  -7.405  -5.786  1.00 68.03  ? 58  GLY A O    1 
ATOM   559  H  H    . GLY A 1 58  ? 20.027  -9.179  -8.663  1.00 0.00   ? 58  GLY A H    1 
ATOM   560  N  N    . ASP A 1 59  ? 21.146  -6.439  -7.159  1.00 66.12  ? 59  ASP A N    1 
ATOM   561  C  CA   . ASP A 1 59  ? 21.093  -5.118  -6.511  1.00 62.41  ? 59  ASP A CA   1 
ATOM   562  C  C    . ASP A 1 59  ? 20.842  -5.298  -5.004  1.00 65.80  ? 59  ASP A C    1 
ATOM   563  O  O    . ASP A 1 59  ? 20.951  -4.345  -4.224  1.00 65.29  ? 59  ASP A O    1 
ATOM   564  C  CB   . ASP A 1 59  ? 19.918  -4.322  -7.136  1.00 45.12  ? 59  ASP A CB   1 
ATOM   565  C  CG   . ASP A 1 59  ? 19.965  -2.827  -6.854  1.00 27.24  ? 59  ASP A CG   1 
ATOM   566  O  OD1  . ASP A 1 59  ? 20.258  -2.405  -5.718  1.00 32.92  ? 59  ASP A OD1  1 
ATOM   567  O  OD2  . ASP A 1 59  ? 19.644  -2.067  -7.773  1.00 13.71  ? 59  ASP A OD2  1 
ATOM   568  H  H    . ASP A 1 59  ? 20.568  -6.619  -7.910  1.00 0.00   ? 59  ASP A H    1 
ATOM   569  N  N    . ARG A 1 60  ? 20.421  -6.505  -4.622  1.00 67.67  ? 60  ARG A N    1 
ATOM   570  C  CA   . ARG A 1 60  ? 20.111  -6.843  -3.241  1.00 69.09  ? 60  ARG A CA   1 
ATOM   571  C  C    . ARG A 1 60  ? 18.863  -6.082  -2.821  1.00 64.46  ? 60  ARG A C    1 
ATOM   572  O  O    . ARG A 1 60  ? 18.237  -6.400  -1.826  1.00 71.62  ? 60  ARG A O    1 
ATOM   573  C  CB   . ARG A 1 60  ? 21.287  -6.538  -2.315  1.00 74.65  ? 60  ARG A CB   1 
ATOM   574  H  H    . ARG A 1 60  ? 20.277  -7.224  -5.250  1.00 0.00   ? 60  ARG A H    1 
ATOM   575  N  N    . HIS A 1 61  ? 18.500  -5.073  -3.610  1.00 58.15  ? 61  HIS A N    1 
ATOM   576  C  CA   . HIS A 1 61  ? 17.327  -4.281  -3.352  1.00 64.37  ? 61  HIS A CA   1 
ATOM   577  C  C    . HIS A 1 61  ? 16.126  -5.200  -3.581  1.00 65.54  ? 61  HIS A C    1 
ATOM   578  O  O    . HIS A 1 61  ? 15.995  -5.832  -4.629  1.00 74.37  ? 61  HIS A O    1 
ATOM   579  C  CB   . HIS A 1 61  ? 17.264  -3.092  -4.299  1.00 64.50  ? 61  HIS A CB   1 
ATOM   580  H  H    . HIS A 1 61  ? 18.934  -4.757  -4.410  1.00 0.00   ? 61  HIS A H    1 
ATOM   581  N  N    . LEU A 1 62  ? 15.310  -5.338  -2.543  1.00 56.87  ? 62  LEU A N    1 
ATOM   582  C  CA   . LEU A 1 62  ? 14.113  -6.163  -2.582  1.00 45.77  ? 62  LEU A CA   1 
ATOM   583  C  C    . LEU A 1 62  ? 13.311  -5.772  -3.813  1.00 51.08  ? 62  LEU A C    1 
ATOM   584  O  O    . LEU A 1 62  ? 13.246  -4.582  -4.156  1.00 46.57  ? 62  LEU A O    1 
ATOM   585  C  CB   . LEU A 1 62  ? 13.309  -5.902  -1.318  1.00 41.03  ? 62  LEU A CB   1 
ATOM   586  C  CG   . LEU A 1 62  ? 14.155  -5.729  -0.053  1.00 39.52  ? 62  LEU A CG   1 
ATOM   587  C  CD1  . LEU A 1 62  ? 13.302  -5.314  1.114   1.00 39.25  ? 62  LEU A CD1  1 
ATOM   588  C  CD2  . LEU A 1 62  ? 14.899  -7.019  0.273   1.00 42.90  ? 62  LEU A CD2  1 
ATOM   589  H  H    . LEU A 1 62  ? 15.568  -4.836  -1.751  1.00 0.00   ? 62  LEU A H    1 
ATOM   590  N  N    . GLU A 1 63  ? 12.763  -6.761  -4.505  1.00 62.33  ? 63  GLU A N    1 
ATOM   591  C  CA   . GLU A 1 63  ? 11.932  -6.509  -5.691  1.00 72.54  ? 63  GLU A CA   1 
ATOM   592  C  C    . GLU A 1 63  ? 10.567  -7.177  -5.596  1.00 66.94  ? 63  GLU A C    1 
ATOM   593  O  O    . GLU A 1 63  ? 10.453  -8.311  -5.118  1.00 66.05  ? 63  GLU A O    1 
ATOM   594  C  CB   . GLU A 1 63  ? 12.641  -7.002  -6.958  1.00 78.80  ? 63  GLU A CB   1 
ATOM   595  C  CG   . GLU A 1 63  ? 13.876  -6.217  -7.319  1.00 87.36  ? 63  GLU A CG   1 
ATOM   596  C  CD   . GLU A 1 63  ? 14.638  -6.830  -8.456  1.00 95.23  ? 63  GLU A CD   1 
ATOM   597  O  OE1  . GLU A 1 63  ? 14.296  -7.987  -8.855  1.00 95.50  ? 63  GLU A OE1  1 
ATOM   598  O  OE2  . GLU A 1 63  ? 15.577  -6.196  -8.970  1.00 101.66 ? 63  GLU A OE2  1 
ATOM   599  H  H    . GLU A 1 63  ? 12.931  -7.690  -4.267  1.00 0.00   ? 63  GLU A H    1 
ATOM   600  N  N    . LEU A 1 64  ? 9.527   -6.477  -6.038  1.00 58.14  ? 64  LEU A N    1 
ATOM   601  C  CA   . LEU A 1 64  ? 8.185   -7.018  -5.981  1.00 59.78  ? 64  LEU A CA   1 
ATOM   602  C  C    . LEU A 1 64  ? 7.968   -8.030  -7.094  1.00 62.32  ? 64  LEU A C    1 
ATOM   603  O  O    . LEU A 1 64  ? 8.157   -7.719  -8.270  1.00 56.20  ? 64  LEU A O    1 
ATOM   604  C  CB   . LEU A 1 64  ? 7.143   -5.902  -6.120  1.00 64.93  ? 64  LEU A CB   1 
ATOM   605  C  CG   . LEU A 1 64  ? 6.932   -4.921  -4.952  1.00 73.31  ? 64  LEU A CG   1 
ATOM   606  C  CD1  . LEU A 1 64  ? 5.885   -3.888  -5.331  1.00 77.06  ? 64  LEU A CD1  1 
ATOM   607  C  CD2  . LEU A 1 64  ? 6.491   -5.662  -3.709  1.00 75.29  ? 64  LEU A CD2  1 
ATOM   608  H  H    . LEU A 1 64  ? 9.664   -5.598  -6.443  1.00 0.00   ? 64  LEU A H    1 
ATOM   609  N  N    . THR A 1 65  ? 7.640   -9.249  -6.704  1.00 68.18  ? 65  THR A N    1 
ATOM   610  C  CA   . THR A 1 65  ? 7.358   -10.303 -7.655  1.00 70.87  ? 65  THR A CA   1 
ATOM   611  C  C    . THR A 1 65  ? 5.917   -10.053 -8.100  1.00 73.87  ? 65  THR A C    1 
ATOM   612  O  O    . THR A 1 65  ? 5.206   -9.275  -7.459  1.00 72.92  ? 65  THR A O    1 
ATOM   613  C  CB   . THR A 1 65  ? 7.461   -11.703 -7.002  1.00 69.02  ? 65  THR A CB   1 
ATOM   614  O  OG1  . THR A 1 65  ? 8.622   -11.755 -6.180  1.00 60.63  ? 65  THR A OG1  1 
ATOM   615  C  CG2  . THR A 1 65  ? 7.537   -12.801 -8.074  1.00 70.86  ? 65  THR A CG2  1 
ATOM   616  H  H    . THR A 1 65  ? 7.609   -9.467  -5.754  1.00 0.00   ? 65  THR A H    1 
ATOM   617  H  HG1  . THR A 1 65  ? 9.411   -11.716 -6.739  1.00 0.00   ? 65  THR A HG1  1 
ATOM   618  N  N    . GLU A 1 66  ? 5.486   -10.690 -9.187  1.00 79.90  ? 66  GLU A N    1 
ATOM   619  C  CA   . GLU A 1 66  ? 4.115   -10.510 -9.704  1.00 85.94  ? 66  GLU A CA   1 
ATOM   620  C  C    . GLU A 1 66  ? 3.037   -10.624 -8.607  1.00 80.69  ? 66  GLU A C    1 
ATOM   621  O  O    . GLU A 1 66  ? 1.987   -9.968  -8.689  1.00 75.74  ? 66  GLU A O    1 
ATOM   622  C  CB   . GLU A 1 66  ? 3.851   -11.497 -10.846 1.00 90.74  ? 66  GLU A CB   1 
ATOM   623  H  H    . GLU A 1 66  ? 6.110   -11.256 -9.683  1.00 0.00   ? 66  GLU A H    1 
ATOM   624  N  N    . LYS A 1 67  ? 3.295   -11.450 -7.605  1.00 71.70  ? 67  LYS A N    1 
ATOM   625  C  CA   . LYS A 1 67  ? 2.350   -11.628 -6.515  1.00 68.93  ? 67  LYS A CA   1 
ATOM   626  C  C    . LYS A 1 67  ? 2.463   -10.430 -5.568  1.00 67.26  ? 67  LYS A C    1 
ATOM   627  O  O    . LYS A 1 67  ? 1.458   -9.937  -5.062  1.00 69.65  ? 67  LYS A O    1 
ATOM   628  C  CB   . LYS A 1 67  ? 2.635   -12.925 -5.764  1.00 66.81  ? 67  LYS A CB   1 
ATOM   629  H  H    . LYS A 1 67  ? 4.124   -11.965 -7.604  1.00 0.00   ? 67  LYS A H    1 
ATOM   630  N  N    . GLY A 1 68  ? 3.694   -9.964  -5.372  1.00 65.55  ? 68  GLY A N    1 
ATOM   631  C  CA   . GLY A 1 68  ? 3.941   -8.833  -4.494  1.00 57.85  ? 68  GLY A CA   1 
ATOM   632  C  C    . GLY A 1 68  ? 3.403   -7.516  -5.016  1.00 46.59  ? 68  GLY A C    1 
ATOM   633  O  O    . GLY A 1 68  ? 2.828   -6.727  -4.273  1.00 36.93  ? 68  GLY A O    1 
ATOM   634  H  H    . GLY A 1 68  ? 4.453   -10.377 -5.825  1.00 0.00   ? 68  GLY A H    1 
ATOM   635  N  N    . ARG A 1 69  ? 3.610   -7.275  -6.307  1.00 46.47  ? 69  ARG A N    1 
ATOM   636  C  CA   . ARG A 1 69  ? 3.137   -6.058  -6.953  1.00 51.17  ? 69  ARG A CA   1 
ATOM   637  C  C    . ARG A 1 69  ? 1.626   -6.103  -7.043  1.00 52.00  ? 69  ARG A C    1 
ATOM   638  O  O    . ARG A 1 69  ? 0.978   -5.059  -7.176  1.00 57.89  ? 69  ARG A O    1 
ATOM   639  C  CB   . ARG A 1 69  ? 3.730   -5.925  -8.343  1.00 50.94  ? 69  ARG A CB   1 
ATOM   640  H  H    . ARG A 1 69  ? 4.106   -7.929  -6.839  1.00 0.00   ? 69  ARG A H    1 
ATOM   641  N  N    . ALA A 1 70  ? 1.085   -7.321  -7.002  1.00 52.53  ? 70  ALA A N    1 
ATOM   642  C  CA   . ALA A 1 70  ? -0.360  -7.569  -7.052  1.00 49.31  ? 70  ALA A CA   1 
ATOM   643  C  C    . ALA A 1 70  ? -0.973  -7.232  -5.692  1.00 37.99  ? 70  ALA A C    1 
ATOM   644  O  O    . ALA A 1 70  ? -1.859  -6.397  -5.612  1.00 32.19  ? 70  ALA A O    1 
ATOM   645  C  CB   . ALA A 1 70  ? -0.633  -9.023  -7.438  1.00 47.13  ? 70  ALA A CB   1 
ATOM   646  H  H    . ALA A 1 70  ? 1.668   -8.100  -6.936  1.00 0.00   ? 70  ALA A H    1 
ATOM   647  N  N    . LEU A 1 71  ? -0.467  -7.849  -4.631  1.00 36.65  ? 71  LEU A N    1 
ATOM   648  C  CA   . LEU A 1 71  ? -0.952  -7.571  -3.295  1.00 40.28  ? 71  LEU A CA   1 
ATOM   649  C  C    . LEU A 1 71  ? -0.515  -6.192  -2.822  1.00 46.16  ? 71  LEU A C    1 
ATOM   650  O  O    . LEU A 1 71  ? -0.962  -5.729  -1.768  1.00 53.18  ? 71  LEU A O    1 
ATOM   651  C  CB   . LEU A 1 71  ? -0.530  -8.639  -2.285  1.00 43.26  ? 71  LEU A CB   1 
ATOM   652  C  CG   . LEU A 1 71  ? -1.157  -8.533  -0.877  1.00 43.58  ? 71  LEU A CG   1 
ATOM   653  C  CD1  . LEU A 1 71  ? -2.645  -8.838  -0.936  1.00 40.56  ? 71  LEU A CD1  1 
ATOM   654  C  CD2  . LEU A 1 71  ? -0.474  -9.468  0.104   1.00 47.41  ? 71  LEU A CD2  1 
ATOM   655  H  H    . LEU A 1 71  ? 0.245   -8.514  -4.751  1.00 0.00   ? 71  LEU A H    1 
ATOM   656  N  N    . ALA A 1 72  ? 0.291   -5.491  -3.614  1.00 48.23  ? 72  ALA A N    1 
ATOM   657  C  CA   . ALA A 1 72  ? 0.766   -4.137  -3.266  1.00 41.69  ? 72  ALA A CA   1 
ATOM   658  C  C    . ALA A 1 72  ? -0.094  -3.063  -3.961  1.00 34.88  ? 72  ALA A C    1 
ATOM   659  O  O    . ALA A 1 72  ? -0.486  -2.051  -3.361  1.00 20.35  ? 72  ALA A O    1 
ATOM   660  C  CB   . ALA A 1 72  ? 2.222   -3.979  -3.629  1.00 39.95  ? 72  ALA A CB   1 
ATOM   661  H  H    . ALA A 1 72  ? 0.659   -5.901  -4.419  1.00 0.00   ? 72  ALA A H    1 
ATOM   662  N  N    . ILE A 1 73  ? -0.391  -3.306  -5.240  1.00 34.83  ? 73  ILE A N    1 
ATOM   663  C  CA   . ILE A 1 73  ? -1.199  -2.378  -6.017  1.00 38.16  ? 73  ILE A CA   1 
ATOM   664  C  C    . ILE A 1 73  ? -2.617  -2.234  -5.442  1.00 38.57  ? 73  ILE A C    1 
ATOM   665  O  O    . ILE A 1 73  ? -3.134  -1.127  -5.344  1.00 47.44  ? 73  ILE A O    1 
ATOM   666  C  CB   . ILE A 1 73  ? -1.253  -2.817  -7.495  1.00 46.42  ? 73  ILE A CB   1 
ATOM   667  C  CG1  . ILE A 1 73  ? -1.934  -1.755  -8.345  1.00 52.53  ? 73  ILE A CG1  1 
ATOM   668  C  CG2  . ILE A 1 73  ? -2.005  -4.128  -7.641  1.00 54.62  ? 73  ILE A CG2  1 
ATOM   669  C  CD1  . ILE A 1 73  ? -1.696  -1.929  -9.837  1.00 57.36  ? 73  ILE A CD1  1 
ATOM   670  H  H    . ILE A 1 73  ? -0.050  -4.112  -5.657  1.00 0.00   ? 73  ILE A H    1 
ATOM   671  N  N    . ALA A 1 74  ? -3.232  -3.356  -5.039  1.00 37.15  ? 74  ALA A N    1 
ATOM   672  C  CA   . ALA A 1 74  ? -4.595  -3.376  -4.460  1.00 36.05  ? 74  ALA A CA   1 
ATOM   673  C  C    . ALA A 1 74  ? -4.687  -2.633  -3.128  1.00 40.31  ? 74  ALA A C    1 
ATOM   674  O  O    . ALA A 1 74  ? -5.607  -1.860  -2.902  1.00 47.77  ? 74  ALA A O    1 
ATOM   675  C  CB   . ALA A 1 74  ? -5.093  -4.811  -4.294  1.00 23.38  ? 74  ALA A CB   1 
ATOM   676  H  H    . ALA A 1 74  ? -2.729  -4.185  -5.133  1.00 0.00   ? 74  ALA A H    1 
ATOM   677  N  N    . VAL A 1 75  ? -3.729  -2.884  -2.236  1.00 42.57  ? 75  VAL A N    1 
ATOM   678  C  CA   . VAL A 1 75  ? -3.700  -2.224  -0.933  1.00 38.02  ? 75  VAL A CA   1 
ATOM   679  C  C    . VAL A 1 75  ? -3.581  -0.698  -1.150  1.00 39.19  ? 75  VAL A C    1 
ATOM   680  O  O    . VAL A 1 75  ? -4.120  0.091   -0.375  1.00 34.89  ? 75  VAL A O    1 
ATOM   681  C  CB   . VAL A 1 75  ? -2.514  -2.753  -0.082  1.00 29.75  ? 75  VAL A CB   1 
ATOM   682  C  CG1  . VAL A 1 75  ? -2.397  -2.000  1.238   1.00 20.26  ? 75  VAL A CG1  1 
ATOM   683  C  CG2  . VAL A 1 75  ? -2.668  -4.246  0.142   1.00 13.83  ? 75  VAL A CG2  1 
ATOM   684  H  H    . VAL A 1 75  ? -2.991  -3.467  -2.471  1.00 0.00   ? 75  VAL A H    1 
ATOM   685  N  N    . MET A 1 76  ? -2.893  -0.294  -2.233  1.00 43.07  ? 76  MET A N    1 
ATOM   686  C  CA   . MET A 1 76  ? -2.719  1.124   -2.561  1.00 41.66  ? 76  MET A CA   1 
ATOM   687  C  C    . MET A 1 76  ? -3.995  1.690   -3.172  1.00 41.29  ? 76  MET A C    1 
ATOM   688  O  O    . MET A 1 76  ? -4.228  2.897   -3.125  1.00 43.66  ? 76  MET A O    1 
ATOM   689  C  CB   . MET A 1 76  ? -1.551  1.343   -3.516  1.00 45.74  ? 76  MET A CB   1 
ATOM   690  C  CG   . MET A 1 76  ? -0.154  1.343   -2.874  1.00 55.70  ? 76  MET A CG   1 
ATOM   691  S  SD   . MET A 1 76  ? 0.339   2.870   -1.998  1.00 49.73  ? 76  MET A SD   1 
ATOM   692  C  CE   . MET A 1 76  ? -0.898  3.974   -2.566  1.00 46.30  ? 76  MET A CE   1 
ATOM   693  H  H    . MET A 1 76  ? -2.465  -0.967  -2.803  1.00 0.00   ? 76  MET A H    1 
ATOM   694  N  N    . ARG A 1 77  ? -4.789  0.811   -3.800  1.00 31.13  ? 77  ARG A N    1 
ATOM   695  C  CA   . ARG A 1 77  ? -6.049  1.228   -4.393  1.00 27.48  ? 77  ARG A CA   1 
ATOM   696  C  C    . ARG A 1 77  ? -7.053  1.394   -3.248  1.00 29.80  ? 77  ARG A C    1 
ATOM   697  O  O    . ARG A 1 77  ? -7.802  2.372   -3.201  1.00 33.63  ? 77  ARG A O    1 
ATOM   698  C  CB   . ARG A 1 77  ? -6.531  0.173   -5.385  1.00 30.88  ? 77  ARG A CB   1 
ATOM   699  C  CG   . ARG A 1 77  ? -7.804  0.546   -6.132  1.00 29.90  ? 77  ARG A CG   1 
ATOM   700  C  CD   . ARG A 1 77  ? -8.297  -0.652  -6.921  1.00 27.69  ? 77  ARG A CD   1 
ATOM   701  N  NE   . ARG A 1 77  ? -8.396  -1.832  -6.093  1.00 22.66  ? 77  ARG A NE   1 
ATOM   702  C  CZ   . ARG A 1 77  ? -7.883  -3.019  -6.397  1.00 23.28  ? 77  ARG A CZ   1 
ATOM   703  N  NH1  . ARG A 1 77  ? -7.232  -3.185  -7.539  1.00 28.41  ? 77  ARG A NH1  1 
ATOM   704  N  NH2  . ARG A 1 77  ? -8.050  -4.045  -5.566  1.00 21.23  ? 77  ARG A NH2  1 
ATOM   705  H  H    . ARG A 1 77  ? -4.498  -0.118  -3.906  1.00 0.00   ? 77  ARG A H    1 
ATOM   706  H  HE   . ARG A 1 77  ? -8.834  -1.806  -5.235  1.00 0.00   ? 77  ARG A HE   1 
ATOM   707  H  HH11 . ARG A 1 77  ? -7.116  -2.421  -8.172  1.00 0.00   ? 77  ARG A HH11 1 
ATOM   708  H  HH12 . ARG A 1 77  ? -6.852  -4.083  -7.769  1.00 0.00   ? 77  ARG A HH12 1 
ATOM   709  H  HH21 . ARG A 1 77  ? -8.554  -3.925  -4.714  1.00 0.00   ? 77  ARG A HH21 1 
ATOM   710  H  HH22 . ARG A 1 77  ? -7.670  -4.938  -5.802  1.00 0.00   ? 77  ARG A HH22 1 
ATOM   711  N  N    . LYS A 1 78  ? -7.044  0.441   -2.312  1.00 26.81  ? 78  LYS A N    1 
ATOM   712  C  CA   . LYS A 1 78  ? -7.918  0.484   -1.129  1.00 29.76  ? 78  LYS A CA   1 
ATOM   713  C  C    . LYS A 1 78  ? -7.545  1.737   -0.317  1.00 29.74  ? 78  LYS A C    1 
ATOM   714  O  O    . LYS A 1 78  ? -8.403  2.536   0.070   1.00 35.67  ? 78  LYS A O    1 
ATOM   715  C  CB   . LYS A 1 78  ? -7.677  -0.741  -0.250  1.00 22.97  ? 78  LYS A CB   1 
ATOM   716  C  CG   . LYS A 1 78  ? -7.918  -2.081  -0.947  1.00 30.84  ? 78  LYS A CG   1 
ATOM   717  C  CD   . LYS A 1 78  ? -7.646  -3.237  0.010   1.00 28.87  ? 78  LYS A CD   1 
ATOM   718  C  CE   . LYS A 1 78  ? -7.839  -4.584  -0.655  1.00 26.22  ? 78  LYS A CE   1 
ATOM   719  N  NZ   . LYS A 1 78  ? -9.221  -4.880  -1.131  1.00 16.69  ? 78  LYS A NZ   1 
ATOM   720  H  H    . LYS A 1 78  ? -6.435  -0.305  -2.422  1.00 0.00   ? 78  LYS A H    1 
ATOM   721  H  HZ1  . LYS A 1 78  ? -9.923  -4.756  -0.378  1.00 0.00   ? 78  LYS A HZ1  1 
ATOM   722  H  HZ2  . LYS A 1 78  ? -9.392  -4.259  -1.924  1.00 0.00   ? 78  LYS A HZ2  1 
ATOM   723  H  HZ3  . LYS A 1 78  ? -9.240  -5.865  -1.483  1.00 0.00   ? 78  LYS A HZ3  1 
ATOM   724  N  N    . HIS A 1 79  ? -6.243  1.870   -0.065  1.00 19.16  ? 79  HIS A N    1 
ATOM   725  C  CA   . HIS A 1 79  ? -5.702  3.001   0.654   1.00 22.15  ? 79  HIS A CA   1 
ATOM   726  C  C    . HIS A 1 79  ? -6.280  4.293   0.094   1.00 31.48  ? 79  HIS A C    1 
ATOM   727  O  O    . HIS A 1 79  ? -6.958  5.055   0.781   1.00 25.28  ? 79  HIS A O    1 
ATOM   728  C  CB   . HIS A 1 79  ? -4.180  2.990   0.465   1.00 27.10  ? 79  HIS A CB   1 
ATOM   729  C  CG   . HIS A 1 79  ? -3.471  4.096   1.161   1.00 28.22  ? 79  HIS A CG   1 
ATOM   730  N  ND1  . HIS A 1 79  ? -2.684  3.873   2.250   1.00 26.57  ? 79  HIS A ND1  1 
ATOM   731  C  CD2  . HIS A 1 79  ? -3.564  5.429   0.953   1.00 27.12  ? 79  HIS A CD2  1 
ATOM   732  C  CE1  . HIS A 1 79  ? -2.317  5.068   2.680   1.00 31.87  ? 79  HIS A CE1  1 
ATOM   733  N  NE2  . HIS A 1 79  ? -2.809  6.053   1.942   1.00 34.23  ? 79  HIS A NE2  1 
ATOM   734  H  H    . HIS A 1 79  ? -5.649  1.180   -0.378  1.00 0.00   ? 79  HIS A H    1 
ATOM   735  N  N    . ARG A 1 80  ? -6.023  4.495   -1.191  1.00 46.93  ? 80  ARG A N    1 
ATOM   736  C  CA   . ARG A 1 80  ? -6.444  5.690   -1.902  1.00 48.53  ? 80  ARG A CA   1 
ATOM   737  C  C    . ARG A 1 80  ? -7.954  5.834   -2.027  1.00 47.50  ? 80  ARG A C    1 
ATOM   738  O  O    . ARG A 1 80  ? -8.489  6.948   -1.937  1.00 52.32  ? 80  ARG A O    1 
ATOM   739  C  CB   . ARG A 1 80  ? -5.748  5.750   -3.252  1.00 46.75  ? 80  ARG A CB   1 
ATOM   740  C  CG   . ARG A 1 80  ? -4.261  5.916   -3.033  1.00 41.06  ? 80  ARG A CG   1 
ATOM   741  C  CD   . ARG A 1 80  ? -3.459  5.918   -4.283  1.00 41.14  ? 80  ARG A CD   1 
ATOM   742  N  NE   . ARG A 1 80  ? -2.157  6.518   -4.021  1.00 41.25  ? 80  ARG A NE   1 
ATOM   743  C  CZ   . ARG A 1 80  ? -1.072  6.312   -4.760  1.00 45.27  ? 80  ARG A CZ   1 
ATOM   744  N  NH1  . ARG A 1 80  ? -1.115  5.511   -5.810  1.00 52.65  ? 80  ARG A NH1  1 
ATOM   745  N  NH2  . ARG A 1 80  ? 0.051   6.948   -4.460  1.00 43.09  ? 80  ARG A NH2  1 
ATOM   746  H  H    . ARG A 1 80  ? -5.501  3.830   -1.690  1.00 0.00   ? 80  ARG A H    1 
ATOM   747  H  HE   . ARG A 1 80  ? -2.073  7.106   -3.239  1.00 0.00   ? 80  ARG A HE   1 
ATOM   748  H  HH11 . ARG A 1 80  ? -1.975  5.049   -6.047  1.00 0.00   ? 80  ARG A HH11 1 
ATOM   749  H  HH12 . ARG A 1 80  ? -0.306  5.347   -6.372  1.00 0.00   ? 80  ARG A HH12 1 
ATOM   750  H  HH21 . ARG A 1 80  ? 0.082   7.574   -3.685  1.00 0.00   ? 80  ARG A HH21 1 
ATOM   751  H  HH22 . ARG A 1 80  ? 0.860   6.788   -5.020  1.00 0.00   ? 80  ARG A HH22 1 
ATOM   752  N  N    . LEU A 1 81  ? -8.653  4.715   -2.181  1.00 41.73  ? 81  LEU A N    1 
ATOM   753  C  CA   . LEU A 1 81  ? -10.106 4.743   -2.283  1.00 38.50  ? 81  LEU A CA   1 
ATOM   754  C  C    . LEU A 1 81  ? -10.671 5.315   -0.986  1.00 34.37  ? 81  LEU A C    1 
ATOM   755  O  O    . LEU A 1 81  ? -11.511 6.213   -1.004  1.00 32.09  ? 81  LEU A O    1 
ATOM   756  C  CB   . LEU A 1 81  ? -10.621 3.318   -2.550  1.00 45.98  ? 81  LEU A CB   1 
ATOM   757  C  CG   . LEU A 1 81  ? -11.300 2.991   -3.892  1.00 46.77  ? 81  LEU A CG   1 
ATOM   758  C  CD1  . LEU A 1 81  ? -10.996 4.057   -4.922  1.00 53.48  ? 81  LEU A CD1  1 
ATOM   759  C  CD2  . LEU A 1 81  ? -10.850 1.637   -4.403  1.00 38.28  ? 81  LEU A CD2  1 
ATOM   760  H  H    . LEU A 1 81  ? -8.183  3.869   -2.210  1.00 0.00   ? 81  LEU A H    1 
ATOM   761  N  N    . ALA A 1 82  ? -10.157 4.821   0.144   1.00 35.20  ? 82  ALA A N    1 
ATOM   762  C  CA   . ALA A 1 82  ? -10.591 5.262   1.477   1.00 33.60  ? 82  ALA A CA   1 
ATOM   763  C  C    . ALA A 1 82  ? -10.285 6.744   1.677   1.00 32.46  ? 82  ALA A C    1 
ATOM   764  O  O    . ALA A 1 82  ? -11.065 7.469   2.302   1.00 21.97  ? 82  ALA A O    1 
ATOM   765  C  CB   . ALA A 1 82  ? -9.938  4.412   2.578   1.00 24.98  ? 82  ALA A CB   1 
ATOM   766  H  H    . ALA A 1 82  ? -9.441  4.151   0.095   1.00 0.00   ? 82  ALA A H    1 
ATOM   767  N  N    . GLU A 1 83  ? -9.135  7.180   1.143   1.00 35.83  ? 83  GLU A N    1 
ATOM   768  C  CA   . GLU A 1 83  ? -8.717  8.583   1.250   1.00 40.32  ? 83  GLU A CA   1 
ATOM   769  C  C    . GLU A 1 83  ? -9.751  9.511   0.607   1.00 40.95  ? 83  GLU A C    1 
ATOM   770  O  O    . GLU A 1 83  ? -9.963  10.629  1.063   1.00 40.39  ? 83  GLU A O    1 
ATOM   771  C  CB   . GLU A 1 83  ? -7.326  8.783   0.622   1.00 44.43  ? 83  GLU A CB   1 
ATOM   772  C  CG   . GLU A 1 83  ? -6.121  8.507   1.528   1.00 45.11  ? 83  GLU A CG   1 
ATOM   773  C  CD   . GLU A 1 83  ? -4.770  8.793   0.893   1.00 44.48  ? 83  GLU A CD   1 
ATOM   774  O  OE1  . GLU A 1 83  ? -4.663  8.843   -0.353  1.00 51.69  ? 83  GLU A OE1  1 
ATOM   775  O  OE2  . GLU A 1 83  ? -3.781  8.948   1.590   1.00 37.29  ? 83  GLU A OE2  1 
ATOM   776  H  H    . GLU A 1 83  ? -8.556  6.535   0.702   1.00 0.00   ? 83  GLU A H    1 
ATOM   777  N  N    . ARG A 1 84  ? -10.329 9.076   -0.501  1.00 43.52  ? 84  ARG A N    1 
ATOM   778  C  CA   . ARG A 1 84  ? -11.350 9.860   -1.173  1.00 34.64  ? 84  ARG A CA   1 
ATOM   779  C  C    . ARG A 1 84  ? -12.547 9.852   -0.231  1.00 46.13  ? 84  ARG A C    1 
ATOM   780  O  O    . ARG A 1 84  ? -13.016 10.903  0.196   1.00 50.63  ? 84  ARG A O    1 
ATOM   781  C  CB   . ARG A 1 84  ? -11.753 9.211   -2.500  1.00 28.76  ? 84  ARG A CB   1 
ATOM   782  C  CG   . ARG A 1 84  ? -10.679 9.164   -3.520  1.00 27.79  ? 84  ARG A CG   1 
ATOM   783  C  CD   . ARG A 1 84  ? -10.289 10.561  -3.913  1.00 44.82  ? 84  ARG A CD   1 
ATOM   784  N  NE   . ARG A 1 84  ? -11.311 11.154  -4.749  1.00 63.56  ? 84  ARG A NE   1 
ATOM   785  C  CZ   . ARG A 1 84  ? -11.214 12.364  -5.305  1.00 69.87  ? 84  ARG A CZ   1 
ATOM   786  N  NH1  . ARG A 1 84  ? -10.134 13.120  -5.114  1.00 74.74  ? 84  ARG A NH1  1 
ATOM   787  N  NH2  . ARG A 1 84  ? -12.192 12.813  -6.090  1.00 67.39  ? 84  ARG A NH2  1 
ATOM   788  H  H    . ARG A 1 84  ? -10.048 8.206   -0.872  1.00 0.00   ? 84  ARG A H    1 
ATOM   789  H  HE   . ARG A 1 84  ? -12.116 10.634  -4.931  1.00 0.00   ? 84  ARG A HE   1 
ATOM   790  H  HH11 . ARG A 1 84  ? -9.388  12.779  -4.539  1.00 0.00   ? 84  ARG A HH11 1 
ATOM   791  H  HH12 . ARG A 1 84  ? -10.072 14.021  -5.526  1.00 0.00   ? 84  ARG A HH12 1 
ATOM   792  H  HH21 . ARG A 1 84  ? -12.974 12.212  -6.260  1.00 0.00   ? 84  ARG A HH21 1 
ATOM   793  H  HH22 . ARG A 1 84  ? -12.126 13.706  -6.519  1.00 0.00   ? 84  ARG A HH22 1 
ATOM   794  N  N    . LEU A 1 85  ? -12.972 8.640   0.166   1.00 42.64  ? 85  LEU A N    1 
ATOM   795  C  CA   . LEU A 1 85  ? -14.123 8.448   1.060   1.00 29.03  ? 85  LEU A CA   1 
ATOM   796  C  C    . LEU A 1 85  ? -14.063 9.333   2.304   1.00 25.91  ? 85  LEU A C    1 
ATOM   797  O  O    . LEU A 1 85  ? -15.042 9.987   2.647   1.00 36.31  ? 85  LEU A O    1 
ATOM   798  C  CB   . LEU A 1 85  ? -14.239 6.981   1.514   1.00 23.50  ? 85  LEU A CB   1 
ATOM   799  C  CG   . LEU A 1 85  ? -15.474 6.585   2.351   1.00 17.64  ? 85  LEU A CG   1 
ATOM   800  C  CD1  . LEU A 1 85  ? -16.670 6.494   1.414   1.00 20.43  ? 85  LEU A CD1  1 
ATOM   801  C  CD2  . LEU A 1 85  ? -15.272 5.229   3.083   1.00 4.26   ? 85  LEU A CD2  1 
ATOM   802  H  H    . LEU A 1 85  ? -12.485 7.839   -0.125  1.00 0.00   ? 85  LEU A H    1 
ATOM   803  N  N    . LEU A 1 86  ? -12.900 9.363   2.935   1.00 20.42  ? 86  LEU A N    1 
ATOM   804  C  CA   . LEU A 1 86  ? -12.715 10.143  4.146   1.00 26.80  ? 86  LEU A CA   1 
ATOM   805  C  C    . LEU A 1 86  ? -12.777 11.636  3.918   1.00 32.70  ? 86  LEU A C    1 
ATOM   806  O  O    . LEU A 1 86  ? -13.259 12.371  4.756   1.00 40.05  ? 86  LEU A O    1 
ATOM   807  C  CB   . LEU A 1 86  ? -11.394 9.775   4.815   1.00 33.88  ? 86  LEU A CB   1 
ATOM   808  C  CG   . LEU A 1 86  ? -11.295 8.343   5.380   1.00 41.40  ? 86  LEU A CG   1 
ATOM   809  C  CD1  . LEU A 1 86  ? -9.842  7.909   5.434   1.00 38.79  ? 86  LEU A CD1  1 
ATOM   810  C  CD2  . LEU A 1 86  ? -11.984 8.273   6.749   1.00 40.92  ? 86  LEU A CD2  1 
ATOM   811  H  H    . LEU A 1 86  ? -12.144 8.884   2.564   1.00 0.00   ? 86  LEU A H    1 
ATOM   812  N  N    . VAL A 1 87  ? -12.276 12.078  2.778   1.00 40.00  ? 87  VAL A N    1 
ATOM   813  C  CA   . VAL A 1 87  ? -12.266 13.499  2.462   1.00 46.72  ? 87  VAL A CA   1 
ATOM   814  C  C    . VAL A 1 87  ? -13.565 13.910  1.842   1.00 41.44  ? 87  VAL A C    1 
ATOM   815  O  O    . VAL A 1 87  ? -14.332 14.701  2.409   1.00 33.89  ? 87  VAL A O    1 
ATOM   816  C  CB   . VAL A 1 87  ? -11.114 13.837  1.488   1.00 53.10  ? 87  VAL A CB   1 
ATOM   817  C  CG1  . VAL A 1 87  ? -11.422 15.112  0.714   1.00 56.01  ? 87  VAL A CG1  1 
ATOM   818  C  CG2  . VAL A 1 87  ? -9.826  14.026  2.278   1.00 60.26  ? 87  VAL A CG2  1 
ATOM   819  H  H    . VAL A 1 87  ? -11.905 11.447  2.117   1.00 0.00   ? 87  VAL A H    1 
ATOM   820  N  N    . ASP A 1 88  ? -13.823 13.350  0.677   1.00 42.06  ? 88  ASP A N    1 
ATOM   821  C  CA   . ASP A 1 88  ? -15.031 13.627  -0.069  1.00 53.51  ? 88  ASP A CA   1 
ATOM   822  C  C    . ASP A 1 88  ? -16.287 13.400  0.768   1.00 56.15  ? 88  ASP A C    1 
ATOM   823  O  O    . ASP A 1 88  ? -16.979 14.363  1.115   1.00 62.66  ? 88  ASP A O    1 
ATOM   824  C  CB   . ASP A 1 88  ? -15.066 12.758  -1.353  1.00 59.16  ? 88  ASP A CB   1 
ATOM   825  C  CG   . ASP A 1 88  ? -13.897 13.012  -2.292  1.00 60.67  ? 88  ASP A CG   1 
ATOM   826  O  OD1  . ASP A 1 88  ? -12.732 13.133  -1.833  1.00 61.17  ? 88  ASP A OD1  1 
ATOM   827  O  OD2  . ASP A 1 88  ? -14.126 13.057  -3.525  1.00 61.16  ? 88  ASP A OD2  1 
ATOM   828  H  H    . ASP A 1 88  ? -13.174 12.719  0.317   1.00 0.00   ? 88  ASP A H    1 
ATOM   829  N  N    . VAL A 1 89  ? -16.539 12.154  1.144   1.00 58.86  ? 89  VAL A N    1 
ATOM   830  C  CA   . VAL A 1 89  ? -17.740 11.828  1.910   1.00 56.75  ? 89  VAL A CA   1 
ATOM   831  C  C    . VAL A 1 89  ? -17.694 12.079  3.430   1.00 59.91  ? 89  VAL A C    1 
ATOM   832  O  O    . VAL A 1 89  ? -18.328 13.028  3.909   1.00 68.08  ? 89  VAL A O    1 
ATOM   833  C  CB   . VAL A 1 89  ? -18.217 10.370  1.684   1.00 52.41  ? 89  VAL A CB   1 
ATOM   834  C  CG1  . VAL A 1 89  ? -19.529 10.138  2.407   1.00 55.00  ? 89  VAL A CG1  1 
ATOM   835  C  CG2  . VAL A 1 89  ? -18.382 10.099  0.176   1.00 47.53  ? 89  VAL A CG2  1 
ATOM   836  H  H    . VAL A 1 89  ? -15.901 11.445  0.938   1.00 0.00   ? 89  VAL A H    1 
ATOM   837  N  N    . ILE A 1 90  ? -16.962 11.250  4.182   1.00 53.18  ? 90  ILE A N    1 
ATOM   838  C  CA   . ILE A 1 90  ? -16.900 11.402  5.628   1.00 42.15  ? 90  ILE A CA   1 
ATOM   839  C  C    . ILE A 1 90  ? -16.447 12.772  6.115   1.00 47.52  ? 90  ILE A C    1 
ATOM   840  O  O    . ILE A 1 90  ? -16.861 13.208  7.185   1.00 51.67  ? 90  ILE A O    1 
ATOM   841  C  CB   . ILE A 1 90  ? -16.039 10.306  6.253   1.00 36.98  ? 90  ILE A CB   1 
ATOM   842  C  CG1  . ILE A 1 90  ? -16.575 8.934   5.823   1.00 38.84  ? 90  ILE A CG1  1 
ATOM   843  C  CG2  . ILE A 1 90  ? -16.033 10.419  7.764   1.00 23.12  ? 90  ILE A CG2  1 
ATOM   844  C  CD1  . ILE A 1 90  ? -15.660 7.787   6.110   1.00 44.28  ? 90  ILE A CD1  1 
ATOM   845  H  H    . ILE A 1 90  ? -16.450 10.557  3.735   1.00 0.00   ? 90  ILE A H    1 
ATOM   846  N  N    . GLY A 1 91  ? -15.623 13.451  5.325   1.00 47.04  ? 91  GLY A N    1 
ATOM   847  C  CA   . GLY A 1 91  ? -15.157 14.764  5.693   1.00 46.97  ? 91  GLY A CA   1 
ATOM   848  C  C    . GLY A 1 91  ? -14.088 14.883  6.764   1.00 45.94  ? 91  GLY A C    1 
ATOM   849  O  O    . GLY A 1 91  ? -13.963 15.938  7.421   1.00 41.73  ? 91  GLY A O    1 
ATOM   850  H  H    . GLY A 1 91  ? -15.288 13.065  4.485   1.00 0.00   ? 91  GLY A H    1 
ATOM   851  N  N    . LEU A 1 92  ? -13.320 13.833  6.986   1.00 43.45  ? 92  LEU A N    1 
ATOM   852  C  CA   . LEU A 1 92  ? -12.249 13.902  7.978   1.00 47.62  ? 92  LEU A CA   1 
ATOM   853  C  C    . LEU A 1 92  ? -11.245 14.952  7.469   1.00 56.26  ? 92  LEU A C    1 
ATOM   854  O  O    . LEU A 1 92  ? -11.079 15.122  6.252   1.00 65.04  ? 92  LEU A O    1 
ATOM   855  C  CB   . LEU A 1 92  ? -11.572 12.530  8.092   1.00 43.39  ? 92  LEU A CB   1 
ATOM   856  C  CG   . LEU A 1 92  ? -10.635 12.323  9.293   1.00 40.13  ? 92  LEU A CG   1 
ATOM   857  C  CD1  . LEU A 1 92  ? -11.438 12.455  10.573  1.00 31.94  ? 92  LEU A CD1  1 
ATOM   858  C  CD2  . LEU A 1 92  ? -9.951  10.964  9.209   1.00 35.30  ? 92  LEU A CD2  1 
ATOM   859  H  H    . LEU A 1 92  ? -13.482 13.021  6.478   1.00 0.00   ? 92  LEU A H    1 
ATOM   860  N  N    . PRO A 1 93  ? -10.612 15.715  8.383   1.00 52.84  ? 93  PRO A N    1 
ATOM   861  C  CA   . PRO A 1 93  ? -9.636  16.721  7.956   1.00 46.85  ? 93  PRO A CA   1 
ATOM   862  C  C    . PRO A 1 93  ? -8.508  16.149  7.100   1.00 51.14  ? 93  PRO A C    1 
ATOM   863  O  O    . PRO A 1 93  ? -7.860  15.177  7.488   1.00 61.85  ? 93  PRO A O    1 
ATOM   864  C  CB   . PRO A 1 93  ? -9.137  17.300  9.275   1.00 46.19  ? 93  PRO A CB   1 
ATOM   865  C  CG   . PRO A 1 93  ? -9.446  16.262  10.282  1.00 46.99  ? 93  PRO A CG   1 
ATOM   866  C  CD   . PRO A 1 93  ? -10.792 15.771  9.844   1.00 51.34  ? 93  PRO A CD   1 
ATOM   867  N  N    . TRP A 1 94  ? -8.267  16.799  5.958   1.00 48.41  ? 94  TRP A N    1 
ATOM   868  C  CA   . TRP A 1 94  ? -7.246  16.428  4.954   1.00 45.65  ? 94  TRP A CA   1 
ATOM   869  C  C    . TRP A 1 94  ? -5.900  15.909  5.466   1.00 40.08  ? 94  TRP A C    1 
ATOM   870  O  O    . TRP A 1 94  ? -5.269  15.084  4.807   1.00 32.40  ? 94  TRP A O    1 
ATOM   871  C  CB   . TRP A 1 94  ? -7.076  17.615  3.987   1.00 51.29  ? 94  TRP A CB   1 
ATOM   872  C  CG   . TRP A 1 94  ? -5.752  17.759  3.248   1.00 56.25  ? 94  TRP A CG   1 
ATOM   873  C  CD1  . TRP A 1 94  ? -4.539  18.097  3.777   1.00 56.91  ? 94  TRP A CD1  1 
ATOM   874  C  CD2  . TRP A 1 94  ? -5.542  17.642  1.833   1.00 58.24  ? 94  TRP A CD2  1 
ATOM   875  N  NE1  . TRP A 1 94  ? -3.586  18.190  2.785   1.00 57.76  ? 94  TRP A NE1  1 
ATOM   876  C  CE2  . TRP A 1 94  ? -4.176  17.907  1.585   1.00 57.05  ? 94  TRP A CE2  1 
ATOM   877  C  CE3  . TRP A 1 94  ? -6.380  17.319  0.753   1.00 64.92  ? 94  TRP A CE3  1 
ATOM   878  C  CZ2  . TRP A 1 94  ? -3.625  17.882  0.298   1.00 58.15  ? 94  TRP A CZ2  1 
ATOM   879  C  CZ3  . TRP A 1 94  ? -5.835  17.293  -0.524  1.00 68.34  ? 94  TRP A CZ3  1 
ATOM   880  C  CH2  . TRP A 1 94  ? -4.457  17.565  -0.736  1.00 64.63  ? 94  TRP A CH2  1 
ATOM   881  H  H    . TRP A 1 94  ? -8.839  17.569  5.773   1.00 0.00   ? 94  TRP A H    1 
ATOM   882  H  HE1  . TRP A 1 94  ? -2.633  18.392  2.908   1.00 0.00   ? 94  TRP A HE1  1 
ATOM   883  N  N    . GLU A 1 95  ? -5.476  16.362  6.643   1.00 43.41  ? 95  GLU A N    1 
ATOM   884  C  CA   . GLU A 1 95  ? -4.194  15.968  7.235   1.00 42.83  ? 95  GLU A CA   1 
ATOM   885  C  C    . GLU A 1 95  ? -4.254  14.734  8.132   1.00 40.72  ? 95  GLU A C    1 
ATOM   886  O  O    . GLU A 1 95  ? -3.206  14.184  8.503   1.00 37.93  ? 95  GLU A O    1 
ATOM   887  C  CB   . GLU A 1 95  ? -3.633  17.156  8.012   1.00 53.63  ? 95  GLU A CB   1 
ATOM   888  C  CG   . GLU A 1 95  ? -3.911  18.472  7.344   1.00 71.43  ? 95  GLU A CG   1 
ATOM   889  C  CD   . GLU A 1 95  ? -3.632  19.639  8.225   1.00 88.73  ? 95  GLU A CD   1 
ATOM   890  O  OE1  . GLU A 1 95  ? -4.217  19.693  9.333   1.00 93.57  ? 95  GLU A OE1  1 
ATOM   891  O  OE2  . GLU A 1 95  ? -2.823  20.510  7.829   1.00 99.12  ? 95  GLU A OE2  1 
ATOM   892  H  H    . GLU A 1 95  ? -6.055  16.973  7.134   1.00 0.00   ? 95  GLU A H    1 
ATOM   893  N  N    . GLU A 1 96  ? -5.464  14.372  8.550   1.00 37.13  ? 96  GLU A N    1 
ATOM   894  C  CA   . GLU A 1 96  ? -5.700  13.205  9.398   1.00 29.46  ? 96  GLU A CA   1 
ATOM   895  C  C    . GLU A 1 96  ? -6.064  11.989  8.518   1.00 27.51  ? 96  GLU A C    1 
ATOM   896  O  O    . GLU A 1 96  ? -5.941  10.823  8.936   1.00 33.93  ? 96  GLU A O    1 
ATOM   897  C  CB   . GLU A 1 96  ? -6.893  13.452  10.306  1.00 22.74  ? 96  GLU A CB   1 
ATOM   898  C  CG   . GLU A 1 96  ? -6.644  14.389  11.443  1.00 31.10  ? 96  GLU A CG   1 
ATOM   899  C  CD   . GLU A 1 96  ? -7.826  14.421  12.387  1.00 34.63  ? 96  GLU A CD   1 
ATOM   900  O  OE1  . GLU A 1 96  ? -8.861  13.803  12.039  1.00 43.12  ? 96  GLU A OE1  1 
ATOM   901  O  OE2  . GLU A 1 96  ? -7.754  15.026  13.454  1.00 43.06  ? 96  GLU A OE2  1 
ATOM   902  H  H    . GLU A 1 96  ? -6.222  14.912  8.280   1.00 0.00   ? 96  GLU A H    1 
ATOM   903  N  N    . VAL A 1 97  ? -6.576  12.272  7.331   1.00 13.29  ? 97  VAL A N    1 
ATOM   904  C  CA   . VAL A 1 97  ? -6.958  11.244  6.394   1.00 20.82  ? 97  VAL A CA   1 
ATOM   905  C  C    . VAL A 1 97  ? -5.897  10.134  6.175   1.00 29.49  ? 97  VAL A C    1 
ATOM   906  O  O    . VAL A 1 97  ? -6.195  8.959   6.397   1.00 39.45  ? 97  VAL A O    1 
ATOM   907  C  CB   . VAL A 1 97  ? -7.407  11.880  5.040   1.00 13.72  ? 97  VAL A CB   1 
ATOM   908  C  CG1  . VAL A 1 97  ? -7.330  10.858  3.898   1.00 17.06  ? 97  VAL A CG1  1 
ATOM   909  C  CG2  . VAL A 1 97  ? -8.842  12.389  5.187   1.00 12.23  ? 97  VAL A CG2  1 
ATOM   910  H  H    . VAL A 1 97  ? -6.706  13.210  7.077   1.00 0.00   ? 97  VAL A H    1 
ATOM   911  N  N    . HIS A 1 98  ? -4.669  10.509  5.817   1.00 28.86  ? 98  HIS A N    1 
ATOM   912  C  CA   . HIS A 1 98  ? -3.604  9.533   5.554   1.00 26.87  ? 98  HIS A CA   1 
ATOM   913  C  C    . HIS A 1 98  ? -3.419  8.426   6.579   1.00 30.02  ? 98  HIS A C    1 
ATOM   914  O  O    . HIS A 1 98  ? -3.382  7.249   6.204   1.00 28.91  ? 98  HIS A O    1 
ATOM   915  C  CB   . HIS A 1 98  ? -2.263  10.227  5.374   1.00 19.58  ? 98  HIS A CB   1 
ATOM   916  C  CG   . HIS A 1 98  ? -1.124  9.267   5.133   1.00 20.13  ? 98  HIS A CG   1 
ATOM   917  N  ND1  . HIS A 1 98  ? -1.010  8.581   3.938   1.00 16.95  ? 98  HIS A ND1  1 
ATOM   918  C  CD2  . HIS A 1 98  ? -0.114  8.911   5.938   1.00 19.42  ? 98  HIS A CD2  1 
ATOM   919  C  CE1  . HIS A 1 98  ? 0.083   7.855   4.060   1.00 17.55  ? 98  HIS A CE1  1 
ATOM   920  N  NE2  . HIS A 1 98  ? 0.664   8.010   5.238   1.00 18.49  ? 98  HIS A NE2  1 
ATOM   921  H  H    . HIS A 1 98  ? -4.448  11.462  5.758   1.00 0.00   ? 98  HIS A H    1 
ATOM   922  N  N    . ALA A 1 99  ? -3.208  8.823   7.835   1.00 25.00  ? 99  ALA A N    1 
ATOM   923  C  CA   . ALA A 1 99  ? -3.007  7.860   8.908   1.00 24.63  ? 99  ALA A CA   1 
ATOM   924  C  C    . ALA A 1 99  ? -4.238  6.979   9.088   1.00 23.25  ? 99  ALA A C    1 
ATOM   925  O  O    . ALA A 1 99  ? -4.121  5.846   9.522   1.00 19.73  ? 99  ALA A O    1 
ATOM   926  C  CB   . ALA A 1 99  ? -2.673  8.566   10.193  1.00 30.31  ? 99  ALA A CB   1 
ATOM   927  H  H    . ALA A 1 99  ? -3.209  9.775   8.031   1.00 0.00   ? 99  ALA A H    1 
ATOM   928  N  N    . GLU A 1 100 ? -5.391  7.530   8.730   1.00 26.23  ? 100 GLU A N    1 
ATOM   929  C  CA   . GLU A 1 100 ? -6.663  6.818   8.810   1.00 26.70  ? 100 GLU A CA   1 
ATOM   930  C  C    . GLU A 1 100 ? -6.733  5.739   7.729   1.00 32.33  ? 100 GLU A C    1 
ATOM   931  O  O    . GLU A 1 100 ? -6.941  4.551   8.015   1.00 34.98  ? 100 GLU A O    1 
ATOM   932  C  CB   . GLU A 1 100 ? -7.843  7.781   8.674   1.00 23.55  ? 100 GLU A CB   1 
ATOM   933  C  CG   . GLU A 1 100 ? -9.223  7.156   8.900   1.00 16.05  ? 100 GLU A CG   1 
ATOM   934  C  CD   . GLU A 1 100 ? -9.584  6.997   10.360  1.00 18.58  ? 100 GLU A CD   1 
ATOM   935  O  OE1  . GLU A 1 100 ? -9.226  7.874   11.161  1.00 34.40  ? 100 GLU A OE1  1 
ATOM   936  O  OE2  . GLU A 1 100 ? -10.198 5.984   10.742  1.00 21.68  ? 100 GLU A OE2  1 
ATOM   937  H  H    . GLU A 1 100 ? -5.400  8.443   8.357   1.00 0.00   ? 100 GLU A H    1 
ATOM   938  N  N    . ALA A 1 101 ? -6.533  6.160   6.471   1.00 33.18  ? 101 ALA A N    1 
ATOM   939  C  CA   . ALA A 1 101 ? -6.552  5.280   5.309   1.00 28.63  ? 101 ALA A CA   1 
ATOM   940  C  C    . ALA A 1 101 ? -5.431  4.240   5.383   1.00 39.17  ? 101 ALA A C    1 
ATOM   941  O  O    . ALA A 1 101 ? -5.563  3.140   4.844   1.00 48.78  ? 101 ALA A O    1 
ATOM   942  C  CB   . ALA A 1 101 ? -6.414  6.082   4.053   1.00 21.05  ? 101 ALA A CB   1 
ATOM   943  H  H    . ALA A 1 101 ? -6.384  7.116   6.323   1.00 0.00   ? 101 ALA A H    1 
ATOM   944  N  N    . CYS A 1 102 ? -4.340  4.606   6.073   1.00 39.41  ? 102 CYS A N    1 
ATOM   945  C  CA   . CYS A 1 102 ? -3.165  3.746   6.291   1.00 43.30  ? 102 CYS A CA   1 
ATOM   946  C  C    . CYS A 1 102 ? -3.593  2.443   7.012   1.00 44.69  ? 102 CYS A C    1 
ATOM   947  O  O    . CYS A 1 102 ? -2.942  1.408   6.896   1.00 48.10  ? 102 CYS A O    1 
ATOM   948  C  CB   . CYS A 1 102 ? -2.132  4.537   7.114   1.00 44.69  ? 102 CYS A CB   1 
ATOM   949  S  SG   . CYS A 1 102 ? -0.431  3.877   7.213   1.00 39.62  ? 102 CYS A SG   1 
ATOM   950  H  H    . CYS A 1 102 ? -4.306  5.518   6.424   1.00 0.00   ? 102 CYS A H    1 
ATOM   951  N  N    . ARG A 1 103 ? -4.696  2.505   7.749   1.00 36.79  ? 103 ARG A N    1 
ATOM   952  C  CA   . ARG A 1 103 ? -5.220  1.365   8.470   1.00 29.89  ? 103 ARG A CA   1 
ATOM   953  C  C    . ARG A 1 103 ? -6.349  0.678   7.711   1.00 29.44  ? 103 ARG A C    1 
ATOM   954  O  O    . ARG A 1 103 ? -6.290  -0.520  7.421   1.00 23.07  ? 103 ARG A O    1 
ATOM   955  C  CB   . ARG A 1 103 ? -5.707  1.804   9.831   1.00 30.48  ? 103 ARG A CB   1 
ATOM   956  C  CG   . ARG A 1 103 ? -4.571  2.069   10.763  1.00 32.72  ? 103 ARG A CG   1 
ATOM   957  C  CD   . ARG A 1 103 ? -4.986  2.040   12.204  1.00 33.85  ? 103 ARG A CD   1 
ATOM   958  N  NE   . ARG A 1 103 ? -5.135  3.395   12.696  1.00 41.66  ? 103 ARG A NE   1 
ATOM   959  C  CZ   . ARG A 1 103 ? -6.281  4.048   12.659  1.00 36.63  ? 103 ARG A CZ   1 
ATOM   960  N  NH1  . ARG A 1 103 ? -7.344  3.437   12.152  1.00 43.52  ? 103 ARG A NH1  1 
ATOM   961  N  NH2  . ARG A 1 103 ? -6.380  5.295   13.096  1.00 28.01  ? 103 ARG A NH2  1 
ATOM   962  H  H    . ARG A 1 103 ? -5.171  3.360   7.820   1.00 0.00   ? 103 ARG A H    1 
ATOM   963  H  HE   . ARG A 1 103 ? -4.396  3.858   13.123  1.00 0.00   ? 103 ARG A HE   1 
ATOM   964  H  HH11 . ARG A 1 103 ? -7.277  2.508   11.782  1.00 0.00   ? 103 ARG A HH11 1 
ATOM   965  H  HH12 . ARG A 1 103 ? -8.199  3.929   12.095  1.00 0.00   ? 103 ARG A HH12 1 
ATOM   966  H  HH21 . ARG A 1 103 ? -5.583  5.749   13.487  1.00 0.00   ? 103 ARG A HH21 1 
ATOM   967  H  HH22 . ARG A 1 103 ? -7.263  5.755   13.048  1.00 0.00   ? 103 ARG A HH22 1 
ATOM   968  N  N    . TRP A 1 104 ? -7.368  1.453   7.390   1.00 34.70  ? 104 TRP A N    1 
ATOM   969  C  CA   . TRP A 1 104 ? -8.543  0.955   6.673   1.00 35.12  ? 104 TRP A CA   1 
ATOM   970  C  C    . TRP A 1 104 ? -8.157  0.186   5.422   1.00 32.99  ? 104 TRP A C    1 
ATOM   971  O  O    . TRP A 1 104 ? -8.846  -0.752  5.035   1.00 31.19  ? 104 TRP A O    1 
ATOM   972  C  CB   . TRP A 1 104 ? -9.500  2.101   6.313   1.00 33.84  ? 104 TRP A CB   1 
ATOM   973  C  CG   . TRP A 1 104 ? -10.174 2.736   7.520   1.00 30.51  ? 104 TRP A CG   1 
ATOM   974  C  CD1  . TRP A 1 104 ? -9.800  2.643   8.822   1.00 30.88  ? 104 TRP A CD1  1 
ATOM   975  C  CD2  . TRP A 1 104 ? -11.337 3.578   7.495   1.00 30.66  ? 104 TRP A CD2  1 
ATOM   976  N  NE1  . TRP A 1 104 ? -10.650 3.370   9.609   1.00 30.31  ? 104 TRP A NE1  1 
ATOM   977  C  CE2  . TRP A 1 104 ? -11.608 3.953   8.823   1.00 29.64  ? 104 TRP A CE2  1 
ATOM   978  C  CE3  . TRP A 1 104 ? -12.180 4.053   6.473   1.00 32.37  ? 104 TRP A CE3  1 
ATOM   979  C  CZ2  . TRP A 1 104 ? -12.669 4.793   9.174   1.00 29.37  ? 104 TRP A CZ2  1 
ATOM   980  C  CZ3  . TRP A 1 104 ? -13.231 4.881   6.812   1.00 35.29  ? 104 TRP A CZ3  1 
ATOM   981  C  CH2  . TRP A 1 104 ? -13.473 5.238   8.157   1.00 37.42  ? 104 TRP A CH2  1 
ATOM   982  H  H    . TRP A 1 104 ? -7.336  2.406   7.648   1.00 0.00   ? 104 TRP A H    1 
ATOM   983  H  HE1  . TRP A 1 104 ? -10.574 3.487   10.575  1.00 0.00   ? 104 TRP A HE1  1 
ATOM   984  N  N    . GLU A 1 105 ? -7.017  0.556   4.833   1.00 29.95  ? 105 GLU A N    1 
ATOM   985  C  CA   . GLU A 1 105 ? -6.522  -0.111  3.632   1.00 26.72  ? 105 GLU A CA   1 
ATOM   986  C  C    . GLU A 1 105 ? -6.375  -1.617  3.799   1.00 24.45  ? 105 GLU A C    1 
ATOM   987  O  O    . GLU A 1 105 ? -6.546  -2.374  2.836   1.00 25.89  ? 105 GLU A O    1 
ATOM   988  C  CB   . GLU A 1 105 ? -5.172  0.493   3.179   1.00 26.14  ? 105 GLU A CB   1 
ATOM   989  C  CG   . GLU A 1 105 ? -4.130  0.527   4.270   1.00 19.18  ? 105 GLU A CG   1 
ATOM   990  C  CD   . GLU A 1 105 ? -2.721  0.903   3.747   1.00 13.75  ? 105 GLU A CD   1 
ATOM   991  O  OE1  . GLU A 1 105 ? -2.577  1.385   2.634   1.00 10.03  ? 105 GLU A OE1  1 
ATOM   992  O  OE2  . GLU A 1 105 ? -1.751  0.682   4.611   1.00 7.80   ? 105 GLU A OE2  1 
ATOM   993  H  H    . GLU A 1 105 ? -6.500  1.302   5.189   1.00 0.00   ? 105 GLU A H    1 
ATOM   994  N  N    . HIS A 1 106 ? -6.060  -2.069  5.020   1.00 25.60  ? 106 HIS A N    1 
ATOM   995  C  CA   . HIS A 1 106 ? -5.876  -3.496  5.275   1.00 23.56  ? 106 HIS A CA   1 
ATOM   996  C  C    . HIS A 1 106 ? -7.174  -4.197  5.564   1.00 26.83  ? 106 HIS A C    1 
ATOM   997  O  O    . HIS A 1 106 ? -7.211  -5.431  5.655   1.00 28.16  ? 106 HIS A O    1 
ATOM   998  C  CB   . HIS A 1 106 ? -4.918  -3.739  6.441   1.00 16.59  ? 106 HIS A CB   1 
ATOM   999  C  CG   . HIS A 1 106 ? -3.580  -3.077  6.292   1.00 20.01  ? 106 HIS A CG   1 
ATOM   1000 N  ND1  . HIS A 1 106 ? -2.571  -3.660  5.571   1.00 24.65  ? 106 HIS A ND1  1 
ATOM   1001 C  CD2  . HIS A 1 106 ? -3.148  -1.895  6.782   1.00 23.03  ? 106 HIS A CD2  1 
ATOM   1002 C  CE1  . HIS A 1 106 ? -1.559  -2.820  5.644   1.00 24.76  ? 106 HIS A CE1  1 
ATOM   1003 N  NE2  . HIS A 1 106 ? -1.835  -1.732  6.349   1.00 30.42  ? 106 HIS A NE2  1 
ATOM   1004 H  H    . HIS A 1 106 ? -5.943  -1.441  5.762   1.00 0.00   ? 106 HIS A H    1 
ATOM   1005 N  N    . VAL A 1 107 ? -8.237  -3.425  5.713   1.00 34.01  ? 107 VAL A N    1 
ATOM   1006 C  CA   . VAL A 1 107 ? -9.555  -4.002  6.029   1.00 41.19  ? 107 VAL A CA   1 
ATOM   1007 C  C    . VAL A 1 107 ? -10.696 -3.698  5.035   1.00 34.30  ? 107 VAL A C    1 
ATOM   1008 O  O    . VAL A 1 107 ? -11.824 -4.161  5.226   1.00 26.69  ? 107 VAL A O    1 
ATOM   1009 C  CB   . VAL A 1 107 ? -9.993  -3.585  7.458   1.00 45.45  ? 107 VAL A CB   1 
ATOM   1010 C  CG1  . VAL A 1 107 ? -9.164  -4.333  8.491   1.00 47.03  ? 107 VAL A CG1  1 
ATOM   1011 C  CG2  . VAL A 1 107 ? -9.846  -2.072  7.666   1.00 40.65  ? 107 VAL A CG2  1 
ATOM   1012 H  H    . VAL A 1 107 ? -8.154  -2.460  5.636   1.00 0.00   ? 107 VAL A H    1 
ATOM   1013 N  N    . MET A 1 108 ? -10.429 -2.922  3.989   1.00 31.34  ? 108 MET A N    1 
ATOM   1014 C  CA   . MET A 1 108 ? -11.449 -2.598  2.985   1.00 28.17  ? 108 MET A CA   1 
ATOM   1015 C  C    . MET A 1 108 ? -11.524 -3.717  1.967   1.00 27.29  ? 108 MET A C    1 
ATOM   1016 O  O    . MET A 1 108 ? -10.504 -4.267  1.582   1.00 35.41  ? 108 MET A O    1 
ATOM   1017 C  CB   . MET A 1 108 ? -11.094 -1.301  2.300   1.00 29.31  ? 108 MET A CB   1 
ATOM   1018 C  CG   . MET A 1 108 ? -12.125 -0.850  1.317   1.00 34.22  ? 108 MET A CG   1 
ATOM   1019 S  SD   . MET A 1 108 ? -11.767 0.825   0.899   1.00 47.44  ? 108 MET A SD   1 
ATOM   1020 C  CE   . MET A 1 108 ? -12.529 1.732   2.253   1.00 41.33  ? 108 MET A CE   1 
ATOM   1021 H  H    . MET A 1 108 ? -9.517  -2.581  3.875   1.00 0.00   ? 108 MET A H    1 
ATOM   1022 N  N    . SER A 1 109 ? -12.738 -4.045  1.519   1.00 36.58  ? 109 SER A N    1 
ATOM   1023 C  CA   . SER A 1 109 ? -12.920 -5.142  0.568   1.00 38.70  ? 109 SER A CA   1 
ATOM   1024 C  C    . SER A 1 109 ? -13.111 -4.649  -0.860  1.00 40.03  ? 109 SER A C    1 
ATOM   1025 O  O    . SER A 1 109 ? -13.466 -3.485  -1.081  1.00 39.75  ? 109 SER A O    1 
ATOM   1026 C  CB   . SER A 1 109 ? -14.102 -6.033  0.954   1.00 34.26  ? 109 SER A CB   1 
ATOM   1027 O  OG   . SER A 1 109 ? -15.350 -5.434  0.666   1.00 22.42  ? 109 SER A OG   1 
ATOM   1028 H  H    . SER A 1 109 ? -13.534 -3.555  1.803   1.00 0.00   ? 109 SER A H    1 
ATOM   1029 H  HG   . SER A 1 109 ? -16.068 -5.941  1.079   1.00 0.00   ? 109 SER A HG   1 
ATOM   1030 N  N    . GLU A 1 110 ? -12.865 -5.545  -1.816  1.00 41.18  ? 110 GLU A N    1 
ATOM   1031 C  CA   . GLU A 1 110 ? -13.045 -5.245  -3.242  1.00 44.91  ? 110 GLU A CA   1 
ATOM   1032 C  C    . GLU A 1 110 ? -14.500 -4.911  -3.483  1.00 55.15  ? 110 GLU A C    1 
ATOM   1033 O  O    . GLU A 1 110 ? -14.836 -4.105  -4.367  1.00 57.66  ? 110 GLU A O    1 
ATOM   1034 C  CB   . GLU A 1 110 ? -12.644 -6.430  -4.086  1.00 42.84  ? 110 GLU A CB   1 
ATOM   1035 C  CG   . GLU A 1 110 ? -11.160 -6.743  -4.152  1.00 48.48  ? 110 GLU A CG   1 
ATOM   1036 C  CD   . GLU A 1 110 ? -10.805 -7.657  -5.302  1.00 52.11  ? 110 GLU A CD   1 
ATOM   1037 O  OE1  . GLU A 1 110 ? -11.588 -8.614  -5.578  1.00 54.92  ? 110 GLU A OE1  1 
ATOM   1038 O  OE2  . GLU A 1 110 ? -9.772  -7.453  -5.950  1.00 52.11  ? 110 GLU A OE2  1 
ATOM   1039 H  H    . GLU A 1 110 ? -12.532 -6.439  -1.567  1.00 0.00   ? 110 GLU A H    1 
ATOM   1040 N  N    . ASP A 1 111 ? -15.374 -5.545  -2.700  1.00 55.48  ? 111 ASP A N    1 
ATOM   1041 C  CA   . ASP A 1 111 ? -16.821 -5.332  -2.809  1.00 52.43  ? 111 ASP A CA   1 
ATOM   1042 C  C    . ASP A 1 111 ? -17.144 -3.894  -2.386  1.00 51.52  ? 111 ASP A C    1 
ATOM   1043 O  O    . ASP A 1 111 ? -17.952 -3.216  -3.030  1.00 58.80  ? 111 ASP A O    1 
ATOM   1044 C  CB   . ASP A 1 111 ? -17.548 -6.323  -1.896  1.00 61.77  ? 111 ASP A CB   1 
ATOM   1045 C  CG   . ASP A 1 111 ? -17.186 -7.768  -2.202  1.00 74.90  ? 111 ASP A CG   1 
ATOM   1046 O  OD1  . ASP A 1 111 ? -16.693 -8.053  -3.328  1.00 84.89  ? 111 ASP A OD1  1 
ATOM   1047 O  OD2  . ASP A 1 111 ? -17.402 -8.640  -1.333  1.00 76.33  ? 111 ASP A OD2  1 
ATOM   1048 H  H    . ASP A 1 111 ? -15.037 -6.186  -2.058  1.00 0.00   ? 111 ASP A H    1 
ATOM   1049 N  N    . VAL A 1 112 ? -16.493 -3.434  -1.318  1.00 47.16  ? 112 VAL A N    1 
ATOM   1050 C  CA   . VAL A 1 112 ? -16.708 -2.085  -0.824  1.00 43.16  ? 112 VAL A CA   1 
ATOM   1051 C  C    . VAL A 1 112 ? -16.115 -1.090  -1.811  1.00 49.07  ? 112 VAL A C    1 
ATOM   1052 O  O    . VAL A 1 112 ? -16.772 -0.120  -2.191  1.00 55.05  ? 112 VAL A O    1 
ATOM   1053 C  CB   . VAL A 1 112 ? -16.018 -1.889  0.521   1.00 43.79  ? 112 VAL A CB   1 
ATOM   1054 C  CG1  . VAL A 1 112 ? -16.135 -0.451  0.972   1.00 46.53  ? 112 VAL A CG1  1 
ATOM   1055 C  CG2  . VAL A 1 112 ? -16.672 -2.768  1.509   1.00 45.83  ? 112 VAL A CG2  1 
ATOM   1056 H  H    . VAL A 1 112 ? -15.884 -4.034  -0.852  1.00 0.00   ? 112 VAL A H    1 
ATOM   1057 N  N    . GLU A 1 113 ? -14.865 -1.323  -2.227  1.00 49.62  ? 113 GLU A N    1 
ATOM   1058 C  CA   . GLU A 1 113 ? -14.190 -0.453  -3.174  1.00 53.50  ? 113 GLU A CA   1 
ATOM   1059 C  C    . GLU A 1 113 ? -15.047 -0.138  -4.401  1.00 57.39  ? 113 GLU A C    1 
ATOM   1060 O  O    . GLU A 1 113 ? -15.198 1.028   -4.757  1.00 61.68  ? 113 GLU A O    1 
ATOM   1061 C  CB   . GLU A 1 113 ? -12.897 -1.099  -3.635  1.00 52.99  ? 113 GLU A CB   1 
ATOM   1062 C  CG   . GLU A 1 113 ? -11.870 -1.299  -2.555  1.00 51.16  ? 113 GLU A CG   1 
ATOM   1063 C  CD   . GLU A 1 113 ? -10.590 -1.879  -3.105  1.00 51.14  ? 113 GLU A CD   1 
ATOM   1064 O  OE1  . GLU A 1 113 ? -9.905  -1.176  -3.860  1.00 47.02  ? 113 GLU A OE1  1 
ATOM   1065 O  OE2  . GLU A 1 113 ? -10.298 -3.046  -2.793  1.00 51.08  ? 113 GLU A OE2  1 
ATOM   1066 H  H    . GLU A 1 113 ? -14.405 -2.099  -1.869  1.00 0.00   ? 113 GLU A H    1 
ATOM   1067 N  N    . ARG A 1 114 ? -15.595 -1.172  -5.048  1.00 58.05  ? 114 ARG A N    1 
ATOM   1068 C  CA   . ARG A 1 114 ? -16.456 -1.005  -6.231  1.00 52.42  ? 114 ARG A CA   1 
ATOM   1069 C  C    . ARG A 1 114 ? -17.622 -0.060  -5.936  1.00 58.17  ? 114 ARG A C    1 
ATOM   1070 O  O    . ARG A 1 114 ? -17.960 0.796   -6.753  1.00 69.25  ? 114 ARG A O    1 
ATOM   1071 C  CB   . ARG A 1 114 ? -16.972 -2.350  -6.699  1.00 41.77  ? 114 ARG A CB   1 
ATOM   1072 C  CG   . ARG A 1 114 ? -15.875 -3.283  -7.107  1.00 31.51  ? 114 ARG A CG   1 
ATOM   1073 C  CD   . ARG A 1 114 ? -16.292 -4.697  -7.022  1.00 25.50  ? 114 ARG A CD   1 
ATOM   1074 N  NE   . ARG A 1 114 ? -15.169 -5.587  -7.260  1.00 26.23  ? 114 ARG A NE   1 
ATOM   1075 C  CZ   . ARG A 1 114 ? -15.041 -6.794  -6.737  1.00 32.41  ? 114 ARG A CZ   1 
ATOM   1076 N  NH1  . ARG A 1 114 ? -15.984 -7.261  -5.926  1.00 30.00  ? 114 ARG A NH1  1 
ATOM   1077 N  NH2  . ARG A 1 114 ? -13.987 -7.533  -7.046  1.00 28.51  ? 114 ARG A NH2  1 
ATOM   1078 H  H    . ARG A 1 114 ? -15.407 -2.074  -4.723  1.00 0.00   ? 114 ARG A H    1 
ATOM   1079 H  HE   . ARG A 1 114 ? -14.457 -5.257  -7.861  1.00 0.00   ? 114 ARG A HE   1 
ATOM   1080 H  HH11 . ARG A 1 114 ? -16.784 -6.699  -5.711  1.00 0.00   ? 114 ARG A HH11 1 
ATOM   1081 H  HH12 . ARG A 1 114 ? -15.899 -8.171  -5.521  1.00 0.00   ? 114 ARG A HH12 1 
ATOM   1082 H  HH21 . ARG A 1 114 ? -13.298 -7.199  -7.683  1.00 0.00   ? 114 ARG A HH21 1 
ATOM   1083 H  HH22 . ARG A 1 114 ? -13.900 -8.454  -6.651  1.00 0.00   ? 114 ARG A HH22 1 
ATOM   1084 N  N    . ARG A 1 115 ? -18.225 -0.226  -4.763  1.00 50.25  ? 115 ARG A N    1 
ATOM   1085 C  CA   . ARG A 1 115 ? -19.311 0.645   -4.370  1.00 43.52  ? 115 ARG A CA   1 
ATOM   1086 C  C    . ARG A 1 115 ? -18.772 2.067   -4.285  1.00 43.36  ? 115 ARG A C    1 
ATOM   1087 O  O    . ARG A 1 115 ? -19.479 3.012   -4.600  1.00 48.56  ? 115 ARG A O    1 
ATOM   1088 C  CB   . ARG A 1 115 ? -19.889 0.213   -3.014  1.00 42.95  ? 115 ARG A CB   1 
ATOM   1089 C  CG   . ARG A 1 115 ? -20.694 -1.071  -3.068  1.00 36.67  ? 115 ARG A CG   1 
ATOM   1090 C  CD   . ARG A 1 115 ? -21.866 -0.949  -4.024  1.00 37.43  ? 115 ARG A CD   1 
ATOM   1091 N  NE   . ARG A 1 115 ? -22.761 0.177   -3.698  1.00 37.59  ? 115 ARG A NE   1 
ATOM   1092 C  CZ   . ARG A 1 115 ? -23.281 1.028   -4.570  1.00 37.64  ? 115 ARG A CZ   1 
ATOM   1093 N  NH1  . ARG A 1 115 ? -23.000 0.904   -5.843  1.00 42.13  ? 115 ARG A NH1  1 
ATOM   1094 N  NH2  . ARG A 1 115 ? -24.072 1.986   -4.160  1.00 38.49  ? 115 ARG A NH2  1 
ATOM   1095 H  H    . ARG A 1 115 ? -17.940 -0.939  -4.155  1.00 0.00   ? 115 ARG A H    1 
ATOM   1096 H  HE   . ARG A 1 115 ? -22.987 0.299   -2.741  1.00 0.00   ? 115 ARG A HE   1 
ATOM   1097 H  HH11 . ARG A 1 115 ? -22.412 0.179   -6.192  1.00 0.00   ? 115 ARG A HH11 1 
ATOM   1098 H  HH12 . ARG A 1 115 ? -23.406 1.568   -6.494  1.00 0.00   ? 115 ARG A HH12 1 
ATOM   1099 H  HH21 . ARG A 1 115 ? -24.292 2.072   -3.188  1.00 0.00   ? 115 ARG A HH21 1 
ATOM   1100 H  HH22 . ARG A 1 115 ? -24.465 2.652   -4.809  1.00 0.00   ? 115 ARG A HH22 1 
ATOM   1101 N  N    . LEU A 1 116 ? -17.502 2.202   -3.911  1.00 44.36  ? 116 LEU A N    1 
ATOM   1102 C  CA   . LEU A 1 116 ? -16.831 3.507   -3.782  1.00 48.09  ? 116 LEU A CA   1 
ATOM   1103 C  C    . LEU A 1 116 ? -16.431 4.106   -5.125  1.00 48.46  ? 116 LEU A C    1 
ATOM   1104 O  O    . LEU A 1 116 ? -16.459 5.325   -5.299  1.00 43.37  ? 116 LEU A O    1 
ATOM   1105 C  CB   . LEU A 1 116 ? -15.568 3.400   -2.924  1.00 48.39  ? 116 LEU A CB   1 
ATOM   1106 C  CG   . LEU A 1 116 ? -15.666 3.064   -1.437  1.00 42.83  ? 116 LEU A CG   1 
ATOM   1107 C  CD1  . LEU A 1 116 ? -14.361 3.488   -0.802  1.00 43.76  ? 116 LEU A CD1  1 
ATOM   1108 C  CD2  . LEU A 1 116 ? -16.832 3.795   -0.794  1.00 36.16  ? 116 LEU A CD2  1 
ATOM   1109 H  H    . LEU A 1 116 ? -17.002 1.390   -3.672  1.00 0.00   ? 116 LEU A H    1 
ATOM   1110 N  N    . VAL A 1 117 ? -16.021 3.245   -6.052  1.00 53.20  ? 117 VAL A N    1 
ATOM   1111 C  CA   . VAL A 1 117 ? -15.611 3.671   -7.391  1.00 56.00  ? 117 VAL A CA   1 
ATOM   1112 C  C    . VAL A 1 117 ? -16.861 4.233   -8.085  1.00 54.97  ? 117 VAL A C    1 
ATOM   1113 O  O    . VAL A 1 117 ? -16.773 5.044   -9.016  1.00 45.23  ? 117 VAL A O    1 
ATOM   1114 C  CB   . VAL A 1 117 ? -15.031 2.482   -8.196  1.00 54.06  ? 117 VAL A CB   1 
ATOM   1115 C  CG1  . VAL A 1 117 ? -14.571 2.951   -9.556  1.00 65.11  ? 117 VAL A CG1  1 
ATOM   1116 C  CG2  . VAL A 1 117 ? -13.857 1.859   -7.463  1.00 48.08  ? 117 VAL A CG2  1 
ATOM   1117 H  H    . VAL A 1 117 ? -16.029 2.297   -5.827  1.00 0.00   ? 117 VAL A H    1 
ATOM   1118 N  N    . LYS A 1 118 ? -18.002 3.785   -7.591  1.00 56.78  ? 118 LYS A N    1 
ATOM   1119 C  CA   . LYS A 1 118 ? -19.305 4.203   -8.066  1.00 53.28  ? 118 LYS A CA   1 
ATOM   1120 C  C    . LYS A 1 118 ? -19.810 5.411   -7.286  1.00 49.77  ? 118 LYS A C    1 
ATOM   1121 O  O    . LYS A 1 118 ? -19.862 6.521   -7.806  1.00 52.62  ? 118 LYS A O    1 
ATOM   1122 C  CB   . LYS A 1 118 ? -20.279 3.030   -7.935  1.00 51.62  ? 118 LYS A CB   1 
ATOM   1123 C  CG   . LYS A 1 118 ? -19.852 1.795   -8.694  1.00 50.03  ? 118 LYS A CG   1 
ATOM   1124 C  CD   . LYS A 1 118 ? -20.980 0.798   -8.771  1.00 59.09  ? 118 LYS A CD   1 
ATOM   1125 C  CE   . LYS A 1 118 ? -20.708 -0.254  -9.832  1.00 65.43  ? 118 LYS A CE   1 
ATOM   1126 N  NZ   . LYS A 1 118 ? -21.923 -1.085  -10.095 1.00 66.91  ? 118 LYS A NZ   1 
ATOM   1127 H  H    . LYS A 1 118 ? -17.974 3.109   -6.877  1.00 0.00   ? 118 LYS A H    1 
ATOM   1128 H  HZ1  . LYS A 1 118 ? -22.721 -0.495  -10.398 1.00 0.00   ? 118 LYS A HZ1  1 
ATOM   1129 H  HZ2  . LYS A 1 118 ? -21.724 -1.848  -10.770 1.00 0.00   ? 118 LYS A HZ2  1 
ATOM   1130 H  HZ3  . LYS A 1 118 ? -22.186 -1.527  -9.184  1.00 0.00   ? 118 LYS A HZ3  1 
ATOM   1131 N  N    . VAL A 1 119 ? -20.157 5.201   -6.028  1.00 46.70  ? 119 VAL A N    1 
ATOM   1132 C  CA   . VAL A 1 119 ? -20.675 6.264   -5.173  1.00 53.43  ? 119 VAL A CA   1 
ATOM   1133 C  C    . VAL A 1 119 ? -19.822 7.533   -5.145  1.00 63.14  ? 119 VAL A C    1 
ATOM   1134 O  O    . VAL A 1 119 ? -20.360 8.642   -5.117  1.00 65.59  ? 119 VAL A O    1 
ATOM   1135 C  CB   . VAL A 1 119 ? -20.906 5.772   -3.715  1.00 51.36  ? 119 VAL A CB   1 
ATOM   1136 C  CG1  . VAL A 1 119 ? -21.821 4.567   -3.731  1.00 55.57  ? 119 VAL A CG1  1 
ATOM   1137 C  CG2  . VAL A 1 119 ? -19.601 5.435   -3.024  1.00 45.96  ? 119 VAL A CG2  1 
ATOM   1138 H  H    . VAL A 1 119 ? -20.096 4.303   -5.668  1.00 0.00   ? 119 VAL A H    1 
ATOM   1139 N  N    . LEU A 1 120 ? -18.498 7.378   -5.133  1.00 73.12  ? 120 LEU A N    1 
ATOM   1140 C  CA   . LEU A 1 120 ? -17.605 8.520   -5.109  1.00 74.03  ? 120 LEU A CA   1 
ATOM   1141 C  C    . LEU A 1 120 ? -17.548 9.172   -6.485  1.00 86.55  ? 120 LEU A C    1 
ATOM   1142 O  O    . LEU A 1 120 ? -17.500 8.485   -7.509  1.00 87.77  ? 120 LEU A O    1 
ATOM   1143 C  CB   . LEU A 1 120 ? -16.200 8.126   -4.624  1.00 60.08  ? 120 LEU A CB   1 
ATOM   1144 C  CG   . LEU A 1 120 ? -16.007 7.942   -3.113  1.00 50.34  ? 120 LEU A CG   1 
ATOM   1145 C  CD1  . LEU A 1 120 ? -14.682 7.282   -2.824  1.00 54.07  ? 120 LEU A CD1  1 
ATOM   1146 C  CD2  . LEU A 1 120 ? -16.095 9.284   -2.404  1.00 42.14  ? 120 LEU A CD2  1 
ATOM   1147 H  H    . LEU A 1 120 ? -18.108 6.481   -5.192  1.00 0.00   ? 120 LEU A H    1 
ATOM   1148 N  N    . ASN A 1 121 ? -17.562 10.498  -6.479  1.00 95.87  ? 121 ASN A N    1 
ATOM   1149 C  CA   . ASN A 1 121 ? -17.537 11.299  -7.695  1.00 99.52  ? 121 ASN A CA   1 
ATOM   1150 C  C    . ASN A 1 121 ? -16.272 11.172  -8.552  1.00 101.43 ? 121 ASN A C    1 
ATOM   1151 O  O    . ASN A 1 121 ? -16.369 11.065  -9.777  1.00 103.59 ? 121 ASN A O    1 
ATOM   1152 C  CB   . ASN A 1 121 ? -17.797 12.762  -7.356  1.00 100.95 ? 121 ASN A CB   1 
ATOM   1153 H  H    . ASN A 1 121 ? -17.621 10.946  -5.616  1.00 0.00   ? 121 ASN A H    1 
ATOM   1154 N  N    . ASN A 1 122 ? -15.095 11.175  -7.927  1.00 98.12  ? 122 ASN A N    1 
ATOM   1155 C  CA   . ASN A 1 122 ? -13.854 11.100  -8.691  1.00 90.98  ? 122 ASN A CA   1 
ATOM   1156 C  C    . ASN A 1 122 ? -12.802 10.061  -8.305  1.00 78.97  ? 122 ASN A C    1 
ATOM   1157 O  O    . ASN A 1 122 ? -11.802 10.382  -7.635  1.00 68.50  ? 122 ASN A O    1 
ATOM   1158 C  CB   . ASN A 1 122 ? -13.232 12.484  -8.816  1.00 94.62  ? 122 ASN A CB   1 
ATOM   1159 H  H    . ASN A 1 122 ? -15.051 11.232  -6.951  1.00 0.00   ? 122 ASN A H    1 
ATOM   1160 N  N    . PRO A 1 123 ? -12.994 8.801   -8.703  1.00 74.49  ? 123 PRO A N    1 
ATOM   1161 C  CA   . PRO A 1 123 ? -12.022 7.755   -8.372  1.00 72.63  ? 123 PRO A CA   1 
ATOM   1162 C  C    . PRO A 1 123 ? -10.896 7.722   -9.412  1.00 74.06  ? 123 PRO A C    1 
ATOM   1163 O  O    . PRO A 1 123 ? -10.768 6.764   -10.189 1.00 69.19  ? 123 PRO A O    1 
ATOM   1164 C  CB   . PRO A 1 123 ? -12.870 6.483   -8.443  1.00 71.78  ? 123 PRO A CB   1 
ATOM   1165 C  CG   . PRO A 1 123 ? -14.276 6.962   -8.278  1.00 71.95  ? 123 PRO A CG   1 
ATOM   1166 C  CD   . PRO A 1 123 ? -14.260 8.191   -9.125  1.00 73.42  ? 123 PRO A CD   1 
ATOM   1167 N  N    . THR A 1 124 ? -10.123 8.809   -9.483  1.00 68.06  ? 124 THR A N    1 
ATOM   1168 C  CA   . THR A 1 124 ? -8.984  8.888   -10.412 1.00 59.55  ? 124 THR A CA   1 
ATOM   1169 C  C    . THR A 1 124 ? -7.701  9.087   -9.601  1.00 60.57  ? 124 THR A C    1 
ATOM   1170 O  O    . THR A 1 124 ? -6.726  8.348   -9.752  1.00 59.82  ? 124 THR A O    1 
ATOM   1171 C  CB   . THR A 1 124 ? -9.140  10.006  -11.456 1.00 52.83  ? 124 THR A CB   1 
ATOM   1172 O  OG1  . THR A 1 124 ? -9.862  11.109  -10.890 1.00 41.76  ? 124 THR A OG1  1 
ATOM   1173 C  CG2  . THR A 1 124 ? -9.852  9.497   -12.699 1.00 48.69  ? 124 THR A CG2  1 
ATOM   1174 H  H    . THR A 1 124 ? -10.298 9.587   -8.913  1.00 0.00   ? 124 THR A H    1 
ATOM   1175 H  HG1  . THR A 1 124 ? -10.786 10.937  -10.669 1.00 0.00   ? 124 THR A HG1  1 
ATOM   1176 N  N    . THR A 1 125 ? -7.719  10.098  -8.744  1.00 57.51  ? 125 THR A N    1 
ATOM   1177 C  CA   . THR A 1 125 ? -6.587  10.406  -7.871  1.00 53.61  ? 125 THR A CA   1 
ATOM   1178 C  C    . THR A 1 125 ? -7.057  10.490  -6.435  1.00 53.03  ? 125 THR A C    1 
ATOM   1179 O  O    . THR A 1 125 ? -8.187  10.873  -6.172  1.00 60.12  ? 125 THR A O    1 
ATOM   1180 C  CB   . THR A 1 125 ? -5.858  11.753  -8.280  1.00 50.72  ? 125 THR A CB   1 
ATOM   1181 O  OG1  . THR A 1 125 ? -6.783  12.859  -8.255  1.00 44.34  ? 125 THR A OG1  1 
ATOM   1182 C  CG2  . THR A 1 125 ? -5.210  11.642  -9.642  1.00 48.14  ? 125 THR A CG2  1 
ATOM   1183 H  H    . THR A 1 125 ? -8.488  10.705  -8.651  1.00 0.00   ? 125 THR A H    1 
ATOM   1184 H  HG1  . THR A 1 125 ? -7.187  12.894  -7.384  1.00 0.00   ? 125 THR A HG1  1 
ATOM   1185 N  N    . SER A 1 126 ? -6.212  10.072  -5.510  1.00 48.97  ? 126 SER A N    1 
ATOM   1186 C  CA   . SER A 1 126 ? -6.562  10.158  -4.104  1.00 41.45  ? 126 SER A CA   1 
ATOM   1187 C  C    . SER A 1 126 ? -6.464  11.639  -3.830  1.00 43.19  ? 126 SER A C    1 
ATOM   1188 O  O    . SER A 1 126 ? -5.929  12.396  -4.644  1.00 44.48  ? 126 SER A O    1 
ATOM   1189 C  CB   . SER A 1 126 ? -5.564  9.361   -3.258  1.00 43.51  ? 126 SER A CB   1 
ATOM   1190 O  OG   . SER A 1 126 ? -4.262  9.910   -3.259  1.00 40.61  ? 126 SER A OG   1 
ATOM   1191 H  H    . SER A 1 126 ? -5.341  9.714   -5.760  1.00 0.00   ? 126 SER A H    1 
ATOM   1192 H  HG   . SER A 1 126 ? -4.198  10.690  -2.708  1.00 0.00   ? 126 SER A HG   1 
ATOM   1193 N  N    . PRO A 1 127 ? -6.964  12.102  -2.679  1.00 51.00  ? 127 PRO A N    1 
ATOM   1194 C  CA   . PRO A 1 127 ? -6.917  13.530  -2.314  1.00 60.20  ? 127 PRO A CA   1 
ATOM   1195 C  C    . PRO A 1 127 ? -5.584  14.216  -2.593  1.00 68.78  ? 127 PRO A C    1 
ATOM   1196 O  O    . PRO A 1 127 ? -5.549  15.314  -3.131  1.00 77.00  ? 127 PRO A O    1 
ATOM   1197 C  CB   . PRO A 1 127 ? -7.202  13.479  -0.816  1.00 54.80  ? 127 PRO A CB   1 
ATOM   1198 C  CG   . PRO A 1 127 ? -8.181  12.387  -0.718  1.00 51.39  ? 127 PRO A CG   1 
ATOM   1199 C  CD   . PRO A 1 127 ? -7.601  11.323  -1.612  1.00 51.19  ? 127 PRO A CD   1 
ATOM   1200 N  N    . PHE A 1 128 ? -4.489  13.534  -2.276  1.00 69.85  ? 128 PHE A N    1 
ATOM   1201 C  CA   . PHE A 1 128 ? -3.160  14.106  -2.449  1.00 65.51  ? 128 PHE A CA   1 
ATOM   1202 C  C    . PHE A 1 128 ? -2.554  13.929  -3.854  1.00 60.50  ? 128 PHE A C    1 
ATOM   1203 O  O    . PHE A 1 128 ? -1.343  13.725  -3.994  1.00 64.17  ? 128 PHE A O    1 
ATOM   1204 C  CB   . PHE A 1 128 ? -2.220  13.569  -1.345  1.00 65.91  ? 128 PHE A CB   1 
ATOM   1205 C  CG   . PHE A 1 128 ? -2.741  13.744  0.084   1.00 64.25  ? 128 PHE A CG   1 
ATOM   1206 C  CD1  . PHE A 1 128 ? -4.065  13.454  0.410   1.00 58.82  ? 128 PHE A CD1  1 
ATOM   1207 C  CD2  . PHE A 1 128 ? -1.898  14.219  1.086   1.00 63.18  ? 128 PHE A CD2  1 
ATOM   1208 C  CE1  . PHE A 1 128 ? -4.517  13.580  1.711   1.00 51.62  ? 128 PHE A CE1  1 
ATOM   1209 C  CE2  . PHE A 1 128 ? -2.350  14.344  2.391   1.00 55.50  ? 128 PHE A CE2  1 
ATOM   1210 C  CZ   . PHE A 1 128 ? -3.674  14.041  2.687   1.00 52.39  ? 128 PHE A CZ   1 
ATOM   1211 H  H    . PHE A 1 128 ? -4.572  12.634  -1.915  1.00 0.00   ? 128 PHE A H    1 
ATOM   1212 N  N    . GLY A 1 129 ? -3.406  13.966  -4.871  1.00 49.50  ? 129 GLY A N    1 
ATOM   1213 C  CA   . GLY A 1 129 ? -2.930  13.837  -6.239  1.00 44.87  ? 129 GLY A CA   1 
ATOM   1214 C  C    . GLY A 1 129 ? -2.544  12.472  -6.770  1.00 39.80  ? 129 GLY A C    1 
ATOM   1215 O  O    . GLY A 1 129 ? -2.612  12.235  -7.961  1.00 41.62  ? 129 GLY A O    1 
ATOM   1216 H  H    . GLY A 1 129 ? -4.363  14.050  -4.710  1.00 0.00   ? 129 GLY A H    1 
ATOM   1217 N  N    . ASN A 1 130 ? -2.114  11.590  -5.880  1.00 40.35  ? 130 ASN A N    1 
ATOM   1218 C  CA   . ASN A 1 130 ? -1.704  10.228  -6.236  1.00 44.49  ? 130 ASN A CA   1 
ATOM   1219 C  C    . ASN A 1 130 ? -2.677  9.453   -7.132  1.00 43.95  ? 130 ASN A C    1 
ATOM   1220 O  O    . ASN A 1 130 ? -3.893  9.534   -6.913  1.00 49.00  ? 130 ASN A O    1 
ATOM   1221 C  CB   . ASN A 1 130 ? -1.473  9.449   -4.949  1.00 44.50  ? 130 ASN A CB   1 
ATOM   1222 C  CG   . ASN A 1 130 ? -0.567  10.173  -4.009  1.00 42.40  ? 130 ASN A CG   1 
ATOM   1223 O  OD1  . ASN A 1 130 ? 0.487   10.648  -4.406  1.00 43.85  ? 130 ASN A OD1  1 
ATOM   1224 N  ND2  . ASN A 1 130 ? -0.984  10.306  -2.755  1.00 42.84  ? 130 ASN A ND2  1 
ATOM   1225 H  H    . ASN A 1 130 ? -2.031  11.885  -4.951  1.00 0.00   ? 130 ASN A H    1 
ATOM   1226 H  HD21 . ASN A 1 130 ? -0.403  10.770  -2.113  1.00 0.00   ? 130 ASN A HD21 1 
ATOM   1227 H  HD22 . ASN A 1 130 ? -1.853  9.942   -2.495  1.00 0.00   ? 130 ASN A HD22 1 
ATOM   1228 N  N    . PRO A 1 131 ? -2.181  8.676   -8.105  1.00 39.78  ? 131 PRO A N    1 
ATOM   1229 C  CA   . PRO A 1 131 ? -3.072  7.909   -8.995  1.00 39.65  ? 131 PRO A CA   1 
ATOM   1230 C  C    . PRO A 1 131 ? -3.654  6.665   -8.319  1.00 40.54  ? 131 PRO A C    1 
ATOM   1231 O  O    . PRO A 1 131 ? -3.027  6.059   -7.470  1.00 39.45  ? 131 PRO A O    1 
ATOM   1232 C  CB   . PRO A 1 131 ? -2.115  7.501   -10.131 1.00 31.93  ? 131 PRO A CB   1 
ATOM   1233 C  CG   . PRO A 1 131 ? -0.844  7.276   -9.420  1.00 35.67  ? 131 PRO A CG   1 
ATOM   1234 C  CD   . PRO A 1 131 ? -0.773  8.464   -8.451  1.00 39.21  ? 131 PRO A CD   1 
ATOM   1235 N  N    . ILE A 1 132 ? -4.868  6.310   -8.725  1.00 40.15  ? 132 ILE A N    1 
ATOM   1236 C  CA   . ILE A 1 132 ? -5.541  5.141   -8.149  1.00 32.72  ? 132 ILE A CA   1 
ATOM   1237 C  C    . ILE A 1 132 ? -5.234  3.897   -8.983  1.00 38.81  ? 132 ILE A C    1 
ATOM   1238 O  O    . ILE A 1 132 ? -5.872  3.637   -10.015 1.00 42.68  ? 132 ILE A O    1 
ATOM   1239 C  CB   . ILE A 1 132 ? -7.051  5.400   -7.967  1.00 26.12  ? 132 ILE A CB   1 
ATOM   1240 C  CG1  . ILE A 1 132 ? -7.253  6.526   -6.938  1.00 26.18  ? 132 ILE A CG1  1 
ATOM   1241 C  CG2  . ILE A 1 132 ? -7.793  4.144   -7.528  1.00 20.90  ? 132 ILE A CG2  1 
ATOM   1242 C  CD1  . ILE A 1 132 ? -8.673  6.704   -6.443  1.00 29.15  ? 132 ILE A CD1  1 
ATOM   1243 H  H    . ILE A 1 132 ? -5.345  6.822   -9.409  1.00 0.00   ? 132 ILE A H    1 
ATOM   1244 N  N    . PRO A 1 133 ? -4.224  3.117   -8.548  1.00 37.60  ? 133 PRO A N    1 
ATOM   1245 C  CA   . PRO A 1 133 ? -3.805  1.900   -9.253  1.00 35.41  ? 133 PRO A CA   1 
ATOM   1246 C  C    . PRO A 1 133 ? -4.821  0.786   -9.119  1.00 40.28  ? 133 PRO A C    1 
ATOM   1247 O  O    . PRO A 1 133 ? -5.601  0.755   -8.185  1.00 47.16  ? 133 PRO A O    1 
ATOM   1248 C  CB   . PRO A 1 133 ? -2.540  1.504   -8.483  1.00 40.16  ? 133 PRO A CB   1 
ATOM   1249 C  CG   . PRO A 1 133 ? -2.887  1.886   -7.086  1.00 36.19  ? 133 PRO A CG   1 
ATOM   1250 C  CD   . PRO A 1 133 ? -3.464  3.266   -7.303  1.00 38.49  ? 133 PRO A CD   1 
ATOM   1251 N  N    . GLY A 1 134 ? -4.830  -0.115  -10.093 1.00 52.13  ? 134 GLY A N    1 
ATOM   1252 C  CA   . GLY A 1 134 ? -5.741  -1.238  -10.045 1.00 57.83  ? 134 GLY A CA   1 
ATOM   1253 C  C    . GLY A 1 134 ? -7.160  -1.113  -10.556 1.00 55.88  ? 134 GLY A C    1 
ATOM   1254 O  O    . GLY A 1 134 ? -7.765  -2.129  -10.884 1.00 52.49  ? 134 GLY A O    1 
ATOM   1255 H  H    . GLY A 1 134 ? -4.225  -0.016  -10.855 1.00 0.00   ? 134 GLY A H    1 
ATOM   1256 N  N    . LEU A 1 135 ? -7.689  0.104   -10.637 1.00 57.89  ? 135 LEU A N    1 
ATOM   1257 C  CA   . LEU A 1 135 ? -9.048  0.349   -11.098 1.00 62.06  ? 135 LEU A CA   1 
ATOM   1258 C  C    . LEU A 1 135 ? -9.541  -0.671  -12.116 1.00 71.88  ? 135 LEU A C    1 
ATOM   1259 O  O    . LEU A 1 135 ? -10.571 -1.328  -11.903 1.00 74.29  ? 135 LEU A O    1 
ATOM   1260 C  CB   . LEU A 1 135 ? -9.183  1.754   -11.654 1.00 59.33  ? 135 LEU A CB   1 
ATOM   1261 C  CG   . LEU A 1 135 ? -9.212  2.793   -10.535 1.00 61.98  ? 135 LEU A CG   1 
ATOM   1262 C  CD1  . LEU A 1 135 ? -9.069  4.218   -11.077 1.00 68.50  ? 135 LEU A CD1  1 
ATOM   1263 C  CD2  . LEU A 1 135 ? -10.510 2.626   -9.764  1.00 60.93  ? 135 LEU A CD2  1 
ATOM   1264 H  H    . LEU A 1 135 ? -7.153  0.880   -10.353 1.00 0.00   ? 135 LEU A H    1 
ATOM   1265 N  N    . VAL A 1 136 ? -8.760  -0.876  -13.168 1.00 79.73  ? 136 VAL A N    1 
ATOM   1266 C  CA   . VAL A 1 136 ? -9.106  -1.838  -14.202 1.00 92.72  ? 136 VAL A CA   1 
ATOM   1267 C  C    . VAL A 1 136 ? -9.249  -3.241  -13.598 1.00 92.31  ? 136 VAL A C    1 
ATOM   1268 O  O    . VAL A 1 136 ? -10.281 -3.891  -13.752 1.00 90.29  ? 136 VAL A O    1 
ATOM   1269 C  CB   . VAL A 1 136 ? -8.000  -1.868  -15.272 1.00 100.78 ? 136 VAL A CB   1 
ATOM   1270 H  H    . VAL A 1 136 ? -7.945  -0.343  -13.231 1.00 0.00   ? 136 VAL A H    1 
ATOM   1271 N  N    . GLU A 1 137 ? -8.217  -3.663  -12.883 1.00 93.05  ? 137 GLU A N    1 
ATOM   1272 C  CA   . GLU A 1 137 ? -8.179  -4.969  -12.238 1.00 92.24  ? 137 GLU A CA   1 
ATOM   1273 C  C    . GLU A 1 137 ? -9.059  -5.099  -10.997 1.00 89.70  ? 137 GLU A C    1 
ATOM   1274 O  O    . GLU A 1 137 ? -8.967  -6.082  -10.252 1.00 92.76  ? 137 GLU A O    1 
ATOM   1275 C  CB   . GLU A 1 137 ? -6.725  -5.396  -11.938 1.00 93.61  ? 137 GLU A CB   1 
ATOM   1276 C  CG   . GLU A 1 137 ? -5.830  -4.304  -11.332 1.00 86.33  ? 137 GLU A CG   1 
ATOM   1277 C  CD   . GLU A 1 137 ? -4.966  -3.585  -12.371 1.00 78.59  ? 137 GLU A CD   1 
ATOM   1278 O  OE1  . GLU A 1 137 ? -5.464  -2.661  -13.042 1.00 75.90  ? 137 GLU A OE1  1 
ATOM   1279 O  OE2  . GLU A 1 137 ? -3.773  -3.940  -12.494 1.00 74.54  ? 137 GLU A OE2  1 
ATOM   1280 H  H    . GLU A 1 137 ? -7.493  -3.035  -12.723 1.00 0.00   ? 137 GLU A H    1 
ATOM   1281 N  N    . LEU A 1 138 ? -9.873  -4.090  -10.755 1.00 81.73  ? 138 LEU A N    1 
ATOM   1282 C  CA   . LEU A 1 138 ? -10.773 -4.103  -9.622  1.00 74.09  ? 138 LEU A CA   1 
ATOM   1283 C  C    . LEU A 1 138 ? -12.093 -4.626  -10.180 1.00 76.26  ? 138 LEU A C    1 
ATOM   1284 O  O    . LEU A 1 138 ? -12.643 -5.634  -9.701  1.00 71.95  ? 138 LEU A O    1 
ATOM   1285 C  CB   . LEU A 1 138 ? -10.957 -2.688  -9.082  1.00 64.72  ? 138 LEU A CB   1 
ATOM   1286 C  CG   . LEU A 1 138 ? -12.015 -2.429  -7.999  1.00 54.78  ? 138 LEU A CG   1 
ATOM   1287 C  CD1  . LEU A 1 138 ? -11.681 -3.204  -6.743  1.00 50.17  ? 138 LEU A CD1  1 
ATOM   1288 C  CD2  . LEU A 1 138 ? -12.100 -0.942  -7.721  1.00 50.03  ? 138 LEU A CD2  1 
ATOM   1289 H  H    . LEU A 1 138 ? -9.881  -3.299  -11.335 1.00 0.00   ? 138 LEU A H    1 
ATOM   1290 N  N    . GLY A 1 139 ? -12.542 -3.985  -11.253 1.00 82.31  ? 139 GLY A N    1 
ATOM   1291 C  CA   . GLY A 1 139 ? -13.791 -4.359  -11.906 1.00 91.41  ? 139 GLY A CA   1 
ATOM   1292 C  C    . GLY A 1 139 ? -14.668 -3.117  -11.954 1.00 98.65  ? 139 GLY A C    1 
ATOM   1293 O  O    . GLY A 1 139 ? -15.825 -3.147  -11.533 1.00 106.24 ? 139 GLY A O    1 
ATOM   1294 H  H    . GLY A 1 139 ? -12.026 -3.249  -11.640 1.00 0.00   ? 139 GLY A H    1 
ATOM   1295 N  N    . VAL A 1 140 ? -14.102 -2.022  -12.467 1.00 96.86  ? 140 VAL A N    1 
ATOM   1296 C  CA   . VAL A 1 140 ? -14.803 -0.760  -12.576 1.00 99.85  ? 140 VAL A CA   1 
ATOM   1297 C  C    . VAL A 1 140 ? -14.151 0.115   -13.641 1.00 103.83 ? 140 VAL A C    1 
ATOM   1298 O  O    . VAL A 1 140 ? -13.397 -0.435  -14.471 1.00 104.48 ? 140 VAL A O    1 
ATOM   1299 C  CB   . VAL A 1 140 ? -14.801 -0.057  -11.223 1.00 99.96  ? 140 VAL A CB   1 
ATOM   1300 H  H    . VAL A 1 140 ? -13.194 -1.991  -12.840 1.00 0.00   ? 140 VAL A H    1 
HETATM 1301 ZN ZN   . ZN  B 2 .   ? -2.112  8.619   2.165   1.00 40.29  ? 301 ZN  A ZN   1 
HETATM 1302 ZN ZN   . ZN  C 2 .   ? -1.211  0.583   6.354   1.00 39.78  ? 302 ZN  A ZN   1 
HETATM 1303 S  S    . SO4 D 3 .   ? 0.462   6.898   -0.287  0.50 25.53  ? 303 SO4 A S    1 
HETATM 1304 O  O1   . SO4 D 3 .   ? 0.888   5.470   -0.511  0.50 25.67  ? 303 SO4 A O1   1 
HETATM 1305 O  O2   . SO4 D 3 .   ? -0.654  7.227   -1.252  0.50 22.77  ? 303 SO4 A O2   1 
HETATM 1306 O  O3   . SO4 D 3 .   ? -0.042  7.062   1.129   0.50 27.72  ? 303 SO4 A O3   1 
HETATM 1307 O  O4   . SO4 D 3 .   ? 1.617   7.809   -0.528  0.50 27.89  ? 303 SO4 A O4   1 
HETATM 1308 O  O    . HOH E 4 .   ? 12.696  0.103   -9.619  1.00 2.79   ? 401 HOH A O    1 
HETATM 1309 H  H1   . HOH E 4 .   ? 12.491  0.522   -10.474 1.00 0.00   ? 401 HOH A H1   1 
HETATM 1310 H  H2   . HOH E 4 .   ? 13.415  -0.473  -9.881  1.00 0.00   ? 401 HOH A H2   1 
HETATM 1311 O  O    . HOH E 4 .   ? -11.920 -8.413  -1.132  1.00 28.60  ? 402 HOH A O    1 
HETATM 1312 H  H1   . HOH E 4 .   ? -11.460 -8.719  -0.334  1.00 0.00   ? 402 HOH A H1   1 
HETATM 1313 H  H2   . HOH E 4 .   ? -11.863 -9.171  -1.720  1.00 0.00   ? 402 HOH A H2   1 
HETATM 1314 O  O    . HOH E 4 .   ? 9.575   9.761   3.477   1.00 16.69  ? 403 HOH A O    1 
HETATM 1315 H  H1   . HOH E 4 .   ? 9.359   10.431  4.133   1.00 0.00   ? 403 HOH A H1   1 
HETATM 1316 H  H2   . HOH E 4 .   ? 10.539  9.793   3.468   1.00 0.00   ? 403 HOH A H2   1 
HETATM 1317 O  O    . HOH E 4 .   ? -18.259 16.770  1.236   1.00 24.16  ? 404 HOH A O    1 
HETATM 1318 H  H1   . HOH E 4 .   ? -17.479 16.860  1.790   1.00 0.00   ? 404 HOH A H1   1 
HETATM 1319 H  H2   . HOH E 4 .   ? -18.211 15.837  1.024   1.00 0.00   ? 404 HOH A H2   1 
HETATM 1320 O  O    . HOH E 4 .   ? 19.898  -3.279  1.730   1.00 24.43  ? 405 HOH A O    1 
HETATM 1321 H  H1   . HOH E 4 .   ? 19.292  -3.653  1.071   1.00 0.00   ? 405 HOH A H1   1 
HETATM 1322 H  H2   . HOH E 4 .   ? 20.758  -3.595  1.424   1.00 0.00   ? 405 HOH A H2   1 
HETATM 1323 O  O    . HOH E 4 .   ? -0.940  17.359  4.899   1.00 34.25  ? 406 HOH A O    1 
HETATM 1324 H  H1   . HOH E 4 .   ? -1.877  17.147  4.892   1.00 0.00   ? 406 HOH A H1   1 
HETATM 1325 H  H2   . HOH E 4 .   ? -0.875  18.119  5.481   1.00 0.00   ? 406 HOH A H2   1 
HETATM 1326 O  O    . HOH E 4 .   ? 19.049  5.624   -3.073  1.00 23.84  ? 407 HOH A O    1 
HETATM 1327 H  H1   . HOH E 4 .   ? 18.819  5.171   -3.889  1.00 0.00   ? 407 HOH A H1   1 
HETATM 1328 H  H2   . HOH E 4 .   ? 19.966  5.878   -3.194  1.00 0.00   ? 407 HOH A H2   1 
HETATM 1329 O  O    . HOH E 4 .   ? -0.183  11.544  2.082   1.00 16.81  ? 408 HOH A O    1 
HETATM 1330 H  H1   . HOH E 4 .   ? 0.430   10.840  1.822   1.00 0.00   ? 408 HOH A H1   1 
HETATM 1331 H  H2   . HOH E 4 .   ? 0.334   11.977  2.768   1.00 0.00   ? 408 HOH A H2   1 
HETATM 1332 O  O    . HOH E 4 .   ? 7.283   9.156   2.007   1.00 31.31  ? 409 HOH A O    1 
HETATM 1333 H  H1   . HOH E 4 .   ? 8.051   9.417   2.567   1.00 0.00   ? 409 HOH A H1   1 
HETATM 1334 H  H2   . HOH E 4 .   ? 7.716   9.074   1.150   1.00 0.00   ? 409 HOH A H2   1 
HETATM 1335 O  O    . HOH E 4 .   ? -14.936 -9.784  -5.265  1.00 19.82  ? 410 HOH A O    1 
HETATM 1336 H  H1   . HOH E 4 .   ? -15.610 -9.834  -5.926  1.00 0.00   ? 410 HOH A H1   1 
HETATM 1337 H  H2   . HOH E 4 .   ? -14.557 -10.689 -5.302  1.00 0.00   ? 410 HOH A H2   1 
HETATM 1338 O  O    . HOH E 4 .   ? -3.228  13.088  5.379   1.00 34.47  ? 411 HOH A O    1 
HETATM 1339 H  H1   . HOH E 4 .   ? -2.737  13.495  6.107   1.00 0.00   ? 411 HOH A H1   1 
HETATM 1340 H  H2   . HOH E 4 .   ? -3.758  13.823  5.042   1.00 0.00   ? 411 HOH A H2   1 
HETATM 1341 O  O    . HOH E 4 .   ? -0.238  10.622  8.206   1.00 38.65  ? 412 HOH A O    1 
HETATM 1342 H  H1   . HOH E 4 .   ? 0.590   11.068  7.987   1.00 0.00   ? 412 HOH A H1   1 
HETATM 1343 H  H2   . HOH E 4 .   ? 0.049   9.712   8.340   1.00 0.00   ? 412 HOH A H2   1 
HETATM 1344 O  O    . HOH E 4 .   ? 4.113   6.429   -2.507  1.00 39.17  ? 413 HOH A O    1 
HETATM 1345 H  H1   . HOH E 4 .   ? 3.283   6.578   -2.951  1.00 0.00   ? 413 HOH A H1   1 
HETATM 1346 H  H2   . HOH E 4 .   ? 4.482   7.307   -2.400  1.00 0.00   ? 413 HOH A H2   1 
HETATM 1347 O  O    . HOH E 4 .   ? 10.633  -4.173  -7.154  1.00 32.41  ? 414 HOH A O    1 
HETATM 1348 H  H1   . HOH E 4 .   ? 11.324  -3.932  -7.775  1.00 0.00   ? 414 HOH A H1   1 
HETATM 1349 H  H2   . HOH E 4 .   ? 10.857  -3.569  -6.418  1.00 0.00   ? 414 HOH A H2   1 
HETATM 1350 O  O    . HOH E 4 .   ? -1.359  -10.175 3.055   1.00 44.04  ? 415 HOH A O    1 
HETATM 1351 H  H1   . HOH E 4 .   ? -1.692  -10.878 3.608   1.00 0.00   ? 415 HOH A H1   1 
HETATM 1352 H  H2   . HOH E 4 .   ? -1.918  -10.220 2.267   1.00 0.00   ? 415 HOH A H2   1 
HETATM 1353 O  O    . HOH E 4 .   ? 20.523  -2.156  -3.004  1.00 23.65  ? 416 HOH A O    1 
HETATM 1354 H  H1   . HOH E 4 .   ? 21.175  -2.790  -3.291  1.00 0.00   ? 416 HOH A H1   1 
HETATM 1355 H  H2   . HOH E 4 .   ? 20.826  -1.910  -2.123  1.00 0.00   ? 416 HOH A H2   1 
HETATM 1356 O  O    . HOH E 4 .   ? -3.284  -6.516  -13.599 1.00 49.63  ? 417 HOH A O    1 
HETATM 1357 H  H1   . HOH E 4 .   ? -2.680  -6.046  -13.020 1.00 0.00   ? 417 HOH A H1   1 
HETATM 1358 H  H2   . HOH E 4 .   ? -2.840  -7.353  -13.754 1.00 0.00   ? 417 HOH A H2   1 
HETATM 1359 O  O    . HOH E 4 .   ? 4.915   -12.997 4.983   1.00 30.64  ? 418 HOH A O    1 
HETATM 1360 H  H1   . HOH E 4 .   ? 5.705   -13.541 4.957   1.00 0.00   ? 418 HOH A H1   1 
HETATM 1361 H  H2   . HOH E 4 .   ? 4.341   -13.474 5.592   1.00 0.00   ? 418 HOH A H2   1 
HETATM 1362 O  O    . HOH E 4 .   ? -2.007  5.062   10.764  1.00 15.71  ? 419 HOH A O    1 
HETATM 1363 H  H1   . HOH E 4 .   ? -2.634  4.724   10.119  1.00 0.00   ? 419 HOH A H1   1 
HETATM 1364 H  H2   . HOH E 4 .   ? -2.591  5.269   11.507  1.00 0.00   ? 419 HOH A H2   1 
HETATM 1365 O  O    . HOH E 4 .   ? 9.908   -15.093 -8.522  1.00 29.40  ? 420 HOH A O    1 
HETATM 1366 H  H1   . HOH E 4 .   ? 10.125  -15.513 -9.366  1.00 0.00   ? 420 HOH A H1   1 
HETATM 1367 H  H2   . HOH E 4 .   ? 10.745  -15.150 -8.052  1.00 0.00   ? 420 HOH A H2   1 
HETATM 1368 O  O    . HOH E 4 .   ? 6.360   3.773   3.047   1.00 40.37  ? 421 HOH A O    1 
HETATM 1369 H  H1   . HOH E 4 .   ? 6.105   3.675   3.988   1.00 0.00   ? 421 HOH A H1   1 
HETATM 1370 H  H2   . HOH E 4 .   ? 5.512   3.879   2.612   1.00 0.00   ? 421 HOH A H2   1 
HETATM 1371 O  O    . HOH E 4 .   ? 13.926  -16.926 8.166   1.00 84.90  ? 422 HOH A O    1 
HETATM 1372 H  H1   . HOH E 4 .   ? 13.827  -16.470 7.327   1.00 0.00   ? 422 HOH A H1   1 
HETATM 1373 H  H2   . HOH E 4 .   ? 13.698  -17.832 7.952   1.00 0.00   ? 422 HOH A H2   1 
HETATM 1374 O  O    . HOH E 4 .   ? 1.114   4.624   -8.810  1.00 20.15  ? 423 HOH A O    1 
HETATM 1375 H  H1   . HOH E 4 .   ? 1.112   5.040   -9.685  1.00 0.00   ? 423 HOH A H1   1 
HETATM 1376 H  H2   . HOH E 4 .   ? 0.334   4.967   -8.390  1.00 0.00   ? 423 HOH A H2   1 
HETATM 1377 O  O    . HOH E 4 .   ? 10.178  10.429  -9.538  1.00 21.55  ? 424 HOH A O    1 
HETATM 1378 H  H1   . HOH E 4 .   ? 9.227   10.349  -9.435  1.00 0.00   ? 424 HOH A H1   1 
HETATM 1379 H  H2   . HOH E 4 .   ? 10.488  10.385  -8.629  1.00 0.00   ? 424 HOH A H2   1 
HETATM 1380 O  O    . HOH E 4 .   ? -1.416  10.451  -0.067  1.00 37.37  ? 425 HOH A O    1 
HETATM 1381 H  H1   . HOH E 4 .   ? -1.959  10.032  0.604   1.00 0.00   ? 425 HOH A H1   1 
HETATM 1382 H  H2   . HOH E 4 .   ? -0.948  11.106  0.496   1.00 0.00   ? 425 HOH A H2   1 
HETATM 1383 O  O    . HOH E 4 .   ? -10.070 -7.488  3.156   1.00 31.78  ? 426 HOH A O    1 
HETATM 1384 H  H1   . HOH E 4 .   ? -9.398  -7.575  3.839   1.00 0.00   ? 426 HOH A H1   1 
HETATM 1385 H  H2   . HOH E 4 .   ? -9.701  -6.813  2.583   1.00 0.00   ? 426 HOH A H2   1 
HETATM 1386 O  O    . HOH E 4 .   ? -8.565  10.970  11.972  1.00 29.61  ? 427 HOH A O    1 
HETATM 1387 H  H1   . HOH E 4 .   ? -8.295  11.260  11.099  1.00 0.00   ? 427 HOH A H1   1 
HETATM 1388 H  H2   . HOH E 4 .   ? -7.805  10.404  12.207  1.00 0.00   ? 427 HOH A H2   1 
HETATM 1389 O  O    . HOH E 4 .   ? 8.076   -11.869 11.229  1.00 92.50  ? 428 HOH A O    1 
HETATM 1390 H  H1   . HOH E 4 .   ? 7.641   -11.238 11.797  1.00 0.00   ? 428 HOH A H1   1 
HETATM 1391 H  H2   . HOH E 4 .   ? 8.201   -11.387 10.404  1.00 0.00   ? 428 HOH A H2   1 
HETATM 1392 O  O    . HOH E 4 .   ? 16.888  11.392  -3.945  1.00 25.04  ? 429 HOH A O    1 
HETATM 1393 H  H1   . HOH E 4 .   ? 17.021  10.434  -3.876  1.00 0.00   ? 429 HOH A H1   1 
HETATM 1394 H  H2   . HOH E 4 .   ? 16.541  11.578  -3.047  1.00 0.00   ? 429 HOH A H2   1 
HETATM 1395 O  O    . HOH E 4 .   ? 7.794   13.273  -2.813  1.00 24.11  ? 430 HOH A O    1 
HETATM 1396 H  H1   . HOH E 4 .   ? 8.021   12.492  -3.318  1.00 0.00   ? 430 HOH A H1   1 
HETATM 1397 H  H2   . HOH E 4 .   ? 7.931   13.994  -3.429  1.00 0.00   ? 430 HOH A H2   1 
HETATM 1398 O  O    . HOH E 4 .   ? 14.695  15.339  -6.057  1.00 25.59  ? 431 HOH A O    1 
HETATM 1399 H  H1   . HOH E 4 .   ? 14.218  14.564  -5.737  1.00 0.00   ? 431 HOH A H1   1 
HETATM 1400 H  H2   . HOH E 4 .   ? 15.613  15.080  -5.884  1.00 0.00   ? 431 HOH A H2   1 
HETATM 1401 O  O    . HOH E 4 .   ? -3.296  21.237  -6.042  1.00 41.99  ? 432 HOH A O    1 
HETATM 1402 H  H1   . HOH E 4 .   ? -3.576  20.353  -6.270  1.00 0.00   ? 432 HOH A H1   1 
HETATM 1403 H  H2   . HOH E 4 .   ? -3.706  21.796  -6.707  1.00 0.00   ? 432 HOH A H2   1 
HETATM 1404 O  O    . HOH E 4 .   ? -8.963  4.647   -14.843 1.00 49.28  ? 433 HOH A O    1 
HETATM 1405 H  H1   . HOH E 4 .   ? -9.232  5.105   -14.041 1.00 0.00   ? 433 HOH A H1   1 
HETATM 1406 H  H2   . HOH E 4 .   ? -8.013  4.584   -14.758 1.00 0.00   ? 433 HOH A H2   1 
HETATM 1407 O  O    . HOH E 4 .   ? 11.455  5.112   -15.045 1.00 40.34  ? 434 HOH A O    1 
HETATM 1408 H  H1   . HOH E 4 .   ? 10.841  4.907   -15.750 1.00 0.00   ? 434 HOH A H1   1 
HETATM 1409 H  H2   . HOH E 4 .   ? 11.476  6.074   -15.037 1.00 0.00   ? 434 HOH A H2   1 
HETATM 1410 O  O    . HOH E 4 .   ? 1.844   11.669  -8.341  1.00 33.69  ? 435 HOH A O    1 
HETATM 1411 H  H1   . HOH E 4 .   ? 1.305   11.497  -7.565  1.00 0.00   ? 435 HOH A H1   1 
HETATM 1412 H  H2   . HOH E 4 .   ? 2.154   10.802  -8.605  1.00 0.00   ? 435 HOH A H2   1 
HETATM 1413 O  O    . HOH E 4 .   ? -1.111  24.911  -1.465  1.00 38.82  ? 436 HOH A O    1 
HETATM 1414 H  H1   . HOH E 4 .   ? -1.411  24.115  -1.925  1.00 0.00   ? 436 HOH A H1   1 
HETATM 1415 H  H2   . HOH E 4 .   ? -1.926  25.393  -1.305  1.00 0.00   ? 436 HOH A H2   1 
HETATM 1416 O  O    . HOH E 4 .   ? 1.892   15.290  -4.649  1.00 33.36  ? 437 HOH A O    1 
HETATM 1417 H  H1   . HOH E 4 .   ? 2.275   14.439  -4.882  1.00 0.00   ? 437 HOH A H1   1 
HETATM 1418 H  H2   . HOH E 4 .   ? 1.410   15.484  -5.487  1.00 0.00   ? 437 HOH A H2   1 
HETATM 1419 O  O    . HOH E 4 .   ? 0.886   15.399  -7.105  1.00 28.11  ? 438 HOH A O    1 
HETATM 1420 H  H1   . HOH E 4 .   ? 0.673   16.095  -7.733  1.00 0.00   ? 438 HOH A H1   1 
HETATM 1421 H  H2   . HOH E 4 .   ? 0.639   14.602  -7.586  1.00 0.00   ? 438 HOH A H2   1 
HETATM 1422 O  O    . HOH E 4 .   ? 1.151   12.407  4.228   1.00 24.36  ? 439 HOH A O    1 
HETATM 1423 H  H1   . HOH E 4 .   ? 1.493   13.314  4.147   1.00 0.00   ? 439 HOH A H1   1 
HETATM 1424 H  H2   . HOH E 4 .   ? 0.260   12.576  4.579   1.00 0.00   ? 439 HOH A H2   1 
HETATM 1425 O  O    . HOH E 4 .   ? 10.582  -5.926  15.608  1.00 57.17  ? 440 HOH A O    1 
HETATM 1426 H  H1   . HOH E 4 .   ? 10.722  -5.490  16.451  1.00 0.00   ? 440 HOH A H1   1 
HETATM 1427 H  H2   . HOH E 4 .   ? 9.982   -5.327  15.148  1.00 0.00   ? 440 HOH A H2   1 
HETATM 1428 O  O    . HOH E 4 .   ? 14.341  12.092  -4.584  1.00 27.01  ? 441 HOH A O    1 
HETATM 1429 H  H1   . HOH E 4 .   ? 15.274  11.846  -4.704  1.00 0.00   ? 441 HOH A H1   1 
HETATM 1430 H  H2   . HOH E 4 .   ? 13.890  11.464  -5.169  1.00 0.00   ? 441 HOH A H2   1 
HETATM 1431 O  O    . HOH E 4 .   ? 3.192   14.746  8.418   1.00 27.70  ? 442 HOH A O    1 
HETATM 1432 H  H1   . HOH E 4 .   ? 2.537   14.822  9.114   1.00 0.00   ? 442 HOH A H1   1 
HETATM 1433 H  H2   . HOH E 4 .   ? 3.563   13.861  8.577   1.00 0.00   ? 442 HOH A H2   1 
HETATM 1434 O  O    . HOH E 4 .   ? 1.489   17.354  -1.813  1.00 31.11  ? 443 HOH A O    1 
HETATM 1435 H  H1   . HOH E 4 .   ? 1.606   17.127  -2.742  1.00 0.00   ? 443 HOH A H1   1 
HETATM 1436 H  H2   . HOH E 4 .   ? 1.586   18.309  -1.810  1.00 0.00   ? 443 HOH A H2   1 
HETATM 1437 O  O    . HOH E 4 .   ? 9.015   14.107  3.413   1.00 29.04  ? 444 HOH A O    1 
HETATM 1438 H  H1   . HOH E 4 .   ? 8.300   13.919  2.787   1.00 0.00   ? 444 HOH A H1   1 
HETATM 1439 H  H2   . HOH E 4 .   ? 8.870   15.025  3.629   1.00 0.00   ? 444 HOH A H2   1 
HETATM 1440 O  O    . HOH E 4 .   ? 4.334   12.345  8.099   1.00 35.81  ? 445 HOH A O    1 
HETATM 1441 H  H1   . HOH E 4 .   ? 3.724   11.972  7.423   1.00 0.00   ? 445 HOH A H1   1 
HETATM 1442 H  H2   . HOH E 4 .   ? 4.930   12.859  7.554   1.00 0.00   ? 445 HOH A H2   1 
HETATM 1443 O  O    . HOH E 4 .   ? 6.014   -17.399 6.331   1.00 29.59  ? 446 HOH A O    1 
HETATM 1444 H  H1   . HOH E 4 .   ? 6.246   -18.146 6.890   1.00 0.00   ? 446 HOH A H1   1 
HETATM 1445 H  H2   . HOH E 4 .   ? 6.375   -17.641 5.469   1.00 0.00   ? 446 HOH A H2   1 
HETATM 1446 O  O    . HOH E 4 .   ? -5.958  -4.774  2.063   1.00 47.57  ? 447 HOH A O    1 
HETATM 1447 H  H1   . HOH E 4 .   ? -5.302  -4.231  2.486   1.00 0.00   ? 447 HOH A H1   1 
HETATM 1448 H  H2   . HOH E 4 .   ? -6.724  -4.203  2.047   1.00 0.00   ? 447 HOH A H2   1 
HETATM 1449 O  O    . HOH E 4 .   ? 11.754  -9.604  18.684  1.00 32.87  ? 448 HOH A O    1 
HETATM 1450 H  H1   . HOH E 4 .   ? 11.568  -10.475 18.331  1.00 0.00   ? 448 HOH A H1   1 
HETATM 1451 H  H2   . HOH E 4 .   ? 12.172  -9.154  17.938  1.00 0.00   ? 448 HOH A H2   1 
HETATM 1452 O  O    . HOH E 4 .   ? 2.904   11.498  6.203   1.00 16.12  ? 449 HOH A O    1 
HETATM 1453 H  H1   . HOH E 4 .   ? 3.400   10.904  5.640   1.00 0.00   ? 449 HOH A H1   1 
HETATM 1454 H  H2   . HOH E 4 .   ? 2.236   11.819  5.564   1.00 0.00   ? 449 HOH A H2   1 
HETATM 1455 O  O    . HOH E 4 .   ? 5.578   3.189   5.575   1.00 54.96  ? 450 HOH A O    1 
HETATM 1456 H  H1   . HOH E 4 .   ? 5.044   3.594   6.274   1.00 0.00   ? 450 HOH A H1   1 
HETATM 1457 H  H2   . HOH E 4 .   ? 6.155   2.608   6.081   1.00 0.00   ? 450 HOH A H2   1 
HETATM 1458 O  O    . HOH E 4 .   ? 20.007  16.109  -3.915  1.00 35.33  ? 451 HOH A O    1 
HETATM 1459 H  H1   . HOH E 4 .   ? 19.510  15.290  -4.002  1.00 0.00   ? 451 HOH A H1   1 
HETATM 1460 H  H2   . HOH E 4 .   ? 19.467  16.712  -4.440  1.00 0.00   ? 451 HOH A H2   1 
HETATM 1461 O  O    . HOH E 4 .   ? -24.228 1.902   -8.456  1.00 39.45  ? 452 HOH A O    1 
HETATM 1462 H  H1   . HOH E 4 .   ? -24.504 1.443   -9.250  1.00 0.00   ? 452 HOH A H1   1 
HETATM 1463 H  H2   . HOH E 4 .   ? -23.729 1.234   -7.971  1.00 0.00   ? 452 HOH A H2   1 
HETATM 1464 O  O    . HOH E 4 .   ? 19.203  -14.435 -4.011  1.00 60.56  ? 453 HOH A O    1 
HETATM 1465 H  H1   . HOH E 4 .   ? 19.216  -13.476 -4.089  1.00 0.00   ? 453 HOH A H1   1 
HETATM 1466 H  H2   . HOH E 4 .   ? 20.028  -14.649 -3.572  1.00 0.00   ? 453 HOH A H2   1 
HETATM 1467 O  O    . HOH E 4 .   ? 4.497   9.507   1.415   1.00 41.15  ? 454 HOH A O    1 
HETATM 1468 H  H1   . HOH E 4 .   ? 5.457   9.493   1.592   1.00 0.00   ? 454 HOH A H1   1 
HETATM 1469 H  H2   . HOH E 4 .   ? 4.189   8.821   2.010   1.00 0.00   ? 454 HOH A H2   1 
HETATM 1470 O  O    . HOH E 4 .   ? -6.195  9.494   12.178  1.00 29.16  ? 455 HOH A O    1 
HETATM 1471 H  H1   . HOH E 4 .   ? -6.017  8.553   12.287  1.00 0.00   ? 455 HOH A H1   1 
HETATM 1472 H  H2   . HOH E 4 .   ? -5.800  9.691   11.320  1.00 0.00   ? 455 HOH A H2   1 
HETATM 1473 O  O    . HOH E 4 .   ? 5.235   13.265  2.237   1.00 43.94  ? 456 HOH A O    1 
HETATM 1474 H  H1   . HOH E 4 .   ? 4.995   13.728  1.429   1.00 0.00   ? 456 HOH A H1   1 
HETATM 1475 H  H2   . HOH E 4 .   ? 5.185   12.336  1.941   1.00 0.00   ? 456 HOH A H2   1 
HETATM 1476 O  O    . HOH E 4 .   ? -14.662 -5.698  5.595   1.00 36.85  ? 457 HOH A O    1 
HETATM 1477 H  H1   . HOH E 4 .   ? -13.930 -5.401  5.054   1.00 0.00   ? 457 HOH A H1   1 
HETATM 1478 H  H2   . HOH E 4 .   ? -14.508 -5.224  6.417   1.00 0.00   ? 457 HOH A H2   1 
HETATM 1479 O  O    . HOH E 4 .   ? -10.001 14.161  -2.493  1.00 44.16  ? 458 HOH A O    1 
HETATM 1480 H  H1   . HOH E 4 .   ? -9.629  15.040  -2.470  1.00 0.00   ? 458 HOH A H1   1 
HETATM 1481 H  H2   . HOH E 4 .   ? -10.547 14.147  -3.283  1.00 0.00   ? 458 HOH A H2   1 
HETATM 1482 O  O    . HOH E 4 .   ? 2.586   11.970  -1.898  1.00 35.95  ? 459 HOH A O    1 
HETATM 1483 H  H1   . HOH E 4 .   ? 2.026   11.787  -2.666  1.00 0.00   ? 459 HOH A H1   1 
HETATM 1484 H  H2   . HOH E 4 .   ? 2.362   12.910  -1.735  1.00 0.00   ? 459 HOH A H2   1 
HETATM 1485 O  O    . HOH E 4 .   ? -1.240  22.024  -3.011  1.00 35.63  ? 460 HOH A O    1 
HETATM 1486 H  H1   . HOH E 4 .   ? -1.989  21.632  -2.547  1.00 0.00   ? 460 HOH A H1   1 
HETATM 1487 H  H2   . HOH E 4 .   ? -1.508  21.893  -3.937  1.00 0.00   ? 460 HOH A H2   1 
HETATM 1488 O  O    . HOH E 4 .   ? 1.292   6.669   -12.476 1.00 60.72  ? 461 HOH A O    1 
HETATM 1489 H  H1   . HOH E 4 .   ? 1.656   7.549   -12.621 1.00 0.00   ? 461 HOH A H1   1 
HETATM 1490 H  H2   . HOH E 4 .   ? 1.339   6.267   -13.341 1.00 0.00   ? 461 HOH A H2   1 
HETATM 1491 O  O    . HOH E 4 .   ? -4.196  21.108  -1.565  1.00 64.91  ? 462 HOH A O    1 
HETATM 1492 H  H1   . HOH E 4 .   ? -4.344  20.199  -1.275  1.00 0.00   ? 462 HOH A H1   1 
HETATM 1493 H  H2   . HOH E 4 .   ? -5.094  21.426  -1.698  1.00 0.00   ? 462 HOH A H2   1 
HETATM 1494 O  O    . HOH E 4 .   ? 17.782  13.428  -5.090  1.00 28.41  ? 463 HOH A O    1 
HETATM 1495 H  H1   . HOH E 4 .   ? 17.430  12.689  -4.551  1.00 0.00   ? 463 HOH A H1   1 
HETATM 1496 H  H2   . HOH E 4 .   ? 18.426  12.945  -5.627  1.00 0.00   ? 463 HOH A H2   1 
HETATM 1497 O  O    . HOH E 4 .   ? 1.055   23.320  -2.356  1.00 41.54  ? 464 HOH A O    1 
HETATM 1498 H  H1   . HOH E 4 .   ? 0.299   22.764  -2.615  1.00 0.00   ? 464 HOH A H1   1 
HETATM 1499 H  H2   . HOH E 4 .   ? 0.603   24.061  -1.911  1.00 0.00   ? 464 HOH A H2   1 
HETATM 1500 O  O    . HOH E 4 .   ? 15.505  11.814  -1.860  1.00 47.03  ? 465 HOH A O    1 
HETATM 1501 H  H1   . HOH E 4 .   ? 15.140  12.138  -1.024  1.00 0.00   ? 465 HOH A H1   1 
HETATM 1502 H  H2   . HOH E 4 .   ? 14.778  12.010  -2.488  1.00 0.00   ? 465 HOH A H2   1 
HETATM 1503 O  O    . HOH E 4 .   ? -15.770 5.529   -11.846 1.00 88.83  ? 466 HOH A O    1 
HETATM 1504 H  H1   . HOH E 4 .   ? -15.761 4.987   -11.055 1.00 0.00   ? 466 HOH A H1   1 
HETATM 1505 H  H2   . HOH E 4 .   ? -16.297 6.277   -11.547 1.00 0.00   ? 466 HOH A H2   1 
HETATM 1506 O  O    . HOH E 4 .   ? -26.361 4.851   -6.893  1.00 46.06  ? 467 HOH A O    1 
HETATM 1507 H  H1   . HOH E 4 .   ? -25.615 4.464   -7.356  1.00 0.00   ? 467 HOH A H1   1 
HETATM 1508 H  H2   . HOH E 4 .   ? -26.557 4.190   -6.216  1.00 0.00   ? 467 HOH A H2   1 
HETATM 1509 O  O    . HOH E 4 .   ? -3.096  11.287  9.045   1.00 54.37  ? 468 HOH A O    1 
HETATM 1510 H  H1   . HOH E 4 .   ? -2.146  11.104  8.957   1.00 0.00   ? 468 HOH A H1   1 
HETATM 1511 H  H2   . HOH E 4 .   ? -3.092  12.247  9.168   1.00 0.00   ? 468 HOH A H2   1 
HETATM 1512 O  O    . HOH E 4 .   ? 1.756   14.611  -1.940  1.00 49.94  ? 469 HOH A O    1 
HETATM 1513 H  H1   . HOH E 4 .   ? 1.688   14.780  -2.900  1.00 0.00   ? 469 HOH A H1   1 
HETATM 1514 H  H2   . HOH E 4 .   ? 1.591   15.517  -1.614  1.00 0.00   ? 469 HOH A H2   1 
HETATM 1515 O  O    . HOH E 4 .   ? 2.954   8.026   7.569   1.00 58.48  ? 470 HOH A O    1 
HETATM 1516 H  H1   . HOH E 4 .   ? 3.709   7.487   7.822   1.00 0.00   ? 470 HOH A H1   1 
HETATM 1517 H  H2   . HOH E 4 .   ? 3.339   8.910   7.532   1.00 0.00   ? 470 HOH A H2   1 
HETATM 1518 O  O    . HOH E 4 .   ? 13.002  -0.772  -7.318  1.00 43.70  ? 471 HOH A O    1 
HETATM 1519 H  H1   . HOH E 4 .   ? 13.173  0.098   -6.953  1.00 0.00   ? 471 HOH A H1   1 
HETATM 1520 H  H2   . HOH E 4 .   ? 12.642  -0.504  -8.184  1.00 0.00   ? 471 HOH A H2   1 
HETATM 1521 O  O    . HOH E 4 .   ? 17.374  -4.341  0.183   1.00 44.36  ? 472 HOH A O    1 
HETATM 1522 H  H1   . HOH E 4 .   ? 17.768  -4.900  -0.505  1.00 0.00   ? 472 HOH A H1   1 
HETATM 1523 H  H2   . HOH E 4 .   ? 16.839  -4.971  0.668   1.00 0.00   ? 472 HOH A H2   1 
HETATM 1524 O  O    . HOH E 4 .   ? 23.476  -3.816  -1.029  1.00 57.22  ? 473 HOH A O    1 
HETATM 1525 H  H1   . HOH E 4 .   ? 23.508  -4.353  -1.826  1.00 0.00   ? 473 HOH A H1   1 
HETATM 1526 H  H2   . HOH E 4 .   ? 24.379  -3.512  -0.926  1.00 0.00   ? 473 HOH A H2   1 
HETATM 1527 O  O    . HOH E 4 .   ? 8.076   -22.349 7.012   1.00 48.92  ? 474 HOH A O    1 
HETATM 1528 H  H1   . HOH E 4 .   ? 8.331   -22.931 7.732   1.00 0.00   ? 474 HOH A H1   1 
HETATM 1529 H  H2   . HOH E 4 .   ? 8.608   -22.643 6.274   1.00 0.00   ? 474 HOH A H2   1 
HETATM 1530 O  O    . HOH E 4 .   ? 12.715  0.881   -12.239 1.00 76.77  ? 475 HOH A O    1 
HETATM 1531 H  H1   . HOH E 4 .   ? 12.083  0.701   -12.935 1.00 0.00   ? 475 HOH A H1   1 
HETATM 1532 H  H2   . HOH E 4 .   ? 13.072  1.742   -12.499 1.00 0.00   ? 475 HOH A H2   1 
HETATM 1533 O  O    . HOH E 4 .   ? 16.786  -13.737 -6.173  1.00 45.99  ? 476 HOH A O    1 
HETATM 1534 H  H1   . HOH E 4 .   ? 17.120  -14.445 -5.595  1.00 0.00   ? 476 HOH A H1   1 
HETATM 1535 H  H2   . HOH E 4 .   ? 17.449  -13.057 -5.966  1.00 0.00   ? 476 HOH A H2   1 
HETATM 1536 O  O    . HOH E 4 .   ? 5.463   12.046  -9.103  1.00 44.86  ? 477 HOH A O    1 
HETATM 1537 H  H1   . HOH E 4 .   ? 5.159   12.539  -9.860  1.00 0.00   ? 477 HOH A H1   1 
HETATM 1538 H  H2   . HOH E 4 .   ? 4.665   11.909  -8.583  1.00 0.00   ? 477 HOH A H2   1 
HETATM 1539 O  O    . HOH E 4 .   ? 14.525  4.532   -0.460  1.00 50.98  ? 478 HOH A O    1 
HETATM 1540 H  H1   . HOH E 4 .   ? 15.237  3.917   -0.600  1.00 0.00   ? 478 HOH A H1   1 
HETATM 1541 H  H2   . HOH E 4 .   ? 14.894  5.373   -0.713  1.00 0.00   ? 478 HOH A H2   1 
HETATM 1542 O  O    . HOH E 4 .   ? 6.044   -8.214  -10.162 1.00 47.11  ? 479 HOH A O    1 
HETATM 1543 H  H1   . HOH E 4 .   ? 6.741   -7.772  -9.658  1.00 0.00   ? 479 HOH A H1   1 
HETATM 1544 H  H2   . HOH E 4 .   ? 5.503   -7.493  -10.492 1.00 0.00   ? 479 HOH A H2   1 
HETATM 1545 O  O    . HOH E 4 .   ? 16.323  5.209   4.976   1.00 56.99  ? 481 HOH A O    1 
HETATM 1546 H  H1   . HOH E 4 .   ? 16.420  4.924   5.887   1.00 0.00   ? 481 HOH A H1   1 
HETATM 1547 H  H2   . HOH E 4 .   ? 15.795  6.003   5.022   1.00 0.00   ? 481 HOH A H2   1 
HETATM 1548 O  O    . HOH E 4 .   ? -18.460 15.046  5.485   1.00 43.48  ? 482 HOH A O    1 
HETATM 1549 H  H1   . HOH E 4 .   ? -18.232 14.236  5.961   1.00 0.00   ? 482 HOH A H1   1 
HETATM 1550 H  H2   . HOH E 4 .   ? -18.499 14.731  4.584   1.00 0.00   ? 482 HOH A H2   1 
HETATM 1551 O  O    . HOH E 4 .   ? -10.424 13.162  -9.601  1.00 41.38  ? 483 HOH A O    1 
HETATM 1552 H  H1   . HOH E 4 .   ? -9.749  12.902  -10.238 1.00 0.00   ? 483 HOH A H1   1 
HETATM 1553 H  H2   . HOH E 4 .   ? -10.004 13.859  -9.101  1.00 0.00   ? 483 HOH A H2   1 
HETATM 1554 O  O    . HOH E 4 .   ? 6.403   7.467   4.293   1.00 62.94  ? 484 HOH A O    1 
HETATM 1555 H  H1   . HOH E 4 .   ? 6.643   6.579   4.003   1.00 0.00   ? 484 HOH A H1   1 
HETATM 1556 H  H2   . HOH E 4 .   ? 6.725   8.003   3.551   1.00 0.00   ? 484 HOH A H2   1 
HETATM 1557 O  O    . HOH E 4 .   ? -9.112  2.501   -18.097 1.00 93.49  ? 485 HOH A O    1 
HETATM 1558 H  H1   . HOH E 4 .   ? -9.691  2.106   -17.434 1.00 0.00   ? 485 HOH A H1   1 
HETATM 1559 H  H2   . HOH E 4 .   ? -9.005  3.391   -17.745 1.00 0.00   ? 485 HOH A H2   1 
HETATM 1560 O  O    . HOH E 4 .   ? 2.590   2.726   13.602  1.00 50.62  ? 487 HOH A O    1 
HETATM 1561 H  H1   . HOH E 4 .   ? 1.638   2.685   13.470  1.00 0.00   ? 487 HOH A H1   1 
HETATM 1562 H  H2   . HOH E 4 .   ? 2.821   1.795   13.594  1.00 0.00   ? 487 HOH A H2   1 
HETATM 1563 O  O    . HOH E 4 .   ? -2.584  -4.949  -3.405  1.00 61.81  ? 488 HOH A O    1 
HETATM 1564 H  H1   . HOH E 4 .   ? -2.677  -5.696  -4.011  1.00 0.00   ? 488 HOH A H1   1 
HETATM 1565 H  H2   . HOH E 4 .   ? -2.684  -5.336  -2.528  1.00 0.00   ? 488 HOH A H2   1 
HETATM 1566 O  O    . HOH E 4 .   ? 3.800   -4.184  -10.617 1.00 61.74  ? 489 HOH A O    1 
HETATM 1567 H  H1   . HOH E 4 .   ? 3.894   -3.281  -10.292 1.00 0.00   ? 489 HOH A H1   1 
HETATM 1568 H  H2   . HOH E 4 .   ? 2.858   -4.340  -10.548 1.00 0.00   ? 489 HOH A H2   1 
HETATM 1569 O  O    . HOH E 4 .   ? -22.964 -3.799  -9.323  1.00 80.09  ? 490 HOH A O    1 
HETATM 1570 H  H1   . HOH E 4 .   ? -23.383 -4.478  -9.856  1.00 0.00   ? 490 HOH A H1   1 
HETATM 1571 H  H2   . HOH E 4 .   ? -22.040 -4.066  -9.322  1.00 0.00   ? 490 HOH A H2   1 
# 
